data_7TL7
#
_entry.id   7TL7
#
_cell.length_a   77.999
_cell.length_b   87.624
_cell.length_c   151.341
_cell.angle_alpha   90.000
_cell.angle_beta   97.130
_cell.angle_gamma   90.000
#
_symmetry.space_group_name_H-M   'P 1 21 1'
#
loop_
_entity.id
_entity.type
_entity.pdbx_description
1 polymer '2,3-bisphosphoglycerate-independent phosphoglycerate mutase'
2 polymer 'peptide Sa-D2'
3 non-polymer 'ZINC ION'
4 non-polymer 'SODIUM ION'
5 non-polymer IMIDAZOLE
6 water water
#
loop_
_entity_poly.entity_id
_entity_poly.type
_entity_poly.pdbx_seq_one_letter_code
_entity_poly.pdbx_strand_id
1 'polypeptide(L)'
;MAMANNSSVANKVCLIVIDGWGVSEDPYGNAILNAQTPVMDKLCSGNWAQIEAHGLHVGLPEGLMGNSEVGHLNIGAGRV
IYQDIVRINLAVKNNKFVTNESLVDACDRAKNGNGRLHLAGLVSDGGVHSHIDHMFALVKAIKELGVPELYLHFYGDGRD
TSPNSGVGFLEQTLEFLEKTTGYGKLATVVGRYYAMDRDNRWERINVAYEAMIGGVGETSDEAGVVEVVRKRYAADETDE
FLKPIILQGEKGRVQNDDTIIFFDYRADRMREISAAMGMDRYKDCNSKLAHPSNLQVYGMTQYKAEFPFKSLFPPASNKN
VLAEWLAEQKVSQFHCAETEKYAHVTFFFNGGLEKQFEGEERCLVPSPKVATYDLQPEMSAAGVADKMIEQLEAGTHPFI
MCNFAPPDMVGHTGVYEAAVKACEATDIAIGRIYEATQKHGYSLMVTADHGNAEKMKAPDGGKHTAHTCYRVPLTLSHPG
FKFVDPADRHPALCDVAPTVLAIMGLPQPAEMTGVSIVQKIKLAAALEHHHHHH
;
A,B,C,D
2 'polypeptide(L)' (ACE)(DTY)RYE(YNM)YK(YNM)ECPKC(NH2) a,b,c,d
#
# COMPACT_ATOMS: atom_id res chain seq x y z
N MET A 1 -34.39 2.68 1.08
CA MET A 1 -34.19 1.26 1.36
C MET A 1 -32.77 0.97 1.85
N ALA A 2 -31.86 1.91 1.63
CA ALA A 2 -30.49 1.72 2.07
C ALA A 2 -30.39 1.92 3.59
N MET A 3 -29.21 1.62 4.12
CA MET A 3 -28.90 1.84 5.54
C MET A 3 -27.54 2.54 5.63
N ALA A 4 -27.27 3.13 6.80
CA ALA A 4 -26.24 4.16 6.90
C ALA A 4 -24.82 3.65 6.65
N ASN A 5 -24.54 2.37 6.94
CA ASN A 5 -23.18 1.86 6.83
C ASN A 5 -22.95 1.05 5.55
N ASN A 6 -23.83 1.17 4.55
CA ASN A 6 -23.68 0.37 3.34
C ASN A 6 -22.33 0.60 2.67
N SER A 7 -21.80 1.83 2.74
CA SER A 7 -20.55 2.16 2.08
C SER A 7 -19.32 1.62 2.81
N SER A 8 -19.50 1.00 3.98
CA SER A 8 -18.37 0.41 4.70
C SER A 8 -18.15 -1.06 4.36
N VAL A 9 -19.04 -1.68 3.59
CA VAL A 9 -18.93 -3.11 3.28
C VAL A 9 -17.78 -3.32 2.31
N ALA A 10 -16.91 -4.30 2.62
CA ALA A 10 -15.73 -4.54 1.79
C ALA A 10 -16.10 -5.22 0.49
N ASN A 11 -17.11 -6.10 0.52
CA ASN A 11 -17.57 -6.84 -0.65
C ASN A 11 -19.06 -7.06 -0.49
N LYS A 12 -19.84 -6.65 -1.49
CA LYS A 12 -21.24 -7.05 -1.55
C LYS A 12 -21.33 -8.53 -1.90
N VAL A 13 -22.29 -9.20 -1.28
CA VAL A 13 -22.42 -10.65 -1.39
C VAL A 13 -23.83 -11.00 -1.83
N CYS A 14 -23.93 -11.91 -2.81
CA CYS A 14 -25.19 -12.50 -3.25
C CYS A 14 -25.14 -13.98 -2.89
N LEU A 15 -26.05 -14.41 -2.01
CA LEU A 15 -26.08 -15.78 -1.51
C LEU A 15 -27.28 -16.52 -2.11
N ILE A 16 -27.01 -17.54 -2.91
CA ILE A 16 -28.06 -18.36 -3.48
C ILE A 16 -28.13 -19.66 -2.68
N VAL A 17 -29.31 -19.96 -2.12
CA VAL A 17 -29.55 -21.20 -1.41
C VAL A 17 -30.43 -22.07 -2.29
N ILE A 18 -29.81 -23.04 -2.98
CA ILE A 18 -30.59 -24.01 -3.75
C ILE A 18 -31.24 -24.98 -2.78
N ASP A 19 -32.52 -25.27 -2.98
CA ASP A 19 -33.22 -26.20 -2.11
C ASP A 19 -33.13 -27.61 -2.67
N GLY A 20 -32.57 -28.53 -1.89
CA GLY A 20 -32.53 -29.92 -2.28
C GLY A 20 -31.49 -30.28 -3.32
N TRP A 21 -30.31 -29.69 -3.24
CA TRP A 21 -29.23 -29.88 -4.22
C TRP A 21 -27.99 -30.35 -3.47
N GLY A 22 -27.70 -31.66 -3.56
CA GLY A 22 -26.58 -32.27 -2.88
C GLY A 22 -25.50 -32.76 -3.84
N VAL A 23 -24.38 -33.19 -3.25
CA VAL A 23 -23.17 -33.57 -3.99
C VAL A 23 -22.99 -35.07 -3.83
N SER A 24 -23.35 -35.82 -4.87
CA SER A 24 -23.16 -37.26 -4.93
C SER A 24 -22.40 -37.63 -6.20
N GLU A 25 -21.42 -38.51 -6.06
CA GLU A 25 -20.65 -39.00 -7.19
C GLU A 25 -21.33 -40.13 -7.94
N ASP A 26 -22.37 -40.72 -7.39
CA ASP A 26 -23.08 -41.82 -8.04
C ASP A 26 -24.06 -41.26 -9.06
N PRO A 27 -23.93 -41.60 -10.34
CA PRO A 27 -24.82 -41.01 -11.35
C PRO A 27 -26.20 -41.65 -11.42
N TYR A 28 -26.43 -42.78 -10.77
CA TYR A 28 -27.73 -43.43 -10.83
C TYR A 28 -28.81 -42.58 -10.17
N GLY A 29 -29.84 -42.23 -10.94
CA GLY A 29 -30.91 -41.40 -10.42
C GLY A 29 -30.46 -40.03 -9.95
N ASN A 30 -29.29 -39.58 -10.40
CA ASN A 30 -28.72 -38.30 -9.98
C ASN A 30 -29.16 -37.24 -10.98
N ALA A 31 -30.24 -36.55 -10.65
CA ALA A 31 -30.77 -35.53 -11.55
C ALA A 31 -29.83 -34.34 -11.69
N ILE A 32 -28.94 -34.12 -10.73
CA ILE A 32 -28.01 -33.00 -10.83
C ILE A 32 -26.87 -33.33 -11.78
N LEU A 33 -26.24 -34.49 -11.57
CA LEU A 33 -25.14 -34.91 -12.43
C LEU A 33 -25.61 -35.05 -13.88
N ASN A 34 -26.76 -35.71 -14.09
CA ASN A 34 -27.21 -36.01 -15.44
C ASN A 34 -27.83 -34.80 -16.12
N ALA A 35 -28.37 -33.85 -15.37
CA ALA A 35 -28.85 -32.61 -15.96
C ALA A 35 -27.70 -31.83 -16.59
N GLN A 36 -28.03 -31.02 -17.59
CA GLN A 36 -27.07 -30.08 -18.15
C GLN A 36 -27.03 -28.87 -17.23
N THR A 37 -25.93 -28.74 -16.49
CA THR A 37 -25.75 -27.69 -15.49
C THR A 37 -24.38 -27.05 -15.71
N PRO A 38 -24.15 -26.46 -16.89
CA PRO A 38 -22.82 -25.91 -17.17
C PRO A 38 -22.40 -24.79 -16.24
N VAL A 39 -23.34 -24.04 -15.67
CA VAL A 39 -23.00 -22.94 -14.76
C VAL A 39 -22.45 -23.50 -13.45
N MET A 40 -23.22 -24.36 -12.78
CA MET A 40 -22.77 -24.99 -11.55
C MET A 40 -21.53 -25.85 -11.78
N ASP A 41 -21.38 -26.42 -12.98
CA ASP A 41 -20.17 -27.19 -13.27
C ASP A 41 -18.92 -26.31 -13.14
N LYS A 42 -19.02 -25.03 -13.52
CA LYS A 42 -17.88 -24.13 -13.40
C LYS A 42 -17.74 -23.57 -11.99
N LEU A 43 -18.85 -23.14 -11.38
CA LEU A 43 -18.79 -22.62 -10.02
C LEU A 43 -18.28 -23.68 -9.06
N CYS A 44 -18.67 -24.93 -9.27
CA CYS A 44 -18.22 -26.04 -8.43
C CYS A 44 -16.94 -26.66 -8.99
N SER A 45 -15.95 -25.80 -9.22
CA SER A 45 -14.62 -26.24 -9.59
C SER A 45 -13.63 -25.26 -8.99
N GLY A 46 -12.37 -25.67 -8.94
CA GLY A 46 -11.35 -24.79 -8.39
C GLY A 46 -11.59 -24.55 -6.92
N ASN A 47 -11.68 -23.29 -6.54
CA ASN A 47 -11.89 -22.92 -5.13
C ASN A 47 -13.38 -22.99 -4.81
N TRP A 48 -13.82 -24.18 -4.39
CA TRP A 48 -15.15 -24.37 -3.83
C TRP A 48 -15.03 -25.39 -2.70
N ALA A 49 -16.09 -25.51 -1.91
CA ALA A 49 -16.12 -26.40 -0.76
C ALA A 49 -17.38 -27.24 -0.78
N GLN A 50 -17.30 -28.38 -0.09
CA GLN A 50 -18.46 -29.26 0.16
C GLN A 50 -18.68 -29.31 1.66
N ILE A 51 -19.85 -28.88 2.10
CA ILE A 51 -20.12 -28.71 3.53
C ILE A 51 -21.30 -29.59 3.94
N GLU A 52 -21.34 -29.89 5.24
CA GLU A 52 -22.33 -30.82 5.75
C GLU A 52 -23.64 -30.10 6.02
N ALA A 53 -24.74 -30.82 5.78
CA ALA A 53 -26.08 -30.26 5.90
C ALA A 53 -27.05 -31.24 6.54
N HIS A 54 -26.55 -32.26 7.25
CA HIS A 54 -27.40 -33.28 7.83
C HIS A 54 -26.84 -33.69 9.18
N GLY A 55 -27.66 -34.42 9.94
CA GLY A 55 -27.20 -35.07 11.15
C GLY A 55 -26.61 -34.10 12.16
N LEU A 56 -25.61 -34.57 12.89
CA LEU A 56 -25.06 -33.79 13.99
C LEU A 56 -24.41 -32.50 13.51
N HIS A 57 -24.00 -32.44 12.24
CA HIS A 57 -23.36 -31.23 11.73
C HIS A 57 -24.30 -30.03 11.76
N VAL A 58 -25.61 -30.28 11.70
CA VAL A 58 -26.63 -29.23 11.73
C VAL A 58 -27.56 -29.39 12.92
N GLY A 59 -27.12 -30.10 13.95
CA GLY A 59 -27.92 -30.23 15.15
C GLY A 59 -29.03 -31.24 15.09
N LEU A 60 -29.05 -32.08 14.04
CA LEU A 60 -30.02 -33.15 13.91
C LEU A 60 -29.45 -34.46 14.47
N PRO A 61 -30.31 -35.41 14.81
CA PRO A 61 -29.79 -36.70 15.30
C PRO A 61 -28.87 -37.36 14.29
N GLU A 62 -27.89 -38.10 14.82
CA GLU A 62 -26.85 -38.70 13.99
C GLU A 62 -27.46 -39.52 12.85
N GLY A 63 -26.95 -39.30 11.64
CA GLY A 63 -27.40 -40.00 10.46
C GLY A 63 -28.67 -39.50 9.82
N LEU A 64 -29.37 -38.55 10.43
CA LEU A 64 -30.65 -38.08 9.88
C LEU A 64 -30.44 -37.09 8.74
N MET A 65 -31.22 -37.25 7.68
CA MET A 65 -31.14 -36.36 6.53
C MET A 65 -31.49 -34.92 6.93
N GLY A 66 -30.93 -33.97 6.19
CA GLY A 66 -31.24 -32.57 6.40
C GLY A 66 -32.68 -32.25 6.00
N ASN A 67 -33.07 -30.98 6.22
CA ASN A 67 -34.40 -30.54 5.82
C ASN A 67 -34.40 -29.02 5.70
N SER A 68 -35.44 -28.50 5.06
CA SER A 68 -35.46 -27.08 4.70
C SER A 68 -35.51 -26.18 5.93
N GLU A 69 -36.26 -26.59 6.96
CA GLU A 69 -36.37 -25.73 8.14
C GLU A 69 -35.05 -25.68 8.91
N VAL A 70 -34.48 -26.85 9.20
CA VAL A 70 -33.19 -26.89 9.89
C VAL A 70 -32.11 -26.26 9.02
N GLY A 71 -32.15 -26.49 7.71
CA GLY A 71 -31.11 -25.95 6.85
C GLY A 71 -31.07 -24.44 6.84
N HIS A 72 -32.23 -23.82 6.67
CA HIS A 72 -32.27 -22.36 6.64
C HIS A 72 -32.02 -21.77 8.02
N LEU A 73 -32.46 -22.46 9.08
CA LEU A 73 -32.12 -22.05 10.44
C LEU A 73 -30.61 -22.00 10.64
N ASN A 74 -29.91 -23.08 10.27
CA ASN A 74 -28.46 -23.14 10.49
C ASN A 74 -27.74 -22.14 9.59
N ILE A 75 -28.14 -22.01 8.32
CA ILE A 75 -27.50 -21.04 7.45
C ILE A 75 -27.68 -19.64 8.01
N GLY A 76 -28.92 -19.29 8.36
CA GLY A 76 -29.18 -17.94 8.85
C GLY A 76 -28.56 -17.63 10.19
N ALA A 77 -28.35 -18.65 11.03
CA ALA A 77 -27.95 -18.41 12.40
C ALA A 77 -26.44 -18.30 12.60
N GLY A 78 -25.63 -18.92 11.74
CA GLY A 78 -24.20 -18.88 11.95
C GLY A 78 -23.77 -19.67 13.16
N ARG A 79 -24.55 -20.68 13.54
CA ARG A 79 -24.24 -21.57 14.65
C ARG A 79 -25.03 -22.84 14.44
N VAL A 80 -24.62 -23.89 15.14
CA VAL A 80 -25.42 -25.12 15.15
C VAL A 80 -26.66 -24.89 15.99
N ILE A 81 -27.83 -25.15 15.42
CA ILE A 81 -29.09 -25.12 16.14
C ILE A 81 -29.37 -26.53 16.60
N TYR A 82 -29.23 -26.77 17.90
CA TYR A 82 -29.32 -28.12 18.43
C TYR A 82 -30.77 -28.52 18.68
N GLN A 83 -31.18 -29.64 18.09
CA GLN A 83 -32.41 -30.29 18.51
C GLN A 83 -32.16 -31.00 19.84
N ASP A 84 -33.25 -31.34 20.52
CA ASP A 84 -33.14 -31.78 21.92
C ASP A 84 -32.30 -33.05 22.04
N ILE A 85 -32.46 -34.04 21.15
CA ILE A 85 -31.73 -35.29 21.31
C ILE A 85 -30.22 -35.04 21.27
N VAL A 86 -29.79 -34.15 20.37
CA VAL A 86 -28.36 -33.89 20.22
C VAL A 86 -27.82 -33.11 21.42
N ARG A 87 -28.55 -32.07 21.84
CA ARG A 87 -28.15 -31.28 23.00
C ARG A 87 -28.04 -32.14 24.25
N ILE A 88 -28.98 -33.05 24.46
CA ILE A 88 -28.97 -33.86 25.67
C ILE A 88 -27.93 -34.98 25.58
N ASN A 89 -27.75 -35.56 24.39
CA ASN A 89 -26.66 -36.53 24.20
C ASN A 89 -25.30 -35.91 24.52
N LEU A 90 -25.10 -34.64 24.13
CA LEU A 90 -23.83 -34.00 24.42
C LEU A 90 -23.67 -33.77 25.92
N ALA A 91 -24.76 -33.45 26.61
CA ALA A 91 -24.67 -33.24 28.05
C ALA A 91 -24.31 -34.55 28.77
N VAL A 92 -24.81 -35.68 28.26
CA VAL A 92 -24.45 -36.98 28.79
C VAL A 92 -22.97 -37.26 28.56
N LYS A 93 -22.51 -37.09 27.31
CA LYS A 93 -21.11 -37.36 26.99
C LYS A 93 -20.18 -36.52 27.86
N ASN A 94 -20.57 -35.27 28.14
CA ASN A 94 -19.71 -34.33 28.84
C ASN A 94 -19.99 -34.27 30.34
N ASN A 95 -20.72 -35.24 30.87
CA ASN A 95 -20.96 -35.35 32.32
C ASN A 95 -21.58 -34.07 32.88
N LYS A 96 -22.56 -33.53 32.16
CA LYS A 96 -23.14 -32.25 32.55
C LYS A 96 -24.42 -32.38 33.37
N PHE A 97 -24.93 -33.59 33.56
CA PHE A 97 -26.12 -33.76 34.41
C PHE A 97 -25.82 -33.43 35.87
N VAL A 98 -24.67 -33.90 36.37
CA VAL A 98 -24.40 -33.82 37.82
C VAL A 98 -24.34 -32.39 38.33
N THR A 99 -24.06 -31.42 37.45
CA THR A 99 -24.09 -30.01 37.80
C THR A 99 -25.29 -29.27 37.21
N ASN A 100 -26.22 -29.99 36.58
CA ASN A 100 -27.41 -29.36 36.02
C ASN A 100 -28.26 -28.73 37.13
N GLU A 101 -28.58 -27.45 36.99
CA GLU A 101 -29.20 -26.73 38.09
C GLU A 101 -30.53 -27.35 38.49
N SER A 102 -31.38 -27.73 37.53
CA SER A 102 -32.68 -28.27 37.89
C SER A 102 -32.54 -29.66 38.51
N LEU A 103 -31.62 -30.48 38.01
CA LEU A 103 -31.40 -31.78 38.60
C LEU A 103 -30.87 -31.67 40.02
N VAL A 104 -29.92 -30.75 40.24
CA VAL A 104 -29.39 -30.54 41.58
C VAL A 104 -30.49 -30.06 42.51
N ASP A 105 -31.41 -29.24 42.00
CA ASP A 105 -32.56 -28.82 42.80
C ASP A 105 -33.41 -30.03 43.20
N ALA A 106 -33.76 -30.87 42.23
CA ALA A 106 -34.57 -32.05 42.54
C ALA A 106 -33.87 -32.95 43.55
N CYS A 107 -32.57 -33.16 43.40
CA CYS A 107 -31.85 -34.04 44.32
C CYS A 107 -31.75 -33.43 45.70
N ASP A 108 -31.64 -32.09 45.79
CA ASP A 108 -31.65 -31.43 47.08
C ASP A 108 -32.99 -31.58 47.78
N ARG A 109 -34.09 -31.44 47.04
CA ARG A 109 -35.40 -31.62 47.64
C ARG A 109 -35.53 -33.00 48.26
N ALA A 110 -35.13 -34.04 47.52
CA ALA A 110 -35.20 -35.40 48.04
C ALA A 110 -34.34 -35.55 49.29
N LYS A 111 -33.12 -35.00 49.26
CA LYS A 111 -32.21 -35.14 50.40
C LYS A 111 -32.70 -34.36 51.61
N ASN A 112 -33.36 -33.22 51.39
CA ASN A 112 -33.95 -32.45 52.48
C ASN A 112 -35.36 -32.92 52.84
N GLY A 113 -35.89 -33.90 52.12
CA GLY A 113 -37.21 -34.46 52.41
C GLY A 113 -37.14 -35.92 52.79
N ASN A 114 -37.95 -36.77 52.16
CA ASN A 114 -38.01 -38.19 52.50
C ASN A 114 -36.98 -39.03 51.77
N GLY A 115 -36.07 -38.41 51.01
CA GLY A 115 -35.01 -39.14 50.36
C GLY A 115 -35.41 -39.97 49.16
N ARG A 116 -36.65 -39.83 48.68
CA ARG A 116 -37.17 -40.70 47.63
C ARG A 116 -37.33 -39.91 46.34
N LEU A 117 -36.74 -40.43 45.27
CA LEU A 117 -36.77 -39.81 43.95
C LEU A 117 -37.15 -40.85 42.92
N HIS A 118 -37.92 -40.44 41.91
CA HIS A 118 -38.38 -41.32 40.85
C HIS A 118 -37.92 -40.80 39.49
N LEU A 119 -37.57 -41.74 38.60
CA LEU A 119 -37.35 -41.47 37.18
C LEU A 119 -38.42 -42.19 36.38
N ALA A 120 -39.03 -41.50 35.42
CA ALA A 120 -40.08 -42.10 34.60
C ALA A 120 -39.89 -41.68 33.15
N GLY A 121 -39.96 -42.64 32.24
CA GLY A 121 -39.88 -42.31 30.84
C GLY A 121 -39.73 -43.53 29.95
N LEU A 122 -39.68 -43.24 28.66
CA LEU A 122 -39.57 -44.28 27.64
C LEU A 122 -38.16 -44.85 27.62
N VAL A 123 -38.04 -46.16 27.83
CA VAL A 123 -36.74 -46.82 27.92
C VAL A 123 -36.52 -47.57 26.62
N SER A 124 -35.83 -46.91 25.68
CA SER A 124 -35.34 -47.51 24.46
C SER A 124 -34.27 -46.59 23.89
N ASP A 125 -33.62 -47.05 22.82
CA ASP A 125 -32.69 -46.19 22.09
C ASP A 125 -33.34 -45.56 20.86
N GLY A 126 -34.67 -45.43 20.86
CA GLY A 126 -35.36 -44.86 19.73
C GLY A 126 -34.90 -43.45 19.40
N GLY A 127 -34.67 -42.64 20.44
CA GLY A 127 -34.19 -41.28 20.26
C GLY A 127 -35.24 -40.25 19.90
N VAL A 128 -36.50 -40.65 19.74
CA VAL A 128 -37.54 -39.73 19.29
C VAL A 128 -38.22 -39.04 20.47
N HIS A 129 -38.50 -39.79 21.54
CA HIS A 129 -39.06 -39.23 22.76
C HIS A 129 -38.09 -39.20 23.92
N SER A 130 -37.01 -39.95 23.83
CA SER A 130 -36.12 -40.18 24.96
C SER A 130 -34.89 -40.91 24.45
N HIS A 131 -33.97 -41.18 25.36
CA HIS A 131 -32.93 -42.17 25.11
C HIS A 131 -32.58 -42.87 26.42
N ILE A 132 -32.44 -44.20 26.35
CA ILE A 132 -32.04 -44.98 27.51
C ILE A 132 -30.74 -44.46 28.11
N ASP A 133 -29.80 -43.98 27.26
CA ASP A 133 -28.56 -43.42 27.76
C ASP A 133 -28.81 -42.21 28.68
N HIS A 134 -29.82 -41.41 28.36
CA HIS A 134 -30.19 -40.29 29.24
C HIS A 134 -30.58 -40.79 30.62
N MET A 135 -31.37 -41.85 30.68
CA MET A 135 -31.80 -42.40 31.96
CA MET A 135 -31.79 -42.42 31.95
C MET A 135 -30.61 -43.01 32.71
N PHE A 136 -29.72 -43.70 32.02
CA PHE A 136 -28.52 -44.21 32.68
C PHE A 136 -27.72 -43.06 33.28
N ALA A 137 -27.55 -41.96 32.53
CA ALA A 137 -26.77 -40.85 33.03
C ALA A 137 -27.43 -40.20 34.25
N LEU A 138 -28.76 -40.11 34.23
CA LEU A 138 -29.47 -39.56 35.38
C LEU A 138 -29.24 -40.43 36.62
N VAL A 139 -29.31 -41.76 36.46
CA VAL A 139 -29.03 -42.65 37.58
C VAL A 139 -27.65 -42.37 38.15
N LYS A 140 -26.62 -42.39 37.29
CA LYS A 140 -25.25 -42.11 37.73
C LYS A 140 -25.17 -40.79 38.48
N ALA A 141 -25.76 -39.74 37.93
CA ALA A 141 -25.63 -38.42 38.54
C ALA A 141 -26.38 -38.36 39.87
N ILE A 142 -27.57 -38.97 39.92
CA ILE A 142 -28.36 -38.92 41.14
C ILE A 142 -27.67 -39.70 42.25
N LYS A 143 -26.96 -40.78 41.91
CA LYS A 143 -26.14 -41.47 42.91
C LYS A 143 -25.03 -40.55 43.41
N GLU A 144 -24.30 -39.93 42.49
CA GLU A 144 -23.21 -39.04 42.87
C GLU A 144 -23.69 -37.91 43.74
N LEU A 145 -24.93 -37.43 43.53
CA LEU A 145 -25.47 -36.36 44.36
C LEU A 145 -26.06 -36.89 45.67
N GLY A 146 -25.96 -38.19 45.94
CA GLY A 146 -26.30 -38.70 47.26
C GLY A 146 -27.77 -38.73 47.60
N VAL A 147 -28.63 -39.04 46.65
CA VAL A 147 -30.05 -39.24 46.95
C VAL A 147 -30.23 -40.62 47.57
N PRO A 148 -30.90 -40.75 48.71
CA PRO A 148 -31.00 -42.09 49.34
C PRO A 148 -31.64 -43.16 48.48
N GLU A 149 -32.77 -42.88 47.81
CA GLU A 149 -33.51 -43.91 47.10
C GLU A 149 -33.98 -43.43 45.73
N LEU A 150 -33.75 -44.25 44.71
CA LEU A 150 -34.14 -43.95 43.34
C LEU A 150 -34.92 -45.11 42.76
N TYR A 151 -36.11 -44.83 42.22
CA TYR A 151 -36.97 -45.82 41.60
C TYR A 151 -37.28 -45.43 40.16
N LEU A 152 -37.27 -46.44 39.28
CA LEU A 152 -37.40 -46.25 37.84
C LEU A 152 -38.74 -46.78 37.35
N HIS A 153 -39.43 -45.98 36.56
CA HIS A 153 -40.70 -46.37 35.95
C HIS A 153 -40.47 -46.44 34.44
N PHE A 154 -40.40 -47.67 33.95
CA PHE A 154 -39.96 -48.02 32.60
C PHE A 154 -41.18 -48.06 31.69
N TYR A 155 -41.22 -47.15 30.72
CA TYR A 155 -42.29 -47.11 29.73
C TYR A 155 -41.83 -47.86 28.48
N GLY A 156 -42.61 -48.86 28.07
CA GLY A 156 -42.23 -49.70 26.94
C GLY A 156 -42.49 -49.00 25.61
N ASP A 157 -41.57 -49.22 24.67
CA ASP A 157 -41.61 -48.49 23.41
C ASP A 157 -42.25 -49.32 22.30
N GLY A 158 -41.46 -50.04 21.51
CA GLY A 158 -41.98 -50.83 20.41
C GLY A 158 -42.54 -50.03 19.25
N ARG A 159 -42.43 -48.70 19.29
CA ARG A 159 -42.89 -47.84 18.20
C ARG A 159 -41.72 -47.15 17.51
N ASP A 160 -40.80 -46.59 18.29
CA ASP A 160 -39.55 -46.06 17.78
C ASP A 160 -38.45 -47.10 17.72
N THR A 161 -38.73 -48.31 18.23
CA THR A 161 -37.85 -49.46 18.16
C THR A 161 -38.70 -50.68 17.82
N SER A 162 -38.06 -51.84 17.66
CA SER A 162 -38.81 -53.01 17.26
C SER A 162 -39.75 -53.42 18.39
N PRO A 163 -40.89 -54.04 18.05
CA PRO A 163 -41.93 -54.31 19.07
C PRO A 163 -41.52 -55.30 20.14
N ASN A 164 -40.43 -56.05 19.97
CA ASN A 164 -40.00 -56.98 21.00
C ASN A 164 -38.62 -56.63 21.55
N SER A 165 -38.17 -55.38 21.35
CA SER A 165 -36.86 -54.97 21.85
C SER A 165 -36.88 -54.58 23.33
N GLY A 166 -38.08 -54.47 23.93
CA GLY A 166 -38.16 -54.12 25.34
C GLY A 166 -37.38 -55.05 26.24
N VAL A 167 -37.42 -56.36 25.96
CA VAL A 167 -36.70 -57.31 26.80
C VAL A 167 -35.23 -56.94 26.86
N GLY A 168 -34.63 -56.61 25.72
CA GLY A 168 -33.22 -56.24 25.71
C GLY A 168 -32.95 -55.02 26.58
N PHE A 169 -33.71 -53.95 26.37
CA PHE A 169 -33.54 -52.75 27.18
C PHE A 169 -33.78 -53.04 28.65
N LEU A 170 -34.74 -53.92 28.95
CA LEU A 170 -34.97 -54.33 30.34
C LEU A 170 -33.76 -55.08 30.89
N GLU A 171 -33.24 -56.04 30.13
CA GLU A 171 -32.03 -56.74 30.56
C GLU A 171 -30.89 -55.76 30.77
N GLN A 172 -30.69 -54.83 29.84
CA GLN A 172 -29.63 -53.83 30.00
C GLN A 172 -29.85 -52.99 31.25
N THR A 173 -31.10 -52.60 31.51
CA THR A 173 -31.41 -51.77 32.68
C THR A 173 -31.11 -52.51 33.98
N LEU A 174 -31.55 -53.77 34.07
CA LEU A 174 -31.34 -54.52 35.30
C LEU A 174 -29.85 -54.70 35.59
N GLU A 175 -29.08 -55.08 34.56
CA GLU A 175 -27.64 -55.24 34.73
C GLU A 175 -26.99 -53.91 35.10
N PHE A 176 -27.43 -52.83 34.47
CA PHE A 176 -26.87 -51.51 34.78
C PHE A 176 -27.09 -51.15 36.25
N LEU A 177 -28.32 -51.31 36.74
CA LEU A 177 -28.63 -50.90 38.09
C LEU A 177 -27.94 -51.77 39.14
N GLU A 178 -27.74 -53.05 38.83
CA GLU A 178 -27.17 -53.98 39.79
C GLU A 178 -25.64 -53.97 39.77
N LYS A 179 -25.04 -54.01 38.58
CA LYS A 179 -23.61 -54.18 38.45
C LYS A 179 -22.88 -52.85 38.22
N THR A 180 -23.40 -52.01 37.32
CA THR A 180 -22.65 -50.82 36.93
C THR A 180 -22.72 -49.73 37.99
N THR A 181 -23.91 -49.45 38.49
CA THR A 181 -24.08 -48.46 39.55
C THR A 181 -24.30 -49.07 40.92
N GLY A 182 -24.83 -50.29 40.99
CA GLY A 182 -25.23 -50.83 42.28
C GLY A 182 -26.14 -49.89 43.04
N TYR A 183 -27.02 -49.20 42.33
CA TYR A 183 -27.86 -48.16 42.90
C TYR A 183 -29.09 -47.97 42.02
N GLY A 184 -30.24 -47.79 42.64
CA GLY A 184 -31.49 -47.61 41.92
C GLY A 184 -32.22 -48.92 41.70
N LYS A 185 -33.56 -48.84 41.68
CA LYS A 185 -34.42 -50.01 41.59
C LYS A 185 -35.53 -49.80 40.56
N LEU A 186 -35.71 -50.78 39.68
CA LEU A 186 -36.84 -50.78 38.75
C LEU A 186 -38.13 -51.03 39.51
N ALA A 187 -39.12 -50.15 39.30
CA ALA A 187 -40.37 -50.22 40.04
C ALA A 187 -41.58 -50.52 39.19
N THR A 188 -41.56 -50.17 37.90
CA THR A 188 -42.72 -50.34 37.05
C THR A 188 -42.27 -50.58 35.62
N VAL A 189 -43.00 -51.44 34.92
CA VAL A 189 -42.93 -51.55 33.48
C VAL A 189 -44.35 -51.41 32.95
N VAL A 190 -44.57 -50.51 31.99
CA VAL A 190 -45.87 -50.34 31.38
C VAL A 190 -45.69 -49.73 29.99
N GLY A 191 -46.55 -50.12 29.07
CA GLY A 191 -46.41 -49.71 27.68
C GLY A 191 -46.72 -48.25 27.48
N ARG A 192 -46.08 -47.65 26.47
CA ARG A 192 -46.30 -46.25 26.16
C ARG A 192 -47.73 -45.97 25.74
N TYR A 193 -48.47 -46.98 25.26
CA TYR A 193 -49.88 -46.76 24.93
C TYR A 193 -50.64 -46.19 26.12
N TYR A 194 -50.28 -46.64 27.33
CA TYR A 194 -50.91 -46.19 28.57
C TYR A 194 -50.27 -44.93 29.13
N ALA A 195 -48.94 -44.94 29.32
CA ALA A 195 -48.26 -43.86 30.03
C ALA A 195 -48.09 -42.61 29.19
N MET A 196 -48.15 -42.71 27.88
CA MET A 196 -47.70 -41.63 27.01
C MET A 196 -48.79 -41.25 26.02
N ASP A 197 -50.05 -41.35 26.45
CA ASP A 197 -51.16 -40.91 25.64
C ASP A 197 -51.10 -39.40 25.44
N ARG A 198 -51.47 -38.95 24.23
CA ARG A 198 -51.57 -37.55 23.90
C ARG A 198 -52.93 -37.18 23.35
N ASP A 199 -53.91 -38.09 23.40
CA ASP A 199 -55.22 -37.87 22.81
C ASP A 199 -56.30 -37.63 23.86
N ASN A 200 -55.91 -37.30 25.09
CA ASN A 200 -56.85 -37.03 26.17
C ASN A 200 -57.70 -38.26 26.48
N ARG A 201 -57.09 -39.43 26.35
CA ARG A 201 -57.73 -40.70 26.67
C ARG A 201 -57.26 -41.08 28.07
N TRP A 202 -57.86 -40.43 29.07
CA TRP A 202 -57.35 -40.52 30.44
C TRP A 202 -57.57 -41.89 31.07
N GLU A 203 -58.41 -42.73 30.46
CA GLU A 203 -58.50 -44.12 30.91
C GLU A 203 -57.23 -44.90 30.57
N ARG A 204 -56.46 -44.42 29.59
CA ARG A 204 -55.16 -45.02 29.30
C ARG A 204 -54.12 -44.55 30.32
N ILE A 205 -54.04 -43.23 30.54
CA ILE A 205 -53.14 -42.68 31.55
C ILE A 205 -53.38 -43.34 32.90
N ASN A 206 -54.66 -43.60 33.24
CA ASN A 206 -54.97 -44.16 34.54
C ASN A 206 -54.27 -45.50 34.78
N VAL A 207 -54.09 -46.29 33.72
CA VAL A 207 -53.41 -47.58 33.88
C VAL A 207 -51.98 -47.36 34.36
N ALA A 208 -51.30 -46.35 33.79
CA ALA A 208 -49.93 -46.06 34.21
C ALA A 208 -49.91 -45.40 35.58
N TYR A 209 -50.84 -44.45 35.78
CA TYR A 209 -50.98 -43.75 37.06
C TYR A 209 -51.17 -44.72 38.21
N GLU A 210 -52.10 -45.66 38.08
CA GLU A 210 -52.38 -46.59 39.17
C GLU A 210 -51.23 -47.57 39.37
N ALA A 211 -50.54 -47.95 38.30
CA ALA A 211 -49.33 -48.73 38.46
C ALA A 211 -48.29 -47.98 39.27
N MET A 212 -48.09 -46.68 39.00
CA MET A 212 -47.04 -45.95 39.72
C MET A 212 -47.43 -45.60 41.15
N ILE A 213 -48.69 -45.23 41.41
CA ILE A 213 -49.06 -44.84 42.77
C ILE A 213 -49.64 -45.99 43.60
N GLY A 214 -50.13 -47.05 42.98
CA GLY A 214 -50.79 -48.11 43.73
C GLY A 214 -50.43 -49.54 43.37
N GLY A 215 -49.43 -49.74 42.53
CA GLY A 215 -49.00 -51.10 42.24
C GLY A 215 -50.08 -51.96 41.60
N VAL A 216 -51.03 -51.35 40.91
CA VAL A 216 -52.08 -52.07 40.20
C VAL A 216 -51.47 -52.66 38.93
N GLY A 217 -51.43 -53.99 38.87
CA GLY A 217 -50.77 -54.68 37.78
C GLY A 217 -50.20 -56.01 38.28
N GLU A 218 -49.38 -56.62 37.44
CA GLU A 218 -48.79 -57.93 37.74
C GLU A 218 -47.53 -57.75 38.58
N THR A 219 -47.51 -58.36 39.76
CA THR A 219 -46.35 -58.32 40.63
C THR A 219 -45.23 -59.18 40.05
N SER A 220 -43.99 -58.71 40.19
CA SER A 220 -42.82 -59.47 39.76
C SER A 220 -41.60 -58.99 40.55
N ASP A 221 -40.42 -59.50 40.19
CA ASP A 221 -39.18 -59.05 40.79
C ASP A 221 -38.09 -59.12 39.73
N GLU A 222 -36.87 -58.70 40.12
CA GLU A 222 -35.77 -58.62 39.17
C GLU A 222 -35.53 -59.95 38.48
N ALA A 223 -35.70 -61.06 39.20
CA ALA A 223 -35.36 -62.36 38.65
C ALA A 223 -36.38 -62.84 37.62
N GLY A 224 -37.63 -62.37 37.70
CA GLY A 224 -38.67 -62.88 36.83
C GLY A 224 -39.26 -61.90 35.83
N VAL A 225 -38.92 -60.62 35.94
CA VAL A 225 -39.63 -59.61 35.15
C VAL A 225 -39.39 -59.84 33.66
N VAL A 226 -38.19 -60.23 33.27
CA VAL A 226 -37.92 -60.46 31.85
C VAL A 226 -38.81 -61.58 31.32
N GLU A 227 -38.97 -62.66 32.09
CA GLU A 227 -39.81 -63.76 31.62
C GLU A 227 -41.27 -63.35 31.56
N VAL A 228 -41.70 -62.41 32.41
CA VAL A 228 -43.06 -61.88 32.30
C VAL A 228 -43.25 -61.20 30.94
N VAL A 229 -42.30 -60.35 30.56
CA VAL A 229 -42.41 -59.67 29.27
C VAL A 229 -42.45 -60.67 28.14
N ARG A 230 -41.60 -61.71 28.21
CA ARG A 230 -41.62 -62.73 27.18
C ARG A 230 -42.98 -63.43 27.12
N LYS A 231 -43.59 -63.64 28.28
CA LYS A 231 -44.94 -64.19 28.32
C LYS A 231 -45.92 -63.28 27.61
N ARG A 232 -45.88 -61.98 27.89
CA ARG A 232 -46.77 -61.06 27.19
C ARG A 232 -46.50 -61.09 25.69
N TYR A 233 -45.23 -61.08 25.29
CA TYR A 233 -44.89 -61.21 23.88
C TYR A 233 -45.62 -62.40 23.25
N ALA A 234 -45.56 -63.56 23.91
CA ALA A 234 -46.16 -64.76 23.36
C ALA A 234 -47.68 -64.62 23.23
N ALA A 235 -48.29 -63.76 24.05
CA ALA A 235 -49.72 -63.48 23.95
C ALA A 235 -50.03 -62.33 23.00
N ASP A 236 -49.07 -61.93 22.17
CA ASP A 236 -49.25 -60.86 21.19
C ASP A 236 -49.37 -59.49 21.83
N GLU A 237 -48.86 -59.33 23.06
CA GLU A 237 -48.81 -58.03 23.73
C GLU A 237 -47.37 -57.53 23.66
N THR A 238 -47.13 -56.51 22.84
CA THR A 238 -45.79 -56.01 22.57
C THR A 238 -45.46 -54.82 23.46
N ASP A 239 -44.23 -54.31 23.32
CA ASP A 239 -43.72 -53.29 24.23
C ASP A 239 -44.70 -52.14 24.39
N GLU A 240 -45.28 -51.69 23.28
CA GLU A 240 -46.16 -50.53 23.30
C GLU A 240 -47.37 -50.75 24.19
N PHE A 241 -47.85 -51.99 24.30
CA PHE A 241 -49.10 -52.29 24.96
C PHE A 241 -48.94 -53.14 26.21
N LEU A 242 -47.73 -53.20 26.77
CA LEU A 242 -47.52 -53.98 27.99
C LEU A 242 -48.38 -53.45 29.12
N LYS A 243 -49.31 -54.27 29.61
CA LYS A 243 -50.03 -53.96 30.84
C LYS A 243 -49.03 -53.96 32.00
N PRO A 244 -49.33 -53.23 33.08
CA PRO A 244 -48.27 -52.92 34.04
C PRO A 244 -47.69 -54.15 34.71
N ILE A 245 -46.40 -54.03 35.04
CA ILE A 245 -45.68 -55.00 35.85
C ILE A 245 -45.08 -54.22 37.01
N ILE A 246 -45.25 -54.74 38.23
CA ILE A 246 -44.99 -53.99 39.45
C ILE A 246 -43.86 -54.68 40.22
N LEU A 247 -42.80 -53.93 40.51
CA LEU A 247 -41.68 -54.45 41.29
C LEU A 247 -41.46 -53.57 42.53
N GLN A 248 -40.73 -54.14 43.49
CA GLN A 248 -40.40 -53.52 44.77
C GLN A 248 -41.61 -53.30 45.66
N GLY A 249 -42.79 -53.77 45.25
CA GLY A 249 -43.97 -53.60 46.07
C GLY A 249 -44.26 -52.14 46.36
N GLU A 250 -44.81 -51.89 47.55
CA GLU A 250 -45.23 -50.54 47.91
C GLU A 250 -44.05 -49.58 47.99
N LYS A 251 -42.85 -50.10 48.27
CA LYS A 251 -41.68 -49.24 48.40
C LYS A 251 -41.40 -48.46 47.12
N GLY A 252 -41.67 -49.06 45.97
CA GLY A 252 -41.41 -48.43 44.68
C GLY A 252 -42.52 -47.58 44.13
N ARG A 253 -43.64 -47.46 44.83
CA ARG A 253 -44.73 -46.60 44.38
C ARG A 253 -44.37 -45.13 44.61
N VAL A 254 -45.01 -44.27 43.81
CA VAL A 254 -45.00 -42.84 44.07
C VAL A 254 -45.85 -42.57 45.31
N GLN A 255 -45.22 -42.05 46.36
CA GLN A 255 -45.84 -41.86 47.67
C GLN A 255 -45.88 -40.38 48.05
N ASN A 256 -46.56 -40.08 49.15
CA ASN A 256 -46.60 -38.72 49.67
C ASN A 256 -45.18 -38.18 49.83
N ASP A 257 -44.98 -36.94 49.39
CA ASP A 257 -43.75 -36.16 49.53
C ASP A 257 -42.64 -36.60 48.59
N ASP A 258 -42.89 -37.54 47.67
CA ASP A 258 -41.85 -38.00 46.77
C ASP A 258 -41.54 -36.98 45.68
N THR A 259 -40.39 -37.16 45.03
CA THR A 259 -39.93 -36.31 43.93
C THR A 259 -39.86 -37.16 42.66
N ILE A 260 -40.25 -36.56 41.54
CA ILE A 260 -40.38 -37.27 40.27
C ILE A 260 -39.68 -36.46 39.18
N ILE A 261 -38.86 -37.14 38.38
CA ILE A 261 -38.26 -36.59 37.18
C ILE A 261 -38.74 -37.40 35.99
N PHE A 262 -39.44 -36.75 35.06
CA PHE A 262 -39.73 -37.34 33.77
C PHE A 262 -38.57 -37.05 32.82
N PHE A 263 -37.97 -38.10 32.25
CA PHE A 263 -36.76 -37.90 31.46
C PHE A 263 -36.99 -37.89 29.95
N ASP A 264 -38.23 -38.04 29.48
CA ASP A 264 -38.53 -37.82 28.07
C ASP A 264 -38.30 -36.36 27.73
N TYR A 265 -37.71 -36.10 26.56
CA TYR A 265 -37.52 -34.72 26.15
C TYR A 265 -38.66 -34.19 25.29
N ARG A 266 -39.47 -35.04 24.68
CA ARG A 266 -40.51 -34.56 23.78
C ARG A 266 -41.83 -34.35 24.54
N ALA A 267 -42.43 -33.17 24.34
CA ALA A 267 -43.50 -32.70 25.21
C ALA A 267 -44.82 -33.42 24.95
N ASP A 268 -45.14 -33.72 23.69
CA ASP A 268 -46.52 -34.09 23.38
C ASP A 268 -46.99 -35.29 24.19
N ARG A 269 -46.14 -36.31 24.35
CA ARG A 269 -46.51 -37.53 25.06
C ARG A 269 -46.13 -37.51 26.53
N MET A 270 -45.61 -36.39 27.06
CA MET A 270 -45.47 -36.22 28.50
C MET A 270 -46.46 -35.26 29.14
N ARG A 271 -47.19 -34.45 28.37
CA ARG A 271 -48.04 -33.45 29.00
C ARG A 271 -49.04 -34.11 29.96
N GLU A 272 -49.60 -35.25 29.57
CA GLU A 272 -50.68 -35.86 30.35
C GLU A 272 -50.15 -36.51 31.62
N ILE A 273 -49.20 -37.43 31.52
CA ILE A 273 -48.74 -38.12 32.73
C ILE A 273 -48.07 -37.14 33.67
N SER A 274 -47.31 -36.16 33.15
CA SER A 274 -46.66 -35.21 34.05
C SER A 274 -47.69 -34.33 34.77
N ALA A 275 -48.75 -33.91 34.07
CA ALA A 275 -49.77 -33.09 34.73
C ALA A 275 -50.63 -33.92 35.67
N ALA A 276 -50.78 -35.21 35.41
CA ALA A 276 -51.50 -36.06 36.36
C ALA A 276 -50.73 -36.21 37.65
N MET A 277 -49.41 -36.27 37.57
CA MET A 277 -48.62 -36.42 38.79
C MET A 277 -48.37 -35.08 39.48
N GLY A 278 -48.16 -34.01 38.70
CA GLY A 278 -47.69 -32.77 39.26
C GLY A 278 -48.70 -31.65 39.32
N MET A 279 -49.83 -31.79 38.63
CA MET A 279 -50.89 -30.79 38.66
C MET A 279 -52.20 -31.46 39.06
N ASP A 280 -53.30 -31.15 38.37
CA ASP A 280 -54.61 -31.59 38.80
C ASP A 280 -55.26 -32.59 37.85
N ARG A 281 -54.51 -33.10 36.86
CA ARG A 281 -55.13 -33.99 35.89
C ARG A 281 -55.26 -35.42 36.40
N TYR A 282 -54.78 -35.72 37.61
CA TYR A 282 -55.13 -36.98 38.23
C TYR A 282 -56.64 -37.12 38.37
N LYS A 283 -57.35 -35.99 38.50
CA LYS A 283 -58.81 -36.06 38.59
C LYS A 283 -59.40 -36.74 37.37
N ASP A 284 -58.89 -36.42 36.17
CA ASP A 284 -59.43 -37.02 34.96
C ASP A 284 -59.30 -38.54 34.97
N CYS A 285 -58.39 -39.08 35.77
CA CYS A 285 -58.17 -40.53 35.79
C CYS A 285 -59.26 -41.28 36.55
N ASN A 286 -60.04 -40.58 37.38
CA ASN A 286 -61.15 -41.17 38.14
C ASN A 286 -60.72 -42.46 38.85
N SER A 287 -59.56 -42.40 39.48
CA SER A 287 -59.00 -43.55 40.18
C SER A 287 -59.68 -43.75 41.52
N LYS A 288 -59.73 -45.01 41.96
CA LYS A 288 -60.13 -45.31 43.34
C LYS A 288 -58.99 -45.12 44.33
N LEU A 289 -57.80 -44.78 43.84
CA LEU A 289 -56.64 -44.48 44.68
C LEU A 289 -56.51 -42.99 44.89
N ALA A 290 -56.15 -42.60 46.11
CA ALA A 290 -55.93 -41.20 46.43
C ALA A 290 -54.64 -40.69 45.78
N HIS A 291 -54.67 -39.43 45.37
CA HIS A 291 -53.49 -38.81 44.80
C HIS A 291 -52.46 -38.52 45.89
N PRO A 292 -51.21 -38.98 45.76
CA PRO A 292 -50.22 -38.67 46.80
C PRO A 292 -50.07 -37.17 46.97
N SER A 293 -49.84 -36.75 48.21
CA SER A 293 -49.71 -35.34 48.54
C SER A 293 -48.26 -34.87 48.49
N ASN A 294 -48.09 -33.57 48.25
CA ASN A 294 -46.79 -32.92 48.32
C ASN A 294 -45.77 -33.51 47.34
N LEU A 295 -46.23 -33.86 46.14
CA LEU A 295 -45.30 -34.28 45.10
C LEU A 295 -44.71 -33.06 44.40
N GLN A 296 -43.51 -33.22 43.88
CA GLN A 296 -42.93 -32.21 43.00
C GLN A 296 -42.38 -32.91 41.77
N VAL A 297 -42.69 -32.36 40.60
CA VAL A 297 -42.38 -32.97 39.32
C VAL A 297 -41.39 -32.08 38.57
N TYR A 298 -40.37 -32.72 37.98
CA TYR A 298 -39.40 -32.09 37.10
C TYR A 298 -39.46 -32.75 35.73
N GLY A 299 -39.21 -31.98 34.69
CA GLY A 299 -39.16 -32.51 33.33
C GLY A 299 -37.82 -32.30 32.68
N MET A 300 -37.49 -33.19 31.72
CA MET A 300 -36.25 -33.03 30.95
C MET A 300 -36.26 -31.74 30.14
N THR A 301 -37.39 -31.39 29.55
CA THR A 301 -37.58 -30.12 28.88
C THR A 301 -38.88 -29.50 29.38
N GLN A 302 -39.20 -28.32 28.87
CA GLN A 302 -40.45 -27.66 29.22
C GLN A 302 -41.57 -28.26 28.39
N TYR A 303 -42.57 -28.84 29.05
CA TYR A 303 -43.63 -29.56 28.35
C TYR A 303 -44.79 -28.68 27.94
N LYS A 304 -44.99 -27.57 28.64
CA LYS A 304 -46.03 -26.62 28.31
C LYS A 304 -45.70 -25.32 29.03
N ALA A 305 -45.91 -24.20 28.33
CA ALA A 305 -45.56 -22.90 28.92
C ALA A 305 -46.20 -22.73 30.30
N GLU A 306 -47.45 -23.15 30.46
CA GLU A 306 -48.17 -22.92 31.70
C GLU A 306 -47.89 -23.95 32.77
N PHE A 307 -47.01 -24.94 32.52
CA PHE A 307 -46.69 -25.90 33.57
C PHE A 307 -45.65 -25.30 34.52
N PRO A 308 -45.79 -25.50 35.83
CA PRO A 308 -44.82 -24.95 36.78
C PRO A 308 -43.51 -25.73 36.88
N PHE A 309 -43.40 -26.88 36.24
CA PHE A 309 -42.27 -27.77 36.48
C PHE A 309 -40.95 -27.13 36.06
N LYS A 310 -39.93 -27.29 36.90
CA LYS A 310 -38.57 -26.98 36.48
C LYS A 310 -38.15 -27.95 35.38
N SER A 311 -37.27 -27.49 34.50
CA SER A 311 -36.82 -28.27 33.36
C SER A 311 -35.30 -28.41 33.40
N LEU A 312 -34.81 -29.60 33.07
CA LEU A 312 -33.37 -29.77 32.99
C LEU A 312 -32.78 -28.99 31.82
N PHE A 313 -33.50 -28.93 30.69
CA PHE A 313 -33.04 -28.23 29.50
C PHE A 313 -34.10 -27.24 29.04
N PRO A 314 -34.02 -26.00 29.51
CA PRO A 314 -34.99 -24.98 29.09
C PRO A 314 -34.77 -24.57 27.65
N PRO A 315 -35.71 -23.86 27.05
CA PRO A 315 -35.56 -23.52 25.63
C PRO A 315 -34.39 -22.58 25.38
N ALA A 316 -33.75 -22.78 24.23
CA ALA A 316 -32.59 -21.97 23.87
C ALA A 316 -33.02 -20.72 23.12
N SER A 317 -32.14 -19.74 23.11
CA SER A 317 -32.34 -18.51 22.35
C SER A 317 -31.34 -18.47 21.21
N ASN A 318 -31.61 -17.58 20.25
CA ASN A 318 -30.76 -17.42 19.07
C ASN A 318 -30.62 -15.93 18.77
N LYS A 319 -29.83 -15.24 19.58
CA LYS A 319 -29.60 -13.82 19.39
C LYS A 319 -28.58 -13.59 18.27
N ASN A 320 -28.83 -12.55 17.48
CA ASN A 320 -27.91 -12.07 16.44
C ASN A 320 -27.65 -13.09 15.33
N VAL A 321 -28.74 -13.66 14.81
CA VAL A 321 -28.67 -14.36 13.53
C VAL A 321 -28.28 -13.32 12.47
N LEU A 322 -27.99 -13.78 11.25
CA LEU A 322 -27.39 -12.89 10.25
C LEU A 322 -28.26 -11.68 9.98
N ALA A 323 -29.57 -11.90 9.80
CA ALA A 323 -30.46 -10.80 9.43
C ALA A 323 -30.55 -9.77 10.54
N GLU A 324 -30.61 -10.22 11.80
CA GLU A 324 -30.59 -9.27 12.91
C GLU A 324 -29.26 -8.51 12.94
N TRP A 325 -28.16 -9.20 12.69
CA TRP A 325 -26.84 -8.61 12.85
C TRP A 325 -26.56 -7.58 11.78
N LEU A 326 -26.92 -7.89 10.54
CA LEU A 326 -26.73 -6.91 9.46
C LEU A 326 -27.47 -5.63 9.78
N ALA A 327 -28.69 -5.74 10.29
CA ALA A 327 -29.46 -4.55 10.67
C ALA A 327 -28.75 -3.78 11.77
N GLU A 328 -28.22 -4.49 12.77
CA GLU A 328 -27.48 -3.85 13.85
C GLU A 328 -26.24 -3.13 13.34
N GLN A 329 -25.65 -3.61 12.25
CA GLN A 329 -24.50 -2.96 11.63
C GLN A 329 -24.91 -1.85 10.65
N LYS A 330 -26.23 -1.61 10.52
CA LYS A 330 -26.77 -0.63 9.58
C LYS A 330 -26.36 -0.95 8.15
N VAL A 331 -26.58 -2.22 7.78
CA VAL A 331 -26.38 -2.70 6.42
C VAL A 331 -27.70 -3.30 5.95
N SER A 332 -28.17 -2.86 4.78
CA SER A 332 -29.46 -3.32 4.28
C SER A 332 -29.31 -4.68 3.61
N GLN A 333 -30.46 -5.35 3.41
CA GLN A 333 -30.45 -6.71 2.91
C GLN A 333 -31.73 -6.99 2.14
N PHE A 334 -31.68 -8.04 1.33
CA PHE A 334 -32.79 -8.45 0.46
C PHE A 334 -32.94 -9.97 0.53
N HIS A 335 -34.16 -10.45 0.84
CA HIS A 335 -34.48 -11.87 0.83
C HIS A 335 -35.55 -12.15 -0.22
N CYS A 336 -35.40 -13.25 -0.98
CA CYS A 336 -36.32 -13.56 -2.07
C CYS A 336 -36.53 -15.06 -2.19
N ALA A 337 -37.78 -15.48 -2.32
CA ALA A 337 -38.09 -16.86 -2.64
C ALA A 337 -39.46 -16.91 -3.30
N GLU A 338 -39.78 -18.06 -3.88
CA GLU A 338 -41.14 -18.29 -4.34
C GLU A 338 -41.95 -18.91 -3.20
N THR A 339 -43.27 -18.98 -3.41
CA THR A 339 -44.19 -19.31 -2.33
C THR A 339 -43.73 -20.50 -1.50
N GLU A 340 -43.38 -21.61 -2.15
CA GLU A 340 -43.15 -22.85 -1.41
C GLU A 340 -42.00 -22.74 -0.41
N LYS A 341 -41.07 -21.81 -0.59
CA LYS A 341 -39.97 -21.67 0.34
C LYS A 341 -39.84 -20.24 0.86
N TYR A 342 -40.93 -19.48 0.85
CA TYR A 342 -40.86 -18.11 1.33
C TYR A 342 -40.67 -18.08 2.84
N ALA A 343 -41.37 -18.98 3.55
CA ALA A 343 -41.17 -19.10 5.00
C ALA A 343 -39.71 -19.38 5.33
N HIS A 344 -39.00 -20.08 4.46
CA HIS A 344 -37.66 -20.50 4.81
C HIS A 344 -36.66 -19.36 4.68
N VAL A 345 -36.85 -18.45 3.71
CA VAL A 345 -35.96 -17.29 3.63
C VAL A 345 -36.40 -16.17 4.56
N THR A 346 -37.47 -16.37 5.32
CA THR A 346 -37.93 -15.36 6.27
C THR A 346 -37.98 -15.98 7.67
N PHE A 347 -39.08 -16.65 7.98
CA PHE A 347 -39.29 -17.20 9.31
C PHE A 347 -38.09 -18.02 9.78
N PHE A 348 -37.63 -18.95 8.95
CA PHE A 348 -36.58 -19.86 9.39
C PHE A 348 -35.19 -19.26 9.26
N PHE A 349 -34.90 -18.61 8.13
CA PHE A 349 -33.61 -17.95 7.97
C PHE A 349 -33.36 -16.96 9.10
N ASN A 350 -34.39 -16.26 9.55
CA ASN A 350 -34.28 -15.23 10.57
C ASN A 350 -34.39 -15.78 11.99
N GLY A 351 -34.28 -17.09 12.16
CA GLY A 351 -34.16 -17.68 13.48
C GLY A 351 -35.40 -18.37 14.00
N GLY A 352 -36.40 -18.58 13.16
CA GLY A 352 -37.58 -19.30 13.58
C GLY A 352 -38.62 -18.40 14.21
N LEU A 353 -38.84 -17.22 13.62
CA LEU A 353 -39.84 -16.31 14.13
C LEU A 353 -40.26 -15.33 13.03
N GLU A 354 -41.48 -14.82 13.15
CA GLU A 354 -41.99 -13.82 12.23
C GLU A 354 -41.45 -12.47 12.67
N LYS A 355 -40.30 -12.10 12.11
CA LYS A 355 -39.68 -10.82 12.40
C LYS A 355 -38.91 -10.38 11.17
N GLN A 356 -39.23 -9.20 10.68
CA GLN A 356 -38.50 -8.55 9.59
C GLN A 356 -37.69 -7.42 10.21
N PHE A 357 -36.39 -7.45 10.01
CA PHE A 357 -35.50 -6.50 10.65
C PHE A 357 -35.41 -5.21 9.84
N GLU A 358 -34.84 -4.18 10.46
CA GLU A 358 -34.71 -2.89 9.79
C GLU A 358 -33.76 -3.03 8.61
N GLY A 359 -34.17 -2.50 7.46
CA GLY A 359 -33.38 -2.58 6.25
C GLY A 359 -33.57 -3.85 5.47
N GLU A 360 -34.32 -4.82 5.99
CA GLU A 360 -34.56 -6.08 5.31
C GLU A 360 -35.72 -5.90 4.35
N GLU A 361 -35.43 -5.90 3.05
CA GLU A 361 -36.43 -5.88 1.99
C GLU A 361 -36.69 -7.30 1.52
N ARG A 362 -37.96 -7.64 1.36
CA ARG A 362 -38.37 -8.97 0.95
C ARG A 362 -39.08 -8.95 -0.39
N CYS A 363 -39.06 -10.10 -1.06
CA CYS A 363 -39.79 -10.26 -2.30
C CYS A 363 -40.31 -11.69 -2.40
N LEU A 364 -41.62 -11.83 -2.51
CA LEU A 364 -42.28 -13.11 -2.70
C LEU A 364 -42.68 -13.26 -4.16
N VAL A 365 -42.15 -14.28 -4.82
CA VAL A 365 -42.52 -14.63 -6.20
C VAL A 365 -43.58 -15.73 -6.13
N PRO A 366 -44.73 -15.58 -6.79
CA PRO A 366 -45.75 -16.63 -6.68
C PRO A 366 -45.28 -17.95 -7.30
N SER A 367 -45.46 -19.04 -6.55
CA SER A 367 -45.26 -20.35 -7.13
C SER A 367 -46.36 -20.62 -8.16
N PRO A 368 -46.10 -21.50 -9.13
CA PRO A 368 -47.13 -21.82 -10.11
C PRO A 368 -48.30 -22.57 -9.49
N LYS A 369 -49.50 -22.28 -9.97
CA LYS A 369 -50.71 -22.96 -9.51
C LYS A 369 -50.93 -24.18 -10.40
N VAL A 370 -50.19 -25.24 -10.08
CA VAL A 370 -50.28 -26.50 -10.80
C VAL A 370 -50.55 -27.61 -9.78
N ALA A 371 -51.12 -28.72 -10.28
CA ALA A 371 -51.52 -29.81 -9.39
C ALA A 371 -50.32 -30.40 -8.67
N THR A 372 -49.28 -30.76 -9.41
CA THR A 372 -48.01 -31.19 -8.83
C THR A 372 -46.89 -30.52 -9.61
N TYR A 373 -45.75 -30.33 -8.94
CA TYR A 373 -44.71 -29.48 -9.49
C TYR A 373 -43.89 -30.17 -10.57
N ASP A 374 -44.04 -31.48 -10.76
CA ASP A 374 -43.41 -32.11 -11.92
C ASP A 374 -44.08 -31.68 -13.23
N LEU A 375 -45.28 -31.11 -13.16
CA LEU A 375 -45.94 -30.57 -14.34
C LEU A 375 -45.34 -29.26 -14.80
N GLN A 376 -44.65 -28.53 -13.91
CA GLN A 376 -43.92 -27.32 -14.26
C GLN A 376 -42.62 -27.35 -13.48
N PRO A 377 -41.67 -28.20 -13.88
CA PRO A 377 -40.46 -28.40 -13.04
C PRO A 377 -39.63 -27.16 -12.86
N GLU A 378 -39.70 -26.17 -13.77
CA GLU A 378 -38.94 -24.94 -13.62
C GLU A 378 -39.54 -24.03 -12.55
N MET A 379 -40.78 -24.30 -12.13
CA MET A 379 -41.46 -23.58 -11.05
C MET A 379 -41.31 -22.09 -11.36
N SER A 380 -40.97 -21.24 -10.38
CA SER A 380 -40.81 -19.82 -10.59
C SER A 380 -39.37 -19.37 -10.44
N ALA A 381 -38.42 -20.28 -10.74
CA ALA A 381 -37.02 -19.94 -10.63
C ALA A 381 -36.67 -18.74 -11.52
N ALA A 382 -37.29 -18.65 -12.69
CA ALA A 382 -36.98 -17.55 -13.58
C ALA A 382 -37.35 -16.20 -12.97
N GLY A 383 -38.51 -16.13 -12.31
CA GLY A 383 -38.93 -14.89 -11.70
C GLY A 383 -38.13 -14.54 -10.45
N VAL A 384 -37.58 -15.55 -9.77
CA VAL A 384 -36.71 -15.28 -8.63
C VAL A 384 -35.42 -14.64 -9.11
N ALA A 385 -34.84 -15.18 -10.19
CA ALA A 385 -33.64 -14.57 -10.76
C ALA A 385 -33.93 -13.15 -11.25
N ASP A 386 -35.10 -12.94 -11.86
CA ASP A 386 -35.48 -11.62 -12.34
C ASP A 386 -35.36 -10.59 -11.22
N LYS A 387 -35.98 -10.88 -10.08
CA LYS A 387 -35.95 -9.98 -8.93
C LYS A 387 -34.54 -9.78 -8.42
N MET A 388 -33.76 -10.86 -8.32
CA MET A 388 -32.39 -10.73 -7.83
C MET A 388 -31.56 -9.87 -8.77
N ILE A 389 -31.76 -10.04 -10.08
CA ILE A 389 -30.97 -9.27 -11.04
C ILE A 389 -31.33 -7.79 -10.94
N GLU A 390 -32.61 -7.48 -10.71
CA GLU A 390 -33.00 -6.10 -10.45
C GLU A 390 -32.21 -5.52 -9.28
N GLN A 391 -32.08 -6.29 -8.19
CA GLN A 391 -31.37 -5.79 -7.03
C GLN A 391 -29.88 -5.63 -7.31
N LEU A 392 -29.30 -6.55 -8.08
CA LEU A 392 -27.88 -6.43 -8.43
C LEU A 392 -27.63 -5.22 -9.32
N GLU A 393 -28.54 -4.96 -10.27
CA GLU A 393 -28.37 -3.79 -11.14
C GLU A 393 -28.56 -2.49 -10.36
N ALA A 394 -29.40 -2.49 -9.33
CA ALA A 394 -29.56 -1.30 -8.49
C ALA A 394 -28.35 -1.11 -7.57
N GLY A 395 -27.84 -2.19 -6.99
CA GLY A 395 -26.70 -2.11 -6.10
C GLY A 395 -27.01 -1.60 -4.70
N THR A 396 -28.29 -1.51 -4.36
CA THR A 396 -28.71 -0.90 -3.10
C THR A 396 -28.28 -1.73 -1.90
N HIS A 397 -28.53 -3.04 -1.94
CA HIS A 397 -28.34 -3.89 -0.76
C HIS A 397 -27.01 -4.62 -0.82
N PRO A 398 -26.13 -4.46 0.17
CA PRO A 398 -24.83 -5.14 0.12
C PRO A 398 -24.91 -6.64 0.36
N PHE A 399 -26.00 -7.14 0.94
CA PHE A 399 -26.24 -8.57 1.08
C PHE A 399 -27.61 -8.88 0.49
N ILE A 400 -27.64 -9.74 -0.51
CA ILE A 400 -28.89 -10.23 -1.06
C ILE A 400 -28.82 -11.76 -1.06
N MET A 401 -29.99 -12.38 -0.91
CA MET A 401 -30.08 -13.83 -0.84
C MET A 401 -31.41 -14.27 -1.42
N CYS A 402 -31.40 -15.46 -2.00
CA CYS A 402 -32.63 -16.06 -2.50
C CYS A 402 -32.57 -17.57 -2.27
N ASN A 403 -33.74 -18.20 -2.42
CA ASN A 403 -33.89 -19.64 -2.46
C ASN A 403 -34.36 -20.06 -3.84
N PHE A 404 -33.94 -21.23 -4.30
CA PHE A 404 -34.44 -21.83 -5.54
C PHE A 404 -35.10 -23.17 -5.18
N ALA A 405 -36.43 -23.24 -5.33
CA ALA A 405 -37.19 -24.37 -4.84
C ALA A 405 -37.22 -25.62 -5.73
N PRO A 406 -37.02 -25.53 -7.05
CA PRO A 406 -37.38 -26.66 -7.93
C PRO A 406 -36.74 -27.97 -7.50
N PRO A 407 -35.42 -28.01 -7.26
CA PRO A 407 -34.81 -29.33 -7.01
C PRO A 407 -35.45 -30.09 -5.86
N ASP A 408 -35.87 -29.39 -4.80
CA ASP A 408 -36.50 -30.08 -3.67
C ASP A 408 -37.96 -30.42 -3.92
N MET A 409 -38.76 -29.45 -4.38
CA MET A 409 -40.18 -29.72 -4.57
C MET A 409 -40.43 -30.66 -5.75
N VAL A 410 -39.66 -30.54 -6.83
CA VAL A 410 -39.80 -31.55 -7.89
C VAL A 410 -39.20 -32.87 -7.44
N GLY A 411 -38.08 -32.79 -6.71
CA GLY A 411 -37.51 -34.01 -6.15
C GLY A 411 -38.49 -34.80 -5.32
N HIS A 412 -39.39 -34.11 -4.60
CA HIS A 412 -40.36 -34.80 -3.77
C HIS A 412 -41.42 -35.54 -4.59
N THR A 413 -41.60 -35.19 -5.87
CA THR A 413 -42.56 -35.92 -6.68
C THR A 413 -42.03 -37.28 -7.09
N GLY A 414 -40.71 -37.50 -6.99
CA GLY A 414 -40.12 -38.75 -7.38
C GLY A 414 -39.93 -38.95 -8.87
N VAL A 415 -40.36 -37.99 -9.70
CA VAL A 415 -40.24 -38.12 -11.15
C VAL A 415 -38.84 -37.68 -11.55
N TYR A 416 -38.00 -38.65 -11.92
CA TYR A 416 -36.61 -38.35 -12.24
C TYR A 416 -36.49 -37.37 -13.40
N GLU A 417 -37.29 -37.56 -14.45
CA GLU A 417 -37.17 -36.71 -15.63
C GLU A 417 -37.54 -35.27 -15.31
N ALA A 418 -38.54 -35.08 -14.45
CA ALA A 418 -38.90 -33.72 -14.04
C ALA A 418 -37.79 -33.10 -13.21
N ALA A 419 -37.17 -33.89 -12.33
CA ALA A 419 -36.08 -33.36 -11.50
C ALA A 419 -34.91 -32.92 -12.36
N VAL A 420 -34.62 -33.66 -13.44
CA VAL A 420 -33.56 -33.23 -14.34
C VAL A 420 -33.88 -31.85 -14.90
N LYS A 421 -35.12 -31.64 -15.34
CA LYS A 421 -35.52 -30.34 -15.88
C LYS A 421 -35.49 -29.27 -14.80
N ALA A 422 -35.90 -29.61 -13.58
CA ALA A 422 -35.84 -28.66 -12.48
C ALA A 422 -34.42 -28.20 -12.21
N CYS A 423 -33.46 -29.11 -12.32
CA CYS A 423 -32.07 -28.75 -12.08
C CYS A 423 -31.51 -27.93 -13.25
N GLU A 424 -31.93 -28.25 -14.47
CA GLU A 424 -31.51 -27.45 -15.62
C GLU A 424 -32.07 -26.03 -15.53
N ALA A 425 -33.32 -25.90 -15.07
CA ALA A 425 -33.91 -24.58 -14.92
C ALA A 425 -33.21 -23.78 -13.83
N THR A 426 -32.88 -24.45 -12.72
CA THR A 426 -32.14 -23.79 -11.65
C THR A 426 -30.77 -23.34 -12.13
N ASP A 427 -30.09 -24.17 -12.91
CA ASP A 427 -28.76 -23.80 -13.39
C ASP A 427 -28.83 -22.58 -14.30
N ILE A 428 -29.83 -22.52 -15.18
CA ILE A 428 -30.00 -21.35 -16.02
C ILE A 428 -30.19 -20.11 -15.16
N ALA A 429 -31.05 -20.20 -14.14
CA ALA A 429 -31.29 -19.05 -13.28
C ALA A 429 -30.02 -18.60 -12.57
N ILE A 430 -29.24 -19.56 -12.05
CA ILE A 430 -28.01 -19.22 -11.37
C ILE A 430 -27.03 -18.55 -12.34
N GLY A 431 -27.04 -18.93 -13.61
CA GLY A 431 -26.14 -18.31 -14.56
C GLY A 431 -26.49 -16.87 -14.84
N ARG A 432 -27.79 -16.56 -14.93
CA ARG A 432 -28.22 -15.19 -15.17
C ARG A 432 -27.86 -14.30 -13.97
N ILE A 433 -27.99 -14.85 -12.76
CA ILE A 433 -27.59 -14.11 -11.57
C ILE A 433 -26.08 -13.90 -11.56
N TYR A 434 -25.33 -14.96 -11.89
CA TYR A 434 -23.87 -14.86 -11.89
C TYR A 434 -23.38 -13.77 -12.85
N GLU A 435 -23.97 -13.69 -14.04
CA GLU A 435 -23.55 -12.65 -14.97
C GLU A 435 -23.77 -11.28 -14.38
N ALA A 436 -24.90 -11.07 -13.71
CA ALA A 436 -25.17 -9.79 -13.08
C ALA A 436 -24.20 -9.51 -11.93
N THR A 437 -23.90 -10.52 -11.11
CA THR A 437 -22.98 -10.29 -10.00
C THR A 437 -21.60 -9.87 -10.51
N GLN A 438 -21.13 -10.48 -11.59
CA GLN A 438 -19.83 -10.10 -12.14
C GLN A 438 -19.88 -8.70 -12.76
N LYS A 439 -21.04 -8.27 -13.25
CA LYS A 439 -21.15 -6.95 -13.85
C LYS A 439 -21.17 -5.86 -12.79
N HIS A 440 -21.83 -6.12 -11.64
CA HIS A 440 -22.17 -5.07 -10.69
C HIS A 440 -21.43 -5.20 -9.37
N GLY A 441 -20.31 -5.91 -9.35
CA GLY A 441 -19.42 -5.89 -8.20
C GLY A 441 -19.87 -6.70 -7.02
N TYR A 442 -20.60 -7.79 -7.24
CA TYR A 442 -21.03 -8.67 -6.17
C TYR A 442 -20.22 -9.96 -6.20
N SER A 443 -19.86 -10.46 -5.03
CA SER A 443 -19.34 -11.82 -4.92
C SER A 443 -20.52 -12.79 -4.83
N LEU A 444 -20.48 -13.84 -5.64
CA LEU A 444 -21.53 -14.84 -5.65
C LEU A 444 -21.11 -16.04 -4.81
N MET A 445 -22.00 -16.45 -3.91
CA MET A 445 -21.85 -17.69 -3.15
C MET A 445 -23.11 -18.51 -3.37
N VAL A 446 -22.94 -19.76 -3.78
CA VAL A 446 -24.05 -20.69 -3.96
C VAL A 446 -23.86 -21.83 -2.97
N THR A 447 -24.95 -22.18 -2.27
CA THR A 447 -24.95 -23.31 -1.38
C THR A 447 -26.31 -24.00 -1.51
N ALA A 448 -26.59 -24.95 -0.62
CA ALA A 448 -27.88 -25.60 -0.57
C ALA A 448 -28.22 -25.86 0.89
N ASP A 449 -29.50 -26.09 1.16
CA ASP A 449 -29.91 -26.34 2.54
C ASP A 449 -29.87 -27.81 2.92
N HIS A 450 -29.69 -28.70 1.93
CA HIS A 450 -29.67 -30.15 2.11
C HIS A 450 -29.84 -30.76 0.71
N GLY A 451 -29.57 -32.04 0.59
CA GLY A 451 -29.72 -32.71 -0.68
C GLY A 451 -31.12 -33.26 -0.89
N ASN A 452 -31.38 -33.63 -2.14
CA ASN A 452 -32.61 -34.30 -2.52
C ASN A 452 -32.46 -34.84 -3.94
N ALA A 453 -32.38 -33.93 -4.91
CA ALA A 453 -32.49 -34.28 -6.32
C ALA A 453 -31.33 -35.12 -6.85
N GLU A 454 -30.22 -35.21 -6.10
CA GLU A 454 -29.12 -36.04 -6.52
C GLU A 454 -29.40 -37.53 -6.31
N LYS A 455 -30.49 -37.89 -5.62
CA LYS A 455 -30.85 -39.28 -5.39
C LYS A 455 -32.34 -39.42 -5.68
N MET A 456 -32.68 -39.70 -6.94
CA MET A 456 -34.08 -39.73 -7.33
C MET A 456 -34.62 -41.14 -7.52
N LYS A 457 -33.78 -42.17 -7.46
CA LYS A 457 -34.21 -43.54 -7.64
C LYS A 457 -33.82 -44.36 -6.43
N ALA A 458 -34.78 -45.13 -5.91
CA ALA A 458 -34.55 -46.02 -4.78
C ALA A 458 -33.79 -47.24 -5.26
N PRO A 459 -33.23 -48.02 -4.32
CA PRO A 459 -32.43 -49.18 -4.73
C PRO A 459 -33.17 -50.18 -5.61
N ASP A 460 -34.51 -50.17 -5.60
CA ASP A 460 -35.29 -51.07 -6.44
C ASP A 460 -35.74 -50.41 -7.74
N GLY A 461 -35.18 -49.26 -8.09
CA GLY A 461 -35.57 -48.53 -9.28
C GLY A 461 -36.80 -47.66 -9.12
N GLY A 462 -37.47 -47.70 -7.97
CA GLY A 462 -38.64 -46.89 -7.73
C GLY A 462 -38.28 -45.45 -7.42
N LYS A 463 -39.32 -44.70 -7.05
CA LYS A 463 -39.15 -43.29 -6.76
C LYS A 463 -38.46 -43.09 -5.41
N HIS A 464 -37.54 -42.14 -5.37
CA HIS A 464 -36.93 -41.67 -4.13
C HIS A 464 -37.35 -40.21 -3.94
N THR A 465 -38.07 -39.93 -2.85
CA THR A 465 -38.72 -38.63 -2.66
C THR A 465 -38.20 -37.88 -1.44
N ALA A 466 -37.16 -38.35 -0.78
CA ALA A 466 -36.75 -37.79 0.50
C ALA A 466 -35.50 -36.92 0.37
N HIS A 467 -35.24 -36.18 1.43
CA HIS A 467 -33.97 -35.48 1.59
C HIS A 467 -32.86 -36.49 1.86
N THR A 468 -31.62 -36.05 1.71
CA THR A 468 -30.47 -36.93 1.77
C THR A 468 -29.48 -36.46 2.82
N CYS A 469 -28.45 -37.29 3.00
CA CYS A 469 -27.34 -37.02 3.89
C CYS A 469 -26.09 -36.56 3.15
N TYR A 470 -26.21 -36.25 1.85
CA TYR A 470 -25.04 -35.81 1.12
C TYR A 470 -24.65 -34.39 1.51
N ARG A 471 -23.40 -34.05 1.24
CA ARG A 471 -22.91 -32.69 1.41
C ARG A 471 -23.56 -31.77 0.37
N VAL A 472 -23.42 -30.48 0.61
CA VAL A 472 -23.95 -29.46 -0.31
C VAL A 472 -22.79 -28.58 -0.74
N PRO A 473 -22.88 -27.97 -1.92
CA PRO A 473 -21.78 -27.11 -2.37
C PRO A 473 -21.75 -25.82 -1.58
N LEU A 474 -20.56 -25.21 -1.57
CA LEU A 474 -20.41 -23.81 -1.19
C LEU A 474 -19.40 -23.22 -2.17
N THR A 475 -19.86 -22.30 -3.02
CA THR A 475 -19.02 -21.67 -4.03
C THR A 475 -18.72 -20.23 -3.66
N LEU A 476 -17.74 -19.65 -4.36
CA LEU A 476 -17.35 -18.27 -4.12
C LEU A 476 -16.61 -17.75 -5.34
N SER A 477 -17.15 -16.72 -5.98
CA SER A 477 -16.52 -16.16 -7.17
C SER A 477 -15.34 -15.26 -6.86
N HIS A 478 -15.20 -14.80 -5.63
CA HIS A 478 -14.16 -13.83 -5.28
C HIS A 478 -12.79 -14.50 -5.29
N PRO A 479 -11.86 -14.08 -6.16
CA PRO A 479 -10.57 -14.79 -6.24
C PRO A 479 -9.62 -14.50 -5.10
N GLY A 480 -9.90 -13.50 -4.26
CA GLY A 480 -9.03 -13.15 -3.16
C GLY A 480 -9.21 -13.94 -1.88
N PHE A 481 -10.03 -14.99 -1.90
CA PHE A 481 -10.25 -15.84 -0.74
C PHE A 481 -10.06 -17.31 -1.12
N LYS A 482 -9.52 -18.09 -0.20
CA LYS A 482 -9.40 -19.53 -0.35
C LYS A 482 -10.23 -20.21 0.72
N PHE A 483 -10.99 -21.24 0.34
CA PHE A 483 -11.72 -22.02 1.33
C PHE A 483 -10.73 -22.81 2.17
N VAL A 484 -11.00 -22.89 3.47
CA VAL A 484 -10.21 -23.67 4.41
C VAL A 484 -11.17 -24.31 5.40
N ASP A 485 -11.04 -25.61 5.61
CA ASP A 485 -11.92 -26.31 6.52
C ASP A 485 -11.58 -25.97 7.97
N PRO A 486 -12.55 -26.09 8.88
CA PRO A 486 -12.23 -25.92 10.30
C PRO A 486 -11.18 -26.94 10.73
N ALA A 487 -10.47 -26.60 11.80
CA ALA A 487 -9.36 -27.42 12.23
C ALA A 487 -9.82 -28.76 12.77
N ASP A 488 -11.02 -28.82 13.35
CA ASP A 488 -11.42 -29.97 14.16
C ASP A 488 -12.68 -30.67 13.66
N ARG A 489 -13.25 -30.27 12.53
CA ARG A 489 -14.51 -30.85 12.10
C ARG A 489 -14.72 -30.52 10.63
N HIS A 490 -15.71 -31.19 10.05
CA HIS A 490 -16.13 -30.86 8.71
C HIS A 490 -16.83 -29.50 8.71
N PRO A 491 -16.66 -28.73 7.65
CA PRO A 491 -17.46 -27.52 7.48
C PRO A 491 -18.93 -27.87 7.38
N ALA A 492 -19.78 -26.92 7.74
CA ALA A 492 -21.21 -27.19 7.82
C ALA A 492 -21.98 -25.89 7.61
N LEU A 493 -23.31 -26.01 7.59
CA LEU A 493 -24.18 -24.87 7.32
C LEU A 493 -23.95 -23.73 8.30
N CYS A 494 -23.60 -24.05 9.55
CA CYS A 494 -23.33 -23.03 10.56
C CYS A 494 -22.18 -22.11 10.18
N ASP A 495 -21.37 -22.47 9.20
CA ASP A 495 -20.20 -21.69 8.81
C ASP A 495 -20.47 -20.70 7.68
N VAL A 496 -21.66 -20.74 7.07
CA VAL A 496 -21.94 -19.91 5.90
C VAL A 496 -22.01 -18.44 6.29
N ALA A 497 -22.74 -18.12 7.36
CA ALA A 497 -22.93 -16.74 7.72
C ALA A 497 -21.64 -16.10 8.26
N PRO A 498 -20.88 -16.78 9.13
CA PRO A 498 -19.55 -16.25 9.48
C PRO A 498 -18.67 -16.00 8.26
N THR A 499 -18.79 -16.83 7.23
CA THR A 499 -17.96 -16.64 6.04
C THR A 499 -18.42 -15.43 5.24
N VAL A 500 -19.73 -15.26 5.11
CA VAL A 500 -20.29 -14.10 4.43
C VAL A 500 -19.83 -12.82 5.12
N LEU A 501 -19.89 -12.79 6.45
CA LEU A 501 -19.51 -11.58 7.18
C LEU A 501 -18.02 -11.29 7.01
N ALA A 502 -17.18 -12.32 7.01
CA ALA A 502 -15.75 -12.10 6.76
C ALA A 502 -15.52 -11.54 5.36
N ILE A 503 -16.21 -12.08 4.36
CA ILE A 503 -16.08 -11.56 3.01
C ILE A 503 -16.61 -10.12 2.94
N MET A 504 -17.70 -9.84 3.64
CA MET A 504 -18.23 -8.48 3.63
C MET A 504 -17.41 -7.50 4.47
N GLY A 505 -16.42 -7.99 5.22
CA GLY A 505 -15.65 -7.10 6.07
C GLY A 505 -16.43 -6.57 7.24
N LEU A 506 -17.37 -7.35 7.75
CA LEU A 506 -18.22 -7.00 8.87
C LEU A 506 -17.83 -7.82 10.10
N PRO A 507 -18.14 -7.32 11.30
CA PRO A 507 -17.82 -8.08 12.51
C PRO A 507 -18.70 -9.32 12.62
N GLN A 508 -18.20 -10.29 13.38
CA GLN A 508 -18.95 -11.50 13.64
C GLN A 508 -19.44 -11.47 15.08
N PRO A 509 -20.74 -11.54 15.34
CA PRO A 509 -21.22 -11.46 16.72
C PRO A 509 -20.80 -12.67 17.53
N ALA A 510 -20.59 -12.44 18.82
CA ALA A 510 -20.14 -13.52 19.70
C ALA A 510 -21.04 -14.74 19.63
N GLU A 511 -22.35 -14.51 19.39
CA GLU A 511 -23.31 -15.59 19.40
C GLU A 511 -23.19 -16.51 18.18
N MET A 512 -22.60 -16.04 17.08
CA MET A 512 -22.36 -16.94 15.95
C MET A 512 -21.10 -17.75 16.25
N THR A 513 -21.30 -18.96 16.73
CA THR A 513 -20.19 -19.84 17.09
C THR A 513 -19.72 -20.71 15.93
N GLY A 514 -20.38 -20.61 14.78
CA GLY A 514 -19.78 -21.10 13.56
C GLY A 514 -18.48 -20.37 13.26
N VAL A 515 -17.72 -20.93 12.33
CA VAL A 515 -16.42 -20.38 11.98
C VAL A 515 -16.42 -19.98 10.51
N SER A 516 -15.70 -18.91 10.19
CA SER A 516 -15.47 -18.56 8.79
C SER A 516 -14.54 -19.60 8.18
N ILE A 517 -14.89 -20.09 6.99
CA ILE A 517 -14.07 -21.10 6.33
C ILE A 517 -13.45 -20.54 5.06
N VAL A 518 -13.09 -19.25 5.07
CA VAL A 518 -12.22 -18.69 4.05
C VAL A 518 -11.01 -18.04 4.72
N GLN A 519 -9.91 -17.98 3.99
CA GLN A 519 -8.76 -17.15 4.36
C GLN A 519 -8.44 -16.26 3.18
N LYS A 520 -8.11 -15.00 3.46
CA LYS A 520 -7.65 -14.10 2.40
C LYS A 520 -6.35 -14.62 1.82
N ILE A 521 -6.21 -14.49 0.50
CA ILE A 521 -4.98 -14.83 -0.20
C ILE A 521 -4.73 -13.75 -1.25
N LYS A 522 -3.46 -13.53 -1.57
CA LYS A 522 -3.11 -12.56 -2.61
C LYS A 522 -3.58 -13.08 -3.96
N LEU A 523 -4.06 -12.15 -4.80
CA LEU A 523 -4.54 -12.53 -6.13
C LEU A 523 -3.46 -13.26 -6.92
N ALA A 524 -2.21 -12.79 -6.86
CA ALA A 524 -1.14 -13.42 -7.62
C ALA A 524 -0.94 -14.86 -7.19
N ALA A 525 -1.05 -15.14 -5.89
CA ALA A 525 -0.96 -16.51 -5.43
C ALA A 525 -2.13 -17.35 -5.92
N ALA A 526 -3.34 -16.78 -5.89
CA ALA A 526 -4.51 -17.50 -6.38
C ALA A 526 -4.35 -17.88 -7.85
N LEU A 527 -3.93 -16.91 -8.68
CA LEU A 527 -3.80 -17.18 -10.11
C LEU A 527 -2.73 -18.24 -10.37
N GLU A 528 -1.63 -18.18 -9.62
CA GLU A 528 -0.56 -19.16 -9.80
C GLU A 528 -0.99 -20.54 -9.34
N HIS A 529 -1.90 -20.61 -8.36
CA HIS A 529 -2.41 -21.90 -7.91
C HIS A 529 -3.20 -22.60 -9.01
N HIS A 530 -4.13 -21.88 -9.65
CA HIS A 530 -4.99 -22.51 -10.65
C HIS A 530 -4.17 -23.05 -11.81
N HIS A 531 -3.24 -22.26 -12.32
CA HIS A 531 -2.38 -22.69 -13.42
C HIS A 531 -1.51 -23.86 -12.94
N MET B 1 -6.63 59.16 -35.11
CA MET B 1 -6.40 58.00 -34.26
C MET B 1 -4.91 57.79 -33.94
N ALA B 2 -4.08 58.75 -34.37
CA ALA B 2 -2.65 58.68 -34.09
C ALA B 2 -2.34 59.08 -32.65
N MET B 3 -1.08 58.90 -32.27
CA MET B 3 -0.58 59.38 -30.98
C MET B 3 0.73 60.13 -31.17
N ALA B 4 1.16 60.75 -30.07
CA ALA B 4 2.09 61.88 -30.15
C ALA B 4 3.48 61.45 -30.59
N ASN B 5 3.88 60.20 -30.32
CA ASN B 5 5.24 59.78 -30.61
C ASN B 5 5.33 58.86 -31.82
N ASN B 6 4.31 58.85 -32.66
CA ASN B 6 4.34 57.97 -33.84
C ASN B 6 5.53 58.28 -34.74
N SER B 7 5.86 59.57 -34.89
CA SER B 7 6.90 59.98 -35.84
C SER B 7 8.30 59.71 -35.34
N SER B 8 8.46 59.31 -34.08
CA SER B 8 9.76 59.01 -33.51
C SER B 8 10.09 57.52 -33.49
N VAL B 9 9.22 56.68 -34.07
CA VAL B 9 9.50 55.26 -34.18
C VAL B 9 10.61 55.03 -35.21
N ALA B 10 11.56 54.16 -34.87
CA ALA B 10 12.70 53.94 -35.75
C ALA B 10 12.31 53.12 -36.97
N ASN B 11 11.42 52.15 -36.80
CA ASN B 11 10.98 51.27 -37.88
C ASN B 11 9.52 50.93 -37.64
N LYS B 12 8.67 51.14 -38.65
CA LYS B 12 7.28 50.71 -38.57
C LYS B 12 7.19 49.22 -38.87
N VAL B 13 6.33 48.52 -38.11
CA VAL B 13 6.26 47.07 -38.17
C VAL B 13 4.84 46.62 -38.45
N CYS B 14 4.70 45.65 -39.35
CA CYS B 14 3.45 44.95 -39.60
C CYS B 14 3.66 43.50 -39.20
N LEU B 15 2.89 43.02 -38.24
CA LEU B 15 3.04 41.66 -37.70
C LEU B 15 1.83 40.83 -38.11
N ILE B 16 2.08 39.74 -38.85
CA ILE B 16 1.03 38.82 -39.26
C ILE B 16 1.12 37.57 -38.40
N VAL B 17 0.02 37.21 -37.75
CA VAL B 17 -0.06 36.01 -36.94
C VAL B 17 -0.95 35.02 -37.70
N ILE B 18 -0.34 34.06 -38.38
CA ILE B 18 -1.09 33.00 -39.02
C ILE B 18 -1.57 32.04 -37.96
N ASP B 19 -2.84 31.63 -38.05
CA ASP B 19 -3.39 30.70 -37.10
C ASP B 19 -3.22 29.28 -37.62
N GLY B 20 -2.51 28.45 -36.86
CA GLY B 20 -2.39 27.05 -37.18
C GLY B 20 -1.43 26.71 -38.31
N TRP B 21 -0.26 27.36 -38.33
CA TRP B 21 0.72 27.24 -39.41
C TRP B 21 2.08 26.90 -38.82
N GLY B 22 2.44 25.61 -38.83
CA GLY B 22 3.66 25.14 -38.23
C GLY B 22 4.66 24.65 -39.26
N VAL B 23 5.89 24.42 -38.79
CA VAL B 23 7.01 24.04 -39.63
C VAL B 23 7.29 22.56 -39.43
N SER B 24 6.91 21.75 -40.41
CA SER B 24 7.14 20.30 -40.41
C SER B 24 7.80 19.92 -41.72
N GLU B 25 8.93 19.21 -41.64
CA GLU B 25 9.63 18.75 -42.83
C GLU B 25 9.02 17.49 -43.44
N ASP B 26 7.99 16.91 -42.81
CA ASP B 26 7.34 15.71 -43.36
C ASP B 26 6.21 16.12 -44.29
N PRO B 27 6.21 15.70 -45.56
CA PRO B 27 5.14 16.13 -46.47
C PRO B 27 3.81 15.41 -46.27
N TYR B 28 3.77 14.28 -45.58
CA TYR B 28 2.54 13.49 -45.53
C TYR B 28 1.44 14.26 -44.78
N GLY B 29 0.35 14.56 -45.50
CA GLY B 29 -0.73 15.33 -44.92
C GLY B 29 -0.39 16.77 -44.64
N ASN B 30 0.72 17.26 -45.18
CA ASN B 30 1.25 18.59 -44.91
C ASN B 30 0.62 19.58 -45.88
N ALA B 31 -0.51 20.17 -45.48
CA ALA B 31 -1.23 21.10 -46.34
C ALA B 31 -0.45 22.37 -46.61
N ILE B 32 0.59 22.66 -45.84
CA ILE B 32 1.42 23.83 -46.06
C ILE B 32 2.54 23.55 -47.05
N LEU B 33 3.28 22.45 -46.83
CA LEU B 33 4.40 22.12 -47.70
C LEU B 33 3.95 21.76 -49.10
N ASN B 34 2.77 21.15 -49.24
CA ASN B 34 2.31 20.76 -50.57
C ASN B 34 1.63 21.91 -51.29
N ALA B 35 0.89 22.74 -50.55
CA ALA B 35 0.18 23.85 -51.14
C ALA B 35 1.14 24.79 -51.87
N GLN B 36 0.60 25.55 -52.82
CA GLN B 36 1.36 26.58 -53.53
C GLN B 36 1.50 27.78 -52.61
N THR B 37 2.71 28.00 -52.11
CA THR B 37 2.98 29.05 -51.13
C THR B 37 4.27 29.78 -51.50
N PRO B 38 4.31 30.40 -52.67
CA PRO B 38 5.56 31.07 -53.09
C PRO B 38 5.96 32.23 -52.20
N VAL B 39 4.99 32.93 -51.61
CA VAL B 39 5.34 34.07 -50.75
C VAL B 39 6.05 33.59 -49.50
N MET B 40 5.43 32.68 -48.76
CA MET B 40 6.04 32.23 -47.51
C MET B 40 7.33 31.46 -47.77
N ASP B 41 7.47 30.83 -48.95
CA ASP B 41 8.73 30.18 -49.28
C ASP B 41 9.88 31.18 -49.31
N LYS B 42 9.63 32.39 -49.82
CA LYS B 42 10.66 33.41 -49.84
C LYS B 42 10.85 34.03 -48.45
N LEU B 43 9.75 34.37 -47.77
CA LEU B 43 9.86 34.96 -46.45
C LEU B 43 10.55 34.01 -45.47
N CYS B 44 10.23 32.72 -45.54
CA CYS B 44 10.85 31.71 -44.70
C CYS B 44 12.13 31.18 -45.35
N SER B 45 13.02 32.10 -45.68
CA SER B 45 14.33 31.78 -46.21
C SER B 45 15.30 32.85 -45.75
N GLY B 46 16.59 32.56 -45.89
CA GLY B 46 17.59 33.52 -45.47
C GLY B 46 17.48 33.78 -43.98
N ASN B 47 17.22 35.04 -43.63
CA ASN B 47 17.14 35.45 -42.24
C ASN B 47 15.69 35.26 -41.78
N TRP B 48 15.41 34.09 -41.23
CA TRP B 48 14.16 33.81 -40.57
C TRP B 48 14.45 32.88 -39.40
N ALA B 49 13.46 32.68 -38.54
CA ALA B 49 13.63 31.87 -37.35
C ALA B 49 12.46 30.91 -37.20
N GLN B 50 12.72 29.84 -36.45
CA GLN B 50 11.71 28.88 -36.05
C GLN B 50 11.67 28.91 -34.54
N ILE B 51 10.52 29.28 -33.99
CA ILE B 51 10.40 29.53 -32.56
C ILE B 51 9.33 28.62 -31.99
N GLU B 52 9.41 28.39 -30.69
CA GLU B 52 8.56 27.41 -30.03
C GLU B 52 7.20 28.00 -29.68
N ALA B 53 6.17 27.17 -29.83
CA ALA B 53 4.79 27.59 -29.63
C ALA B 53 3.99 26.57 -28.81
N HIS B 54 4.64 25.65 -28.12
CA HIS B 54 3.96 24.59 -27.42
C HIS B 54 4.65 24.30 -26.09
N GLY B 55 3.93 23.61 -25.22
CA GLY B 55 4.58 23.05 -24.06
C GLY B 55 5.13 24.11 -23.11
N LEU B 56 6.20 23.75 -22.41
CA LEU B 56 6.75 24.63 -21.39
C LEU B 56 7.22 25.95 -21.99
N HIS B 57 7.59 25.95 -23.28
CA HIS B 57 8.09 27.16 -23.90
C HIS B 57 7.07 28.30 -23.85
N VAL B 58 5.77 27.97 -23.87
CA VAL B 58 4.69 28.94 -23.80
C VAL B 58 3.83 28.75 -22.54
N GLY B 59 4.38 28.11 -21.52
CA GLY B 59 3.69 28.00 -20.24
C GLY B 59 2.66 26.91 -20.16
N LEU B 60 2.57 26.07 -21.16
CA LEU B 60 1.66 24.93 -21.18
C LEU B 60 2.31 23.72 -20.55
N PRO B 61 1.48 22.76 -20.10
CA PRO B 61 2.04 21.50 -19.59
C PRO B 61 3.08 20.94 -20.55
N GLU B 62 4.11 20.32 -19.99
CA GLU B 62 5.18 19.76 -20.80
C GLU B 62 4.62 18.84 -21.87
N GLY B 63 5.06 19.07 -23.12
CA GLY B 63 4.70 18.21 -24.21
C GLY B 63 3.36 18.47 -24.87
N LEU B 64 2.58 19.43 -24.37
CA LEU B 64 1.25 19.68 -24.90
C LEU B 64 1.28 20.60 -26.11
N MET B 65 0.39 20.33 -27.07
CA MET B 65 0.35 21.16 -28.27
C MET B 65 -0.10 22.57 -27.91
N GLY B 66 0.26 23.52 -28.77
CA GLY B 66 -0.14 24.90 -28.60
C GLY B 66 -1.61 25.12 -28.92
N ASN B 67 -2.05 26.36 -28.74
CA ASN B 67 -3.44 26.71 -29.07
C ASN B 67 -3.55 28.22 -29.21
N SER B 68 -4.69 28.66 -29.74
CA SER B 68 -4.83 30.06 -30.16
C SER B 68 -4.82 31.00 -28.96
N GLU B 69 -5.47 30.61 -27.87
CA GLU B 69 -5.56 31.50 -26.72
C GLU B 69 -4.19 31.67 -26.07
N VAL B 70 -3.51 30.57 -25.79
CA VAL B 70 -2.18 30.64 -25.20
C VAL B 70 -1.18 31.26 -26.17
N GLY B 71 -1.35 30.98 -27.46
CA GLY B 71 -0.42 31.54 -28.44
C GLY B 71 -0.49 33.06 -28.52
N HIS B 72 -1.71 33.60 -28.59
CA HIS B 72 -1.84 35.06 -28.68
C HIS B 72 -1.52 35.72 -27.34
N LEU B 73 -1.76 35.02 -26.23
CA LEU B 73 -1.39 35.55 -24.93
C LEU B 73 0.12 35.75 -24.84
N ASN B 74 0.89 34.72 -25.20
CA ASN B 74 2.34 34.80 -25.10
C ASN B 74 2.90 35.80 -26.11
N ILE B 75 2.40 35.80 -27.35
CA ILE B 75 2.87 36.74 -28.35
C ILE B 75 2.64 38.17 -27.89
N GLY B 76 1.43 38.45 -27.38
CA GLY B 76 1.12 39.80 -26.94
C GLY B 76 1.81 40.19 -25.66
N ALA B 77 2.15 39.25 -24.81
CA ALA B 77 2.63 39.60 -23.48
C ALA B 77 4.14 39.81 -23.40
N GLY B 78 4.92 39.27 -24.33
CA GLY B 78 6.36 39.38 -24.24
C GLY B 78 6.93 38.72 -23.01
N ARG B 79 6.33 37.62 -22.57
CA ARG B 79 6.75 36.85 -21.41
C ARG B 79 6.03 35.52 -21.48
N VAL B 80 6.56 34.53 -20.77
CA VAL B 80 5.85 33.25 -20.69
C VAL B 80 4.65 33.43 -19.77
N ILE B 81 3.47 33.12 -20.28
CA ILE B 81 2.25 33.10 -19.47
C ILE B 81 2.08 31.69 -18.93
N TYR B 82 2.27 31.54 -17.61
CA TYR B 82 2.32 30.22 -17.01
C TYR B 82 0.92 29.69 -16.70
N GLN B 83 0.61 28.50 -17.18
CA GLN B 83 -0.58 27.80 -16.71
C GLN B 83 -0.29 27.19 -15.34
N ASP B 84 -1.35 26.81 -14.62
CA ASP B 84 -1.22 26.47 -13.21
C ASP B 84 -0.21 25.34 -12.98
N ILE B 85 -0.29 24.25 -13.76
CA ILE B 85 0.61 23.13 -13.48
C ILE B 85 2.07 23.55 -13.61
N VAL B 86 2.37 24.41 -14.59
CA VAL B 86 3.75 24.84 -14.80
C VAL B 86 4.20 25.78 -13.69
N ARG B 87 3.35 26.73 -13.31
CA ARG B 87 3.66 27.64 -12.22
C ARG B 87 3.89 26.89 -10.92
N ILE B 88 3.05 25.88 -10.63
CA ILE B 88 3.18 25.15 -9.37
C ILE B 88 4.38 24.20 -9.43
N ASN B 89 4.63 23.59 -10.59
CA ASN B 89 5.81 22.74 -10.73
C ASN B 89 7.08 23.54 -10.47
N LEU B 90 7.11 24.80 -10.92
CA LEU B 90 8.28 25.63 -10.70
C LEU B 90 8.45 25.96 -9.22
N ALA B 91 7.35 26.23 -8.53
CA ALA B 91 7.43 26.47 -7.10
C ALA B 91 7.97 25.25 -6.36
N VAL B 92 7.57 24.05 -6.78
CA VAL B 92 8.10 22.84 -6.17
C VAL B 92 9.59 22.74 -6.44
N LYS B 93 10.00 22.88 -7.70
CA LYS B 93 11.40 22.77 -8.06
C LYS B 93 12.26 23.77 -7.30
N ASN B 94 11.72 24.98 -7.06
CA ASN B 94 12.47 26.06 -6.45
C ASN B 94 12.26 26.16 -4.94
N ASN B 95 11.56 25.20 -4.34
CA ASN B 95 11.37 25.16 -2.89
C ASN B 95 10.61 26.39 -2.39
N LYS B 96 9.54 26.75 -3.09
CA LYS B 96 8.78 27.94 -2.75
C LYS B 96 7.52 27.65 -1.94
N PHE B 97 7.27 26.39 -1.58
CA PHE B 97 6.14 26.12 -0.71
C PHE B 97 6.43 26.57 0.72
N VAL B 98 7.66 26.35 1.20
CA VAL B 98 7.96 26.65 2.60
C VAL B 98 7.75 28.12 2.94
N THR B 99 7.90 29.01 1.95
CA THR B 99 7.68 30.44 2.16
C THR B 99 6.38 30.94 1.55
N ASN B 100 5.54 30.04 1.03
CA ASN B 100 4.26 30.46 0.48
C ASN B 100 3.39 31.08 1.57
N GLU B 101 2.90 32.29 1.31
CA GLU B 101 2.22 33.06 2.34
C GLU B 101 0.98 32.34 2.87
N SER B 102 0.16 31.80 1.97
CA SER B 102 -1.05 31.11 2.41
C SER B 102 -0.74 29.80 3.10
N LEU B 103 0.27 29.06 2.61
CA LEU B 103 0.64 27.83 3.30
C LEU B 103 1.19 28.14 4.69
N VAL B 104 2.02 29.18 4.79
CA VAL B 104 2.52 29.57 6.11
C VAL B 104 1.37 29.96 7.02
N ASP B 105 0.34 30.60 6.46
CA ASP B 105 -0.82 30.96 7.27
C ASP B 105 -1.53 29.73 7.79
N ALA B 106 -1.79 28.77 6.90
CA ALA B 106 -2.49 27.54 7.31
C ALA B 106 -1.71 26.81 8.39
N CYS B 107 -0.39 26.70 8.23
CA CYS B 107 0.43 26.03 9.24
C CYS B 107 0.46 26.82 10.55
N ASP B 108 0.46 28.15 10.46
CA ASP B 108 0.40 28.95 11.68
C ASP B 108 -0.91 28.72 12.43
N ARG B 109 -2.03 28.65 11.70
CA ARG B 109 -3.30 28.36 12.35
C ARG B 109 -3.23 27.03 13.09
N ALA B 110 -2.76 25.97 12.42
CA ALA B 110 -2.67 24.66 13.05
C ALA B 110 -1.76 24.68 14.27
N LYS B 111 -0.63 25.40 14.18
CA LYS B 111 0.33 25.40 15.28
C LYS B 111 -0.19 26.18 16.48
N ASN B 112 -0.93 27.26 16.24
CA ASN B 112 -1.53 28.01 17.33
C ASN B 112 -2.86 27.42 17.79
N GLY B 113 -3.37 26.41 17.09
CA GLY B 113 -4.64 25.78 17.42
C GLY B 113 -4.46 24.36 17.93
N ASN B 114 -5.15 23.40 17.32
CA ASN B 114 -5.11 22.02 17.80
C ASN B 114 -4.02 21.18 17.16
N GLY B 115 -3.21 21.76 16.27
CA GLY B 115 -2.05 21.06 15.72
C GLY B 115 -2.33 20.16 14.55
N ARG B 116 -3.56 20.10 14.05
CA ARG B 116 -3.99 19.10 13.09
C ARG B 116 -4.29 19.76 11.75
N LEU B 117 -3.65 19.24 10.69
CA LEU B 117 -3.80 19.73 9.33
C LEU B 117 -4.08 18.57 8.41
N HIS B 118 -4.92 18.80 7.40
CA HIS B 118 -5.31 17.80 6.41
C HIS B 118 -4.91 18.26 5.02
N LEU B 119 -4.44 17.32 4.20
CA LEU B 119 -4.30 17.51 2.76
C LEU B 119 -5.29 16.59 2.04
N ALA B 120 -5.94 17.11 1.00
CA ALA B 120 -6.91 16.35 0.25
C ALA B 120 -6.84 16.72 -1.22
N GLY B 121 -6.88 15.72 -2.08
CA GLY B 121 -6.92 15.96 -3.50
C GLY B 121 -6.56 14.71 -4.28
N LEU B 122 -6.55 14.88 -5.61
CA LEU B 122 -6.33 13.77 -6.52
C LEU B 122 -4.86 13.38 -6.53
N VAL B 123 -4.58 12.11 -6.24
CA VAL B 123 -3.21 11.62 -6.09
C VAL B 123 -2.90 10.77 -7.31
N SER B 124 -2.27 11.40 -8.29
CA SER B 124 -1.73 10.73 -9.48
C SER B 124 -0.83 11.74 -10.17
N ASP B 125 -0.16 11.31 -11.24
CA ASP B 125 0.65 12.21 -12.05
C ASP B 125 -0.08 12.66 -13.31
N GLY B 126 -1.41 12.61 -13.30
CA GLY B 126 -2.16 13.02 -14.47
C GLY B 126 -1.90 14.46 -14.85
N GLY B 127 -1.77 15.34 -13.86
CA GLY B 127 -1.42 16.72 -14.09
C GLY B 127 -2.55 17.60 -14.58
N VAL B 128 -3.76 17.07 -14.71
CA VAL B 128 -4.90 17.85 -15.19
C VAL B 128 -5.64 18.53 -14.04
N HIS B 129 -5.83 17.82 -12.92
CA HIS B 129 -6.46 18.40 -11.75
C HIS B 129 -5.49 18.65 -10.61
N SER B 130 -4.30 18.09 -10.69
CA SER B 130 -3.38 18.05 -9.57
C SER B 130 -2.10 17.37 -10.02
N HIS B 131 -1.12 17.28 -9.14
CA HIS B 131 0.01 16.39 -9.36
C HIS B 131 0.48 15.86 -8.02
N ILE B 132 0.74 14.55 -7.97
CA ILE B 132 1.22 13.92 -6.75
C ILE B 132 2.47 14.63 -6.22
N ASP B 133 3.31 15.16 -7.12
CA ASP B 133 4.52 15.84 -6.67
C ASP B 133 4.19 17.08 -5.86
N HIS B 134 3.08 17.75 -6.19
CA HIS B 134 2.64 18.89 -5.38
C HIS B 134 2.30 18.44 -3.97
N MET B 135 1.58 17.33 -3.85
CA MET B 135 1.25 16.81 -2.53
CA MET B 135 1.25 16.79 -2.53
C MET B 135 2.52 16.47 -1.75
N PHE B 136 3.48 15.82 -2.41
CA PHE B 136 4.74 15.50 -1.76
C PHE B 136 5.44 16.76 -1.28
N ALA B 137 5.46 17.80 -2.11
CA ALA B 137 6.13 19.04 -1.74
C ALA B 137 5.44 19.70 -0.55
N LEU B 138 4.11 19.61 -0.49
CA LEU B 138 3.37 20.16 0.65
C LEU B 138 3.71 19.41 1.93
N VAL B 139 3.72 18.07 1.89
CA VAL B 139 4.06 17.30 3.08
C VAL B 139 5.43 17.73 3.61
N LYS B 140 6.41 17.86 2.72
CA LYS B 140 7.75 18.23 3.17
C LYS B 140 7.75 19.65 3.75
N ALA B 141 7.08 20.58 3.09
CA ALA B 141 7.06 21.96 3.57
C ALA B 141 6.35 22.06 4.90
N ILE B 142 5.27 21.28 5.08
CA ILE B 142 4.50 21.36 6.32
C ILE B 142 5.29 20.74 7.46
N LYS B 143 6.05 19.68 7.20
CA LYS B 143 6.95 19.15 8.22
C LYS B 143 7.98 20.20 8.64
N GLU B 144 8.61 20.84 7.66
CA GLU B 144 9.61 21.86 7.97
C GLU B 144 9.00 23.01 8.75
N LEU B 145 7.72 23.30 8.54
CA LEU B 145 7.07 24.39 9.26
C LEU B 145 6.56 23.96 10.63
N GLY B 146 6.77 22.70 11.01
CA GLY B 146 6.57 22.28 12.39
C GLY B 146 5.15 21.98 12.79
N VAL B 147 4.30 21.57 11.85
CA VAL B 147 2.92 21.23 12.21
C VAL B 147 2.92 19.88 12.91
N PRO B 148 2.23 19.74 14.04
CA PRO B 148 2.33 18.47 14.78
C PRO B 148 1.79 17.26 14.03
N GLU B 149 0.63 17.39 13.40
CA GLU B 149 -0.02 16.24 12.77
C GLU B 149 -0.53 16.62 11.39
N LEU B 150 -0.30 15.72 10.42
CA LEU B 150 -0.72 15.90 9.04
C LEU B 150 -1.39 14.61 8.55
N TYR B 151 -2.59 14.74 7.99
CA TYR B 151 -3.36 13.61 7.48
C TYR B 151 -3.68 13.83 6.01
N LEU B 152 -3.59 12.77 5.22
CA LEU B 152 -3.75 12.84 3.78
C LEU B 152 -5.03 12.12 3.38
N HIS B 153 -5.84 12.79 2.56
CA HIS B 153 -7.06 12.21 2.01
C HIS B 153 -6.85 12.06 0.51
N PHE B 154 -6.66 10.81 0.09
CA PHE B 154 -6.20 10.41 -1.24
C PHE B 154 -7.41 10.15 -2.11
N TYR B 155 -7.60 10.98 -3.15
CA TYR B 155 -8.68 10.77 -4.12
C TYR B 155 -8.14 9.99 -5.32
N GLY B 156 -8.79 8.86 -5.62
CA GLY B 156 -8.32 7.99 -6.70
C GLY B 156 -8.69 8.54 -8.06
N ASP B 157 -7.77 8.40 -9.02
CA ASP B 157 -7.93 9.04 -10.32
C ASP B 157 -8.49 8.08 -11.37
N GLY B 158 -7.63 7.42 -12.14
CA GLY B 158 -8.09 6.48 -13.15
C GLY B 158 -8.72 7.09 -14.38
N ARG B 159 -8.73 8.41 -14.51
CA ARG B 159 -9.28 9.11 -15.66
C ARG B 159 -8.23 9.92 -16.39
N ASP B 160 -7.41 10.66 -15.67
CA ASP B 160 -6.22 11.29 -16.23
C ASP B 160 -5.03 10.35 -16.25
N THR B 161 -5.17 9.18 -15.63
CA THR B 161 -4.19 8.10 -15.66
C THR B 161 -4.96 6.80 -15.85
N SER B 162 -4.25 5.69 -15.98
CA SER B 162 -4.92 4.42 -16.24
C SER B 162 -5.78 4.01 -15.04
N PRO B 163 -6.82 3.20 -15.27
CA PRO B 163 -7.72 2.81 -14.16
C PRO B 163 -7.06 1.99 -13.06
N ASN B 164 -5.90 1.37 -13.32
CA ASN B 164 -5.25 0.53 -12.32
C ASN B 164 -3.90 1.10 -11.87
N SER B 165 -3.66 2.39 -12.09
CA SER B 165 -2.41 3.00 -11.64
C SER B 165 -2.45 3.44 -10.18
N GLY B 166 -3.64 3.45 -9.57
CA GLY B 166 -3.74 3.94 -8.20
C GLY B 166 -2.89 3.15 -7.22
N VAL B 167 -2.82 1.83 -7.40
CA VAL B 167 -1.98 1.01 -6.53
C VAL B 167 -0.55 1.53 -6.51
N GLY B 168 -0.02 1.89 -7.69
CA GLY B 168 1.32 2.43 -7.75
C GLY B 168 1.46 3.74 -7.00
N PHE B 169 0.49 4.64 -7.19
CA PHE B 169 0.54 5.93 -6.50
C PHE B 169 0.38 5.75 -5.00
N LEU B 170 -0.48 4.81 -4.60
CA LEU B 170 -0.66 4.50 -3.19
C LEU B 170 0.64 4.00 -2.58
N GLU B 171 1.30 3.06 -3.23
CA GLU B 171 2.56 2.54 -2.69
C GLU B 171 3.63 3.62 -2.64
N GLN B 172 3.70 4.47 -3.68
CA GLN B 172 4.65 5.57 -3.63
C GLN B 172 4.36 6.52 -2.48
N THR B 173 3.07 6.77 -2.22
CA THR B 173 2.70 7.66 -1.13
C THR B 173 3.08 7.06 0.22
N LEU B 174 2.77 5.78 0.41
CA LEU B 174 3.09 5.12 1.68
C LEU B 174 4.60 5.13 1.94
N GLU B 175 5.39 4.77 0.93
CA GLU B 175 6.84 4.77 1.12
C GLU B 175 7.34 6.19 1.39
N PHE B 176 6.77 7.18 0.70
CA PHE B 176 7.19 8.56 0.90
C PHE B 176 6.94 9.00 2.34
N LEU B 177 5.75 8.75 2.86
CA LEU B 177 5.41 9.21 4.21
C LEU B 177 6.20 8.45 5.27
N GLU B 178 6.47 7.17 5.05
CA GLU B 178 7.15 6.39 6.08
C GLU B 178 8.67 6.55 6.00
N LYS B 179 9.24 6.57 4.79
CA LYS B 179 10.68 6.50 4.61
C LYS B 179 11.32 7.82 4.21
N THR B 180 10.66 8.62 3.39
CA THR B 180 11.28 9.87 2.90
C THR B 180 11.11 11.00 3.90
N THR B 181 9.88 11.22 4.36
CA THR B 181 9.61 12.27 5.34
C THR B 181 9.54 11.77 6.77
N GLY B 182 9.16 10.50 6.98
CA GLY B 182 8.85 10.04 8.32
C GLY B 182 7.78 10.89 8.99
N TYR B 183 6.85 11.44 8.21
CA TYR B 183 5.92 12.42 8.70
C TYR B 183 4.69 12.40 7.81
N GLY B 184 3.52 12.48 8.43
CA GLY B 184 2.26 12.44 7.71
C GLY B 184 1.67 11.06 7.70
N LYS B 185 0.34 10.99 7.72
CA LYS B 185 -0.37 9.72 7.71
C LYS B 185 -1.48 9.74 6.68
N LEU B 186 -1.57 8.65 5.92
CA LEU B 186 -2.71 8.45 5.03
C LEU B 186 -3.94 8.14 5.87
N ALA B 187 -5.03 8.86 5.59
CA ALA B 187 -6.25 8.79 6.38
C ALA B 187 -7.45 8.28 5.60
N THR B 188 -7.47 8.50 4.29
CA THR B 188 -8.61 8.12 3.47
C THR B 188 -8.15 7.80 2.06
N VAL B 189 -8.80 6.82 1.44
CA VAL B 189 -8.74 6.60 0.01
C VAL B 189 -10.17 6.54 -0.50
N VAL B 190 -10.50 7.37 -1.49
CA VAL B 190 -11.82 7.33 -2.11
C VAL B 190 -11.72 7.83 -3.55
N GLY B 191 -12.51 7.23 -4.42
CA GLY B 191 -12.47 7.57 -5.83
C GLY B 191 -12.93 9.00 -6.11
N ARG B 192 -12.38 9.58 -7.18
CA ARG B 192 -12.81 10.91 -7.62
C ARG B 192 -14.28 10.94 -8.04
N TYR B 193 -14.85 9.80 -8.44
CA TYR B 193 -16.27 9.76 -8.75
C TYR B 193 -17.10 10.31 -7.59
N TYR B 194 -16.67 10.05 -6.36
CA TYR B 194 -17.37 10.55 -5.18
C TYR B 194 -16.84 11.92 -4.73
N ALA B 195 -15.52 12.03 -4.54
CA ALA B 195 -14.96 13.21 -3.92
C ALA B 195 -14.97 14.43 -4.84
N MET B 196 -15.09 14.22 -6.14
CA MET B 196 -14.68 15.20 -7.14
C MET B 196 -15.80 15.38 -8.16
N ASP B 197 -17.03 15.16 -7.71
CA ASP B 197 -18.22 15.42 -8.52
C ASP B 197 -18.33 16.90 -8.86
N ARG B 198 -18.79 17.18 -10.08
CA ARG B 198 -19.04 18.55 -10.51
C ARG B 198 -20.46 18.75 -11.01
N ASP B 199 -21.34 17.76 -10.85
CA ASP B 199 -22.67 17.81 -11.42
C ASP B 199 -23.77 17.90 -10.35
N ASN B 200 -23.43 18.44 -9.17
CA ASN B 200 -24.38 18.60 -8.08
C ASN B 200 -25.06 17.28 -7.70
N ARG B 201 -24.33 16.17 -7.84
CA ARG B 201 -24.79 14.88 -7.32
C ARG B 201 -24.24 14.74 -5.91
N TRP B 202 -24.91 15.41 -4.97
CA TRP B 202 -24.39 15.50 -3.61
C TRP B 202 -24.46 14.18 -2.87
N GLU B 203 -25.25 13.22 -3.34
CA GLU B 203 -25.20 11.89 -2.75
C GLU B 203 -23.84 11.23 -2.98
N ARG B 204 -23.18 11.59 -4.09
CA ARG B 204 -21.82 11.09 -4.32
C ARG B 204 -20.82 11.79 -3.43
N ILE B 205 -20.90 13.12 -3.37
CA ILE B 205 -20.04 13.88 -2.47
C ILE B 205 -20.13 13.34 -1.05
N ASN B 206 -21.35 12.96 -0.62
CA ASN B 206 -21.54 12.56 0.77
C ASN B 206 -20.74 11.31 1.11
N VAL B 207 -20.50 10.43 0.14
CA VAL B 207 -19.67 9.27 0.40
C VAL B 207 -18.26 9.70 0.80
N ALA B 208 -17.69 10.68 0.09
CA ALA B 208 -16.37 11.17 0.45
C ALA B 208 -16.41 12.01 1.73
N TYR B 209 -17.45 12.85 1.86
CA TYR B 209 -17.63 13.68 3.05
C TYR B 209 -17.69 12.83 4.31
N GLU B 210 -18.54 11.80 4.31
CA GLU B 210 -18.65 10.97 5.51
C GLU B 210 -17.39 10.16 5.75
N ALA B 211 -16.70 9.75 4.70
CA ALA B 211 -15.40 9.13 4.90
C ALA B 211 -14.48 10.07 5.66
N MET B 212 -14.47 11.35 5.30
CA MET B 212 -13.47 12.25 5.87
C MET B 212 -13.81 12.65 7.30
N ILE B 213 -15.09 12.94 7.58
CA ILE B 213 -15.45 13.41 8.92
C ILE B 213 -15.92 12.28 9.84
N GLY B 214 -16.33 11.14 9.29
CA GLY B 214 -16.95 10.10 10.09
C GLY B 214 -16.28 8.74 10.00
N GLY B 215 -15.37 8.58 9.04
CA GLY B 215 -14.76 7.27 8.87
C GLY B 215 -15.71 6.22 8.32
N VAL B 216 -16.76 6.65 7.63
CA VAL B 216 -17.68 5.70 7.01
C VAL B 216 -16.97 5.08 5.81
N GLY B 217 -16.55 3.83 5.96
CA GLY B 217 -15.86 3.13 4.89
C GLY B 217 -15.21 1.87 5.43
N GLU B 218 -14.46 1.21 4.55
CA GLU B 218 -13.75 -0.01 4.93
C GLU B 218 -12.49 0.35 5.69
N THR B 219 -12.35 -0.22 6.89
CA THR B 219 -11.16 0.02 7.71
C THR B 219 -9.97 -0.75 7.16
N SER B 220 -8.81 -0.11 7.19
CA SER B 220 -7.56 -0.76 6.79
C SER B 220 -6.41 -0.05 7.49
N ASP B 221 -5.18 -0.38 7.08
CA ASP B 221 -3.99 0.26 7.61
C ASP B 221 -2.89 0.24 6.55
N GLU B 222 -1.74 0.84 6.89
CA GLU B 222 -0.67 0.94 5.91
C GLU B 222 -0.29 -0.42 5.35
N ALA B 223 -0.34 -1.46 6.17
CA ALA B 223 0.10 -2.77 5.72
C ALA B 223 -0.86 -3.39 4.72
N GLY B 224 -2.16 -3.09 4.81
CA GLY B 224 -3.13 -3.80 4.03
C GLY B 224 -3.86 -3.02 2.94
N VAL B 225 -3.66 -1.70 2.89
CA VAL B 225 -4.50 -0.89 2.01
C VAL B 225 -4.23 -1.21 0.54
N VAL B 226 -2.97 -1.48 0.18
CA VAL B 226 -2.68 -1.79 -1.22
C VAL B 226 -3.41 -3.05 -1.66
N GLU B 227 -3.38 -4.09 -0.82
CA GLU B 227 -4.09 -5.32 -1.16
C GLU B 227 -5.59 -5.07 -1.29
N VAL B 228 -6.14 -4.18 -0.46
CA VAL B 228 -7.55 -3.83 -0.59
C VAL B 228 -7.83 -3.30 -1.99
N VAL B 229 -6.98 -2.38 -2.47
CA VAL B 229 -7.24 -1.76 -3.76
C VAL B 229 -7.08 -2.77 -4.90
N ARG B 230 -6.06 -3.63 -4.82
N ARG B 230 -6.03 -3.59 -4.85
CA ARG B 230 -5.87 -4.62 -5.88
CA ARG B 230 -5.85 -4.66 -5.83
C ARG B 230 -7.08 -5.55 -5.98
C ARG B 230 -7.12 -5.47 -5.97
N LYS B 231 -7.68 -5.91 -4.85
CA LYS B 231 -8.87 -6.75 -4.89
C LYS B 231 -10.11 -5.97 -5.31
N ARG B 232 -10.13 -4.65 -5.10
CA ARG B 232 -11.17 -3.83 -5.73
C ARG B 232 -11.08 -3.94 -7.26
N TYR B 233 -9.85 -3.81 -7.80
CA TYR B 233 -9.65 -3.99 -9.23
C TYR B 233 -10.22 -5.31 -9.71
N ALA B 234 -9.93 -6.39 -8.98
CA ALA B 234 -10.37 -7.71 -9.37
C ALA B 234 -11.90 -7.79 -9.45
N ALA B 235 -12.59 -6.99 -8.64
CA ALA B 235 -14.04 -6.89 -8.67
C ALA B 235 -14.53 -5.81 -9.62
N ASP B 236 -13.66 -5.32 -10.52
CA ASP B 236 -14.01 -4.32 -11.51
C ASP B 236 -14.37 -2.97 -10.90
N GLU B 237 -13.83 -2.68 -9.71
CA GLU B 237 -13.95 -1.35 -9.11
C GLU B 237 -12.57 -0.71 -9.22
N THR B 238 -12.41 0.21 -10.18
CA THR B 238 -11.13 0.80 -10.49
C THR B 238 -10.95 2.14 -9.77
N ASP B 239 -9.82 2.82 -10.04
CA ASP B 239 -9.41 3.97 -9.23
C ASP B 239 -10.52 5.01 -9.12
N GLU B 240 -11.19 5.31 -10.24
CA GLU B 240 -12.15 6.40 -10.25
C GLU B 240 -13.33 6.13 -9.34
N PHE B 241 -13.63 4.85 -9.08
CA PHE B 241 -14.86 4.45 -8.42
C PHE B 241 -14.63 3.81 -7.06
N LEU B 242 -13.42 3.92 -6.50
CA LEU B 242 -13.11 3.26 -5.24
C LEU B 242 -14.01 3.76 -4.13
N LYS B 243 -14.70 2.82 -3.46
CA LYS B 243 -15.43 3.17 -2.25
C LYS B 243 -14.46 3.42 -1.11
N PRO B 244 -14.86 4.18 -0.10
CA PRO B 244 -13.88 4.70 0.85
C PRO B 244 -13.16 3.61 1.64
N ILE B 245 -11.87 3.84 1.85
CA ILE B 245 -11.03 3.05 2.74
C ILE B 245 -10.53 4.00 3.82
N ILE B 246 -10.60 3.57 5.07
CA ILE B 246 -10.40 4.43 6.24
C ILE B 246 -9.19 3.96 7.03
N LEU B 247 -8.26 4.88 7.28
CA LEU B 247 -7.03 4.59 8.01
C LEU B 247 -6.92 5.56 9.19
N GLN B 248 -6.18 5.13 10.22
CA GLN B 248 -5.88 5.90 11.43
C GLN B 248 -7.10 6.06 12.34
N GLY B 249 -8.24 5.49 11.99
CA GLY B 249 -9.39 5.62 12.87
C GLY B 249 -9.87 7.06 12.97
N GLU B 250 -10.40 7.41 14.15
CA GLU B 250 -10.94 8.74 14.35
C GLU B 250 -9.86 9.82 14.31
N LYS B 251 -8.64 9.47 14.70
CA LYS B 251 -7.55 10.44 14.69
C LYS B 251 -7.36 11.07 13.31
N GLY B 252 -7.60 10.30 12.25
CA GLY B 252 -7.44 10.78 10.89
C GLY B 252 -8.64 11.46 10.28
N ARG B 253 -9.74 11.60 11.02
CA ARG B 253 -10.91 12.31 10.50
C ARG B 253 -10.70 13.82 10.57
N VAL B 254 -11.47 14.53 9.75
CA VAL B 254 -11.60 15.98 9.88
C VAL B 254 -12.48 16.26 11.08
N GLN B 255 -11.92 16.86 12.12
CA GLN B 255 -12.60 17.11 13.38
C GLN B 255 -12.74 18.60 13.63
N ASN B 256 -13.50 18.92 14.68
CA ASN B 256 -13.64 20.30 15.14
C ASN B 256 -12.28 20.97 15.20
N ASP B 257 -12.21 22.19 14.66
CA ASP B 257 -11.07 23.10 14.76
C ASP B 257 -9.92 22.68 13.85
N ASP B 258 -10.08 21.64 13.03
CA ASP B 258 -9.02 21.23 12.11
C ASP B 258 -8.87 22.23 10.96
N THR B 259 -7.71 22.18 10.31
CA THR B 259 -7.40 22.96 9.11
C THR B 259 -7.23 22.01 7.93
N ILE B 260 -7.74 22.40 6.77
CA ILE B 260 -7.72 21.57 5.57
C ILE B 260 -7.14 22.35 4.40
N ILE B 261 -6.26 21.70 3.63
CA ILE B 261 -5.76 22.22 2.37
C ILE B 261 -6.16 21.25 1.27
N PHE B 262 -6.94 21.74 0.29
CA PHE B 262 -7.17 21.00 -0.94
C PHE B 262 -6.06 21.36 -1.92
N PHE B 263 -5.31 20.36 -2.39
CA PHE B 263 -4.15 20.67 -3.23
C PHE B 263 -4.42 20.54 -4.73
N ASP B 264 -5.64 20.17 -5.13
CA ASP B 264 -6.00 20.24 -6.54
C ASP B 264 -5.93 21.68 -7.02
N TYR B 265 -5.32 21.90 -8.18
CA TYR B 265 -5.29 23.26 -8.72
C TYR B 265 -6.50 23.59 -9.58
N ARG B 266 -7.25 22.59 -10.05
CA ARG B 266 -8.35 22.80 -10.98
C ARG B 266 -9.66 23.02 -10.22
N ALA B 267 -10.39 24.09 -10.59
CA ALA B 267 -11.52 24.55 -9.76
C ALA B 267 -12.76 23.65 -9.89
N ASP B 268 -13.09 23.20 -11.11
CA ASP B 268 -14.43 22.67 -11.35
C ASP B 268 -14.77 21.51 -10.43
N ARG B 269 -13.84 20.58 -10.23
CA ARG B 269 -14.10 19.40 -9.42
C ARG B 269 -13.72 19.59 -7.96
N MET B 270 -13.32 20.80 -7.58
CA MET B 270 -13.03 21.13 -6.19
C MET B 270 -14.14 21.95 -5.55
N ARG B 271 -15.05 22.51 -6.36
CA ARG B 271 -16.04 23.44 -5.81
C ARG B 271 -16.98 22.75 -4.85
N GLU B 272 -17.38 21.51 -5.14
CA GLU B 272 -18.37 20.84 -4.30
C GLU B 272 -17.77 20.41 -2.97
N ILE B 273 -16.67 19.65 -2.99
CA ILE B 273 -16.13 19.12 -1.73
C ILE B 273 -15.57 20.26 -0.87
N SER B 274 -14.98 21.28 -1.48
CA SER B 274 -14.45 22.38 -0.69
C SER B 274 -15.57 23.20 -0.05
N ALA B 275 -16.67 23.46 -0.79
CA ALA B 275 -17.77 24.19 -0.18
C ALA B 275 -18.53 23.35 0.83
N ALA B 276 -18.47 22.02 0.73
CA ALA B 276 -19.11 21.17 1.72
C ALA B 276 -18.33 21.19 3.03
N MET B 277 -17.00 21.27 2.96
CA MET B 277 -16.17 21.34 4.15
C MET B 277 -16.12 22.74 4.75
N GLY B 278 -16.10 23.77 3.90
CA GLY B 278 -15.73 25.09 4.35
C GLY B 278 -16.81 26.13 4.26
N MET B 279 -17.93 25.82 3.59
CA MET B 279 -19.06 26.73 3.53
C MET B 279 -20.32 25.99 3.98
N ASP B 280 -21.40 26.08 3.21
CA ASP B 280 -22.72 25.61 3.67
C ASP B 280 -23.19 24.33 2.98
N ARG B 281 -22.46 23.81 2.01
CA ARG B 281 -23.00 22.76 1.16
C ARG B 281 -22.99 21.38 1.81
N TYR B 282 -22.49 21.25 3.05
CA TYR B 282 -22.71 20.01 3.80
C TYR B 282 -24.19 19.76 4.03
N LYS B 283 -25.02 20.82 3.96
CA LYS B 283 -26.46 20.61 4.04
C LYS B 283 -26.95 19.72 2.90
N ASP B 284 -26.43 19.94 1.70
CA ASP B 284 -26.86 19.17 0.54
C ASP B 284 -26.52 17.69 0.69
N CYS B 285 -25.43 17.37 1.39
CA CYS B 285 -25.06 15.98 1.58
C CYS B 285 -26.06 15.23 2.45
N ASN B 286 -26.80 15.97 3.28
CA ASN B 286 -27.81 15.42 4.19
C ASN B 286 -27.26 14.23 4.98
N SER B 287 -26.17 14.47 5.68
CA SER B 287 -25.54 13.45 6.51
C SER B 287 -26.12 13.49 7.91
N LYS B 288 -26.27 12.31 8.52
CA LYS B 288 -26.62 12.19 9.92
C LYS B 288 -25.48 12.61 10.84
N LEU B 289 -24.30 12.84 10.30
CA LEU B 289 -23.15 13.27 11.09
C LEU B 289 -23.10 14.79 11.16
N ALA B 290 -22.78 15.31 12.34
CA ALA B 290 -22.67 16.74 12.54
C ALA B 290 -21.47 17.31 11.78
N HIS B 291 -21.68 18.46 11.16
CA HIS B 291 -20.59 19.15 10.47
C HIS B 291 -19.60 19.67 11.51
N PRO B 292 -18.31 19.34 11.39
CA PRO B 292 -17.34 19.86 12.36
C PRO B 292 -17.33 21.38 12.39
N SER B 293 -17.11 21.91 13.59
CA SER B 293 -17.12 23.35 13.82
C SER B 293 -15.70 23.91 13.72
N ASN B 294 -15.62 25.19 13.37
CA ASN B 294 -14.38 25.95 13.41
C ASN B 294 -13.34 25.38 12.45
N LEU B 295 -13.79 24.88 11.31
CA LEU B 295 -12.89 24.47 10.26
C LEU B 295 -12.41 25.68 9.47
N GLN B 296 -11.19 25.59 8.96
CA GLN B 296 -10.69 26.58 8.02
C GLN B 296 -10.15 25.84 6.80
N VAL B 297 -10.63 26.23 5.62
CA VAL B 297 -10.29 25.59 4.36
C VAL B 297 -9.38 26.50 3.55
N TYR B 298 -8.33 25.92 2.97
CA TYR B 298 -7.44 26.56 2.01
C TYR B 298 -7.46 25.79 0.71
N GLY B 299 -7.25 26.49 -0.40
CA GLY B 299 -7.20 25.87 -1.71
C GLY B 299 -5.89 26.17 -2.43
N MET B 300 -5.47 25.23 -3.28
CA MET B 300 -4.26 25.41 -4.08
C MET B 300 -4.37 26.65 -4.94
N THR B 301 -5.52 26.84 -5.59
CA THR B 301 -5.85 28.02 -6.36
C THR B 301 -7.21 28.54 -5.88
N GLN B 302 -7.66 29.62 -6.49
CA GLN B 302 -8.99 30.13 -6.20
C GLN B 302 -10.03 29.32 -6.96
N TYR B 303 -10.94 28.67 -6.24
CA TYR B 303 -11.93 27.80 -6.86
C TYR B 303 -13.18 28.54 -7.31
N LYS B 304 -13.51 29.66 -6.67
CA LYS B 304 -14.65 30.46 -7.07
C LYS B 304 -14.50 31.84 -6.45
N ALA B 305 -14.91 32.87 -7.21
CA ALA B 305 -14.76 34.24 -6.72
C ALA B 305 -15.48 34.44 -5.39
N GLU B 306 -16.64 33.82 -5.22
CA GLU B 306 -17.45 33.98 -4.02
C GLU B 306 -16.97 33.15 -2.83
N PHE B 307 -16.01 32.24 -3.03
CA PHE B 307 -15.51 31.45 -1.91
C PHE B 307 -14.53 32.28 -1.08
N PRO B 308 -14.59 32.17 0.24
CA PRO B 308 -13.66 32.93 1.11
C PRO B 308 -12.31 32.26 1.37
N PHE B 309 -12.01 31.15 0.70
CA PHE B 309 -10.81 30.40 1.01
C PHE B 309 -9.58 31.14 0.49
N LYS B 310 -8.56 31.21 1.34
CA LYS B 310 -7.26 31.66 0.87
C LYS B 310 -6.69 30.64 -0.11
N SER B 311 -5.84 31.12 -1.02
CA SER B 311 -5.30 30.31 -2.09
C SER B 311 -3.78 30.34 -2.05
N LEU B 312 -3.16 29.18 -2.26
CA LEU B 312 -1.70 29.15 -2.32
C LEU B 312 -1.19 29.91 -3.54
N PHE B 313 -1.93 29.86 -4.66
CA PHE B 313 -1.52 30.51 -5.91
C PHE B 313 -2.69 31.33 -6.44
N PRO B 314 -2.78 32.60 -6.03
CA PRO B 314 -3.88 33.44 -6.52
C PRO B 314 -3.66 33.83 -7.96
N PRO B 315 -4.70 34.31 -8.64
CA PRO B 315 -4.55 34.63 -10.07
C PRO B 315 -3.50 35.69 -10.28
N ALA B 316 -2.72 35.53 -11.34
CA ALA B 316 -1.69 36.50 -11.69
C ALA B 316 -2.22 37.55 -12.65
N SER B 317 -1.58 38.70 -12.64
CA SER B 317 -1.90 39.80 -13.55
C SER B 317 -0.77 39.95 -14.56
N ASN B 318 -1.09 40.59 -15.69
CA ASN B 318 -0.16 40.79 -16.79
C ASN B 318 -0.03 42.28 -17.12
N LYS B 319 0.88 42.96 -16.43
CA LYS B 319 1.07 44.39 -16.63
C LYS B 319 1.98 44.63 -17.83
N ASN B 320 1.63 45.63 -18.63
CA ASN B 320 2.48 46.11 -19.73
C ASN B 320 2.71 45.05 -20.81
N VAL B 321 1.62 44.39 -21.20
CA VAL B 321 1.64 43.63 -22.45
C VAL B 321 1.85 44.63 -23.57
N LEU B 322 2.15 44.14 -24.78
CA LEU B 322 2.56 45.02 -25.86
C LEU B 322 1.54 46.14 -26.12
N ALA B 323 0.26 45.79 -26.21
CA ALA B 323 -0.73 46.82 -26.54
C ALA B 323 -0.79 47.92 -25.48
N GLU B 324 -0.67 47.54 -24.20
CA GLU B 324 -0.63 48.56 -23.15
C GLU B 324 0.64 49.40 -23.25
N TRP B 325 1.76 48.75 -23.53
CA TRP B 325 3.05 49.45 -23.54
C TRP B 325 3.14 50.44 -24.69
N LEU B 326 2.70 50.04 -25.88
CA LEU B 326 2.70 50.96 -27.01
C LEU B 326 1.91 52.23 -26.69
N ALA B 327 0.70 52.07 -26.14
CA ALA B 327 -0.08 53.21 -25.71
C ALA B 327 0.70 54.08 -24.74
N GLU B 328 1.34 53.46 -23.76
CA GLU B 328 2.13 54.20 -22.78
C GLU B 328 3.29 54.95 -23.44
N GLN B 329 3.84 54.40 -24.52
CA GLN B 329 4.89 55.10 -25.25
C GLN B 329 4.35 56.12 -26.25
N LYS B 330 3.04 56.33 -26.28
CA LYS B 330 2.41 57.29 -27.20
C LYS B 330 2.64 56.86 -28.65
N VAL B 331 2.39 55.59 -28.91
CA VAL B 331 2.46 55.00 -30.26
C VAL B 331 1.13 54.29 -30.52
N SER B 332 0.50 54.62 -31.65
CA SER B 332 -0.79 54.02 -31.97
C SER B 332 -0.61 52.65 -32.63
N GLN B 333 -1.71 51.90 -32.74
CA GLN B 333 -1.63 50.51 -33.17
C GLN B 333 -2.96 50.07 -33.78
N PHE B 334 -2.91 48.98 -34.55
CA PHE B 334 -4.06 48.45 -35.25
C PHE B 334 -4.12 46.93 -35.07
N HIS B 335 -5.30 46.41 -34.68
CA HIS B 335 -5.51 44.97 -34.56
C HIS B 335 -6.67 44.56 -35.48
N CYS B 336 -6.44 43.57 -36.33
CA CYS B 336 -7.45 43.12 -37.27
C CYS B 336 -7.53 41.59 -37.30
N ALA B 337 -8.76 41.07 -37.41
CA ALA B 337 -8.96 39.64 -37.57
C ALA B 337 -10.42 39.41 -37.93
N GLU B 338 -10.71 38.25 -38.48
CA GLU B 338 -12.09 37.90 -38.77
C GLU B 338 -12.73 37.25 -37.54
N THR B 339 -14.04 37.03 -37.63
CA THR B 339 -14.83 36.75 -36.44
C THR B 339 -14.24 35.63 -35.59
N GLU B 340 -13.81 34.54 -36.24
CA GLU B 340 -13.44 33.35 -35.50
C GLU B 340 -12.25 33.59 -34.58
N LYS B 341 -11.38 34.55 -34.92
CA LYS B 341 -10.17 34.82 -34.15
C LYS B 341 -10.10 36.26 -33.67
N TYR B 342 -11.24 36.96 -33.68
CA TYR B 342 -11.24 38.34 -33.20
C TYR B 342 -10.95 38.41 -31.71
N ALA B 343 -11.45 37.45 -30.94
CA ALA B 343 -11.14 37.42 -29.51
C ALA B 343 -9.64 37.31 -29.29
N HIS B 344 -8.94 36.60 -30.17
CA HIS B 344 -7.52 36.33 -29.94
C HIS B 344 -6.64 37.54 -30.21
N VAL B 345 -7.01 38.38 -31.19
CA VAL B 345 -6.22 39.59 -31.44
C VAL B 345 -6.65 40.75 -30.55
N THR B 346 -7.67 40.55 -29.71
CA THR B 346 -8.08 41.58 -28.76
C THR B 346 -7.94 41.07 -27.33
N PHE B 347 -8.96 40.37 -26.82
CA PHE B 347 -8.95 39.91 -25.44
C PHE B 347 -7.66 39.16 -25.09
N PHE B 348 -7.26 38.19 -25.93
CA PHE B 348 -6.13 37.35 -25.55
C PHE B 348 -4.79 38.02 -25.87
N PHE B 349 -4.67 38.63 -27.04
CA PHE B 349 -3.44 39.35 -27.37
C PHE B 349 -3.15 40.42 -26.33
N ASN B 350 -4.19 41.04 -25.77
CA ASN B 350 -4.03 42.11 -24.81
C ASN B 350 -3.93 41.59 -23.36
N GLY B 351 -3.61 40.32 -23.17
CA GLY B 351 -3.33 39.79 -21.86
C GLY B 351 -4.50 39.15 -21.14
N GLY B 352 -5.58 38.86 -21.86
CA GLY B 352 -6.73 38.21 -21.26
C GLY B 352 -7.60 39.17 -20.50
N LEU B 353 -7.94 40.30 -21.10
CA LEU B 353 -8.91 41.19 -20.49
C LEU B 353 -9.55 42.04 -21.57
N GLU B 354 -10.77 42.46 -21.30
CA GLU B 354 -11.52 43.35 -22.18
C GLU B 354 -11.08 44.77 -21.86
N LYS B 355 -10.26 45.34 -22.74
CA LYS B 355 -9.71 46.66 -22.54
C LYS B 355 -9.05 47.08 -23.85
N GLN B 356 -9.52 48.17 -24.43
CA GLN B 356 -8.94 48.74 -25.64
C GLN B 356 -8.11 49.95 -25.22
N PHE B 357 -6.83 49.93 -25.53
CA PHE B 357 -5.93 50.98 -25.03
C PHE B 357 -5.99 52.19 -25.94
N GLU B 358 -5.49 53.32 -25.42
CA GLU B 358 -5.46 54.54 -26.19
C GLU B 358 -4.68 54.33 -27.48
N GLY B 359 -5.21 54.87 -28.58
CA GLY B 359 -4.59 54.71 -29.87
C GLY B 359 -4.74 53.35 -30.49
N GLU B 360 -5.42 52.40 -29.84
CA GLU B 360 -5.62 51.06 -30.37
C GLU B 360 -6.88 51.06 -31.22
N GLU B 361 -6.71 50.88 -32.54
CA GLU B 361 -7.80 50.77 -33.48
C GLU B 361 -8.02 49.31 -33.81
N ARG B 362 -9.27 48.90 -33.90
CA ARG B 362 -9.64 47.51 -34.15
C ARG B 362 -10.54 47.40 -35.35
N CYS B 363 -10.46 46.25 -36.02
CA CYS B 363 -11.25 45.97 -37.21
C CYS B 363 -11.68 44.52 -37.20
N LEU B 364 -12.99 44.30 -37.17
CA LEU B 364 -13.56 42.96 -37.21
C LEU B 364 -14.10 42.70 -38.62
N VAL B 365 -13.54 41.70 -39.29
CA VAL B 365 -13.99 41.27 -40.62
C VAL B 365 -14.94 40.10 -40.44
N PRO B 366 -16.18 40.18 -40.92
CA PRO B 366 -17.10 39.04 -40.76
C PRO B 366 -16.53 37.77 -41.36
N SER B 367 -16.68 36.66 -40.62
CA SER B 367 -16.37 35.35 -41.17
C SER B 367 -17.54 34.87 -42.02
N PRO B 368 -17.28 34.03 -43.03
CA PRO B 368 -18.39 33.57 -43.88
C PRO B 368 -19.42 32.79 -43.08
N LYS B 369 -20.64 32.72 -43.65
CA LYS B 369 -21.77 32.08 -43.00
C LYS B 369 -21.95 30.63 -43.44
N VAL B 370 -20.87 29.97 -43.86
CA VAL B 370 -20.99 28.57 -44.29
C VAL B 370 -21.20 27.67 -43.08
N ALA B 371 -21.69 26.45 -43.35
CA ALA B 371 -21.98 25.52 -42.27
C ALA B 371 -20.69 24.94 -41.68
N THR B 372 -19.74 24.59 -42.55
CA THR B 372 -18.40 24.20 -42.14
C THR B 372 -17.42 24.89 -43.07
N TYR B 373 -16.27 25.28 -42.51
CA TYR B 373 -15.34 26.14 -43.24
C TYR B 373 -14.57 25.41 -44.33
N ASP B 374 -14.72 24.09 -44.46
CA ASP B 374 -14.16 23.40 -45.62
C ASP B 374 -14.92 23.75 -46.89
N LEU B 375 -16.16 24.23 -46.76
CA LEU B 375 -16.92 24.64 -47.93
C LEU B 375 -16.37 25.93 -48.53
N GLN B 376 -15.76 26.79 -47.72
CA GLN B 376 -15.11 28.00 -48.20
C GLN B 376 -13.77 28.12 -47.47
N PRO B 377 -12.73 27.44 -47.97
CA PRO B 377 -11.47 27.39 -47.21
C PRO B 377 -10.79 28.75 -47.06
N GLU B 378 -11.01 29.69 -47.99
CA GLU B 378 -10.38 31.00 -47.88
C GLU B 378 -11.00 31.86 -46.79
N MET B 379 -12.18 31.49 -46.28
CA MET B 379 -12.90 32.28 -45.29
C MET B 379 -12.87 33.74 -45.68
N SER B 380 -12.42 34.62 -44.78
CA SER B 380 -12.37 36.05 -45.06
C SER B 380 -10.95 36.58 -44.98
N ALA B 381 -9.99 35.75 -45.41
CA ALA B 381 -8.60 36.19 -45.41
C ALA B 381 -8.41 37.42 -46.30
N ALA B 382 -9.11 37.48 -47.43
CA ALA B 382 -8.95 38.60 -48.35
C ALA B 382 -9.41 39.90 -47.70
N GLY B 383 -10.53 39.85 -46.96
CA GLY B 383 -10.99 41.04 -46.29
C GLY B 383 -9.99 41.56 -45.27
N VAL B 384 -9.41 40.65 -44.48
CA VAL B 384 -8.41 41.03 -43.51
C VAL B 384 -7.23 41.70 -44.19
N ALA B 385 -6.76 41.11 -45.29
CA ALA B 385 -5.67 41.73 -46.05
C ALA B 385 -6.10 43.08 -46.59
N ASP B 386 -7.32 43.18 -47.10
CA ASP B 386 -7.82 44.47 -47.58
C ASP B 386 -7.70 45.54 -46.51
N LYS B 387 -8.14 45.22 -45.30
CA LYS B 387 -8.13 46.19 -44.21
C LYS B 387 -6.72 46.50 -43.75
N MET B 388 -5.81 45.53 -43.80
CA MET B 388 -4.41 45.80 -43.45
C MET B 388 -3.76 46.70 -44.48
N ILE B 389 -4.00 46.43 -45.78
CA ILE B 389 -3.40 47.24 -46.83
C ILE B 389 -3.92 48.67 -46.75
N GLU B 390 -5.19 48.83 -46.39
CA GLU B 390 -5.75 50.15 -46.15
C GLU B 390 -4.93 50.90 -45.10
N GLN B 391 -4.66 50.25 -43.97
CA GLN B 391 -3.91 50.90 -42.89
C GLN B 391 -2.47 51.16 -43.30
N LEU B 392 -1.86 50.26 -44.08
CA LEU B 392 -0.52 50.52 -44.56
C LEU B 392 -0.49 51.73 -45.50
N GLU B 393 -1.53 51.88 -46.32
CA GLU B 393 -1.60 53.03 -47.21
C GLU B 393 -1.81 54.32 -46.43
N ALA B 394 -2.59 54.25 -45.34
CA ALA B 394 -2.78 55.43 -44.50
C ALA B 394 -1.51 55.77 -43.72
N GLY B 395 -0.77 54.75 -43.28
CA GLY B 395 0.45 54.95 -42.53
C GLY B 395 0.27 55.55 -41.15
N THR B 396 -0.96 55.59 -40.65
CA THR B 396 -1.23 56.21 -39.36
C THR B 396 -0.50 55.48 -38.23
N HIS B 397 -0.62 54.15 -38.19
CA HIS B 397 -0.20 53.38 -37.03
C HIS B 397 1.16 52.75 -37.25
N PRO B 398 2.16 53.04 -36.39
CA PRO B 398 3.49 52.42 -36.60
C PRO B 398 3.53 50.93 -36.29
N PHE B 399 2.57 50.39 -35.54
CA PHE B 399 2.45 48.96 -35.33
C PHE B 399 1.07 48.50 -35.75
N ILE B 400 1.00 47.59 -36.70
CA ILE B 400 -0.26 46.98 -37.10
C ILE B 400 -0.09 45.47 -37.07
N MET B 401 -1.18 44.77 -36.82
CA MET B 401 -1.13 43.32 -36.71
C MET B 401 -2.48 42.73 -37.06
N CYS B 402 -2.44 41.54 -37.65
CA CYS B 402 -3.66 40.82 -38.00
C CYS B 402 -3.46 39.33 -37.75
N ASN B 403 -4.58 38.62 -37.78
CA ASN B 403 -4.62 37.16 -37.71
C ASN B 403 -5.22 36.62 -39.00
N PHE B 404 -4.69 35.50 -39.49
CA PHE B 404 -5.25 34.78 -40.63
C PHE B 404 -5.77 33.44 -40.14
N ALA B 405 -7.10 33.28 -40.14
CA ALA B 405 -7.78 32.15 -39.53
C ALA B 405 -7.88 30.87 -40.37
N PRO B 406 -7.82 30.92 -41.69
CA PRO B 406 -8.14 29.72 -42.50
C PRO B 406 -7.32 28.50 -42.10
N PRO B 407 -5.99 28.59 -42.01
CA PRO B 407 -5.22 27.36 -41.80
C PRO B 407 -5.64 26.60 -40.55
N ASP B 408 -6.10 27.30 -39.51
CA ASP B 408 -6.54 26.63 -38.29
C ASP B 408 -7.99 26.16 -38.37
N MET B 409 -8.90 27.04 -38.77
CA MET B 409 -10.31 26.66 -38.74
C MET B 409 -10.63 25.64 -39.82
N VAL B 410 -9.92 25.68 -40.96
CA VAL B 410 -10.10 24.66 -41.98
C VAL B 410 -9.37 23.39 -41.59
N GLY B 411 -8.25 23.50 -40.87
CA GLY B 411 -7.60 22.30 -40.38
C GLY B 411 -8.47 21.50 -39.43
N HIS B 412 -9.31 22.18 -38.64
CA HIS B 412 -10.16 21.48 -37.69
C HIS B 412 -11.26 20.67 -38.34
N THR B 413 -11.58 20.92 -39.62
CA THR B 413 -12.53 20.08 -40.32
C THR B 413 -11.93 18.74 -40.72
N GLY B 414 -10.60 18.68 -40.86
CA GLY B 414 -9.92 17.46 -41.24
C GLY B 414 -9.80 17.23 -42.73
N VAL B 415 -10.40 18.09 -43.57
CA VAL B 415 -10.40 17.90 -45.02
C VAL B 415 -9.06 18.39 -45.55
N TYR B 416 -8.18 17.45 -45.90
CA TYR B 416 -6.83 17.82 -46.33
C TYR B 416 -6.87 18.73 -47.55
N GLU B 417 -7.69 18.38 -48.55
CA GLU B 417 -7.76 19.17 -49.77
C GLU B 417 -8.20 20.60 -49.48
N ALA B 418 -9.20 20.76 -48.61
CA ALA B 418 -9.65 22.09 -48.24
C ALA B 418 -8.58 22.85 -47.46
N ALA B 419 -7.78 22.14 -46.65
CA ALA B 419 -6.71 22.80 -45.93
C ALA B 419 -5.66 23.34 -46.88
N VAL B 420 -5.37 22.60 -47.95
CA VAL B 420 -4.44 23.10 -48.96
C VAL B 420 -4.96 24.42 -49.53
N LYS B 421 -6.25 24.48 -49.84
CA LYS B 421 -6.82 25.70 -50.38
C LYS B 421 -6.72 26.85 -49.39
N ALA B 422 -7.04 26.59 -48.12
CA ALA B 422 -6.93 27.62 -47.09
C ALA B 422 -5.51 28.17 -47.01
N CYS B 423 -4.51 27.30 -47.12
CA CYS B 423 -3.13 27.77 -47.02
C CYS B 423 -2.74 28.61 -48.24
N GLU B 424 -3.10 28.13 -49.43
CA GLU B 424 -2.84 28.92 -50.64
C GLU B 424 -3.47 30.30 -50.55
N ALA B 425 -4.72 30.36 -50.09
CA ALA B 425 -5.38 31.66 -49.93
C ALA B 425 -4.67 32.52 -48.91
N THR B 426 -4.15 31.91 -47.84
CA THR B 426 -3.41 32.66 -46.83
C THR B 426 -2.11 33.20 -47.39
N ASP B 427 -1.40 32.41 -48.19
CA ASP B 427 -0.18 32.89 -48.83
C ASP B 427 -0.48 34.07 -49.75
N ILE B 428 -1.62 34.04 -50.42
CA ILE B 428 -1.98 35.13 -51.33
C ILE B 428 -2.22 36.42 -50.55
N ALA B 429 -3.08 36.36 -49.53
CA ALA B 429 -3.34 37.53 -48.70
C ALA B 429 -2.05 38.08 -48.10
N ILE B 430 -1.10 37.20 -47.77
CA ILE B 430 0.16 37.65 -47.18
C ILE B 430 1.00 38.39 -48.22
N GLY B 431 1.02 37.88 -49.46
CA GLY B 431 1.80 38.53 -50.49
C GLY B 431 1.29 39.92 -50.85
N ARG B 432 -0.03 40.09 -50.83
CA ARG B 432 -0.61 41.42 -51.03
C ARG B 432 -0.20 42.36 -49.91
N ILE B 433 -0.24 41.88 -48.66
CA ILE B 433 0.22 42.70 -47.54
C ILE B 433 1.70 43.02 -47.70
N TYR B 434 2.50 42.01 -48.05
CA TYR B 434 3.94 42.22 -48.19
C TYR B 434 4.24 43.27 -49.26
N GLU B 435 3.54 43.21 -50.39
CA GLU B 435 3.73 44.23 -51.42
C GLU B 435 3.42 45.61 -50.86
N ALA B 436 2.37 45.71 -50.04
CA ALA B 436 1.99 47.00 -49.47
C ALA B 436 3.02 47.51 -48.47
N THR B 437 3.58 46.62 -47.65
CA THR B 437 4.58 47.07 -46.68
C THR B 437 5.80 47.66 -47.39
N GLN B 438 6.19 47.06 -48.52
CA GLN B 438 7.36 47.54 -49.23
C GLN B 438 7.10 48.84 -49.96
N LYS B 439 5.83 49.15 -50.28
CA LYS B 439 5.50 50.42 -50.90
C LYS B 439 5.40 51.55 -49.89
N HIS B 440 5.03 51.24 -48.64
CA HIS B 440 4.62 52.26 -47.67
C HIS B 440 5.48 52.28 -46.41
N GLY B 441 6.67 51.69 -46.47
CA GLY B 441 7.65 51.89 -45.42
C GLY B 441 7.47 51.08 -44.16
N TYR B 442 6.92 49.87 -44.26
CA TYR B 442 6.79 48.99 -43.11
C TYR B 442 7.67 47.76 -43.28
N SER B 443 8.19 47.26 -42.16
CA SER B 443 8.85 45.97 -42.11
C SER B 443 7.80 44.89 -41.82
N LEU B 444 7.87 43.79 -42.56
CA LEU B 444 6.92 42.71 -42.40
C LEU B 444 7.53 41.64 -41.49
N MET B 445 6.73 41.16 -40.55
CA MET B 445 7.11 40.09 -39.64
C MET B 445 5.95 39.10 -39.66
N VAL B 446 6.22 37.85 -40.04
CA VAL B 446 5.18 36.82 -40.09
C VAL B 446 5.53 35.75 -39.07
N THR B 447 4.53 35.36 -38.28
CA THR B 447 4.71 34.30 -37.30
C THR B 447 3.41 33.50 -37.26
N ALA B 448 3.31 32.59 -36.32
CA ALA B 448 2.09 31.83 -36.09
C ALA B 448 1.93 31.62 -34.59
N ASP B 449 0.69 31.34 -34.18
CA ASP B 449 0.42 31.09 -32.76
C ASP B 449 0.62 29.64 -32.36
N HIS B 450 0.65 28.71 -33.34
CA HIS B 450 0.83 27.28 -33.12
C HIS B 450 0.62 26.61 -34.47
N GLY B 451 0.99 25.34 -34.60
CA GLY B 451 0.71 24.60 -35.81
C GLY B 451 -0.64 23.90 -35.79
N ASN B 452 -1.08 23.47 -36.97
CA ASN B 452 -2.33 22.73 -37.15
C ASN B 452 -2.39 22.13 -38.55
N ALA B 453 -2.26 23.01 -39.56
CA ALA B 453 -2.53 22.63 -40.94
C ALA B 453 -1.42 21.80 -41.57
N GLU B 454 -0.24 21.75 -40.96
CA GLU B 454 0.86 20.95 -41.49
C GLU B 454 0.72 19.47 -41.16
N LYS B 455 -0.31 19.09 -40.40
CA LYS B 455 -0.54 17.70 -40.00
C LYS B 455 -2.04 17.47 -40.16
N MET B 456 -2.45 17.05 -41.36
CA MET B 456 -3.87 16.86 -41.64
C MET B 456 -4.29 15.41 -41.77
N LYS B 457 -3.35 14.47 -41.83
CA LYS B 457 -3.67 13.07 -41.95
C LYS B 457 -3.10 12.32 -40.75
N ALA B 458 -3.98 11.57 -40.07
CA ALA B 458 -3.59 10.68 -39.00
C ALA B 458 -2.79 9.52 -39.57
N PRO B 459 -2.12 8.73 -38.73
CA PRO B 459 -1.28 7.66 -39.27
C PRO B 459 -2.03 6.64 -40.10
N ASP B 460 -3.33 6.43 -39.86
CA ASP B 460 -4.12 5.51 -40.66
C ASP B 460 -4.79 6.19 -41.85
N GLY B 461 -4.32 7.38 -42.22
CA GLY B 461 -4.94 8.13 -43.30
C GLY B 461 -6.21 8.84 -42.91
N GLY B 462 -6.62 8.73 -41.65
CA GLY B 462 -7.80 9.43 -41.16
C GLY B 462 -7.55 10.91 -41.00
N LYS B 463 -8.62 11.60 -40.60
CA LYS B 463 -8.62 13.06 -40.49
C LYS B 463 -7.95 13.49 -39.19
N HIS B 464 -6.99 14.41 -39.30
CA HIS B 464 -6.29 15.01 -38.16
C HIS B 464 -6.82 16.43 -37.95
N THR B 465 -7.48 16.66 -36.81
CA THR B 465 -8.20 17.90 -36.59
C THR B 465 -7.66 18.71 -35.41
N ALA B 466 -6.44 18.43 -34.97
CA ALA B 466 -5.92 19.02 -33.74
C ALA B 466 -4.71 19.91 -34.04
N HIS B 467 -4.33 20.69 -33.03
CA HIS B 467 -3.10 21.45 -33.07
C HIS B 467 -1.90 20.52 -32.89
N THR B 468 -0.71 21.09 -33.07
CA THR B 468 0.53 20.32 -33.10
C THR B 468 1.56 20.92 -32.15
N CYS B 469 2.72 20.27 -32.09
CA CYS B 469 3.86 20.72 -31.30
C CYS B 469 4.99 21.28 -32.15
N TYR B 470 4.80 21.43 -33.46
CA TYR B 470 5.89 21.91 -34.28
C TYR B 470 6.17 23.38 -33.98
N ARG B 471 7.39 23.80 -34.29
CA ARG B 471 7.76 25.21 -34.21
C ARG B 471 6.94 26.03 -35.21
N VAL B 472 6.95 27.34 -35.00
CA VAL B 472 6.29 28.26 -35.93
C VAL B 472 7.37 29.15 -36.53
N PRO B 473 7.12 29.71 -37.71
CA PRO B 473 8.10 30.62 -38.31
C PRO B 473 8.11 31.97 -37.61
N LEU B 474 9.21 32.69 -37.78
CA LEU B 474 9.27 34.12 -37.49
C LEU B 474 10.16 34.74 -38.55
N THR B 475 9.56 35.51 -39.44
CA THR B 475 10.24 36.15 -40.56
C THR B 475 10.40 37.65 -40.30
N LEU B 476 11.32 38.27 -41.03
CA LEU B 476 11.55 39.70 -40.89
C LEU B 476 12.13 40.22 -42.21
N SER B 477 11.42 41.14 -42.85
CA SER B 477 11.87 41.70 -44.13
C SER B 477 12.93 42.79 -43.97
N HIS B 478 13.18 43.26 -42.76
CA HIS B 478 14.16 44.33 -42.53
C HIS B 478 15.58 43.76 -42.61
N PRO B 479 16.39 44.18 -43.58
CA PRO B 479 17.72 43.58 -43.74
C PRO B 479 18.76 44.06 -42.74
N GLY B 480 18.44 45.08 -41.92
CA GLY B 480 19.33 45.57 -40.88
C GLY B 480 19.27 44.83 -39.56
N PHE B 481 18.63 43.67 -39.51
CA PHE B 481 18.56 42.87 -38.29
C PHE B 481 18.82 41.41 -38.62
N LYS B 482 19.54 40.74 -37.73
CA LYS B 482 19.83 39.31 -37.86
C LYS B 482 19.25 38.60 -36.65
N PHE B 483 18.53 37.50 -36.89
CA PHE B 483 18.00 36.72 -35.78
C PHE B 483 19.14 36.05 -35.02
N VAL B 484 19.02 36.05 -33.70
CA VAL B 484 19.98 35.41 -32.80
C VAL B 484 19.20 34.77 -31.68
N ASP B 485 19.52 33.52 -31.36
CA ASP B 485 18.78 32.78 -30.36
C ASP B 485 19.11 33.29 -28.95
N PRO B 486 18.21 33.09 -27.99
CA PRO B 486 18.60 33.27 -26.59
C PRO B 486 19.76 32.34 -26.27
N ALA B 487 20.63 32.78 -25.37
CA ALA B 487 21.83 32.00 -25.09
C ALA B 487 21.52 30.74 -24.29
N ASP B 488 20.39 30.70 -23.59
CA ASP B 488 20.11 29.65 -22.64
C ASP B 488 18.91 28.78 -22.99
N ARG B 489 18.23 29.05 -24.10
CA ARG B 489 17.02 28.31 -24.43
C ARG B 489 16.65 28.57 -25.89
N HIS B 490 15.71 27.78 -26.37
CA HIS B 490 15.11 28.00 -27.67
C HIS B 490 14.29 29.28 -27.67
N PRO B 491 14.21 29.98 -28.80
CA PRO B 491 13.28 31.10 -28.91
C PRO B 491 11.83 30.62 -28.87
N ALA B 492 10.97 31.51 -28.40
CA ALA B 492 9.58 31.18 -28.14
C ALA B 492 8.71 32.40 -28.41
N LEU B 493 7.39 32.19 -28.38
CA LEU B 493 6.44 33.29 -28.63
C LEU B 493 6.67 34.47 -27.70
N CYS B 494 7.13 34.22 -26.48
CA CYS B 494 7.41 35.28 -25.51
C CYS B 494 8.47 36.26 -26.01
N ASP B 495 9.20 35.92 -27.06
CA ASP B 495 10.27 36.77 -27.55
C ASP B 495 9.83 37.67 -28.70
N VAL B 496 8.63 37.46 -29.24
CA VAL B 496 8.18 38.25 -30.38
C VAL B 496 8.01 39.71 -30.01
N ALA B 497 7.30 40.00 -28.92
CA ALA B 497 7.01 41.40 -28.60
C ALA B 497 8.27 42.17 -28.20
N PRO B 498 9.18 41.58 -27.42
CA PRO B 498 10.45 42.29 -27.19
C PRO B 498 11.23 42.53 -28.46
N THR B 499 11.11 41.63 -29.45
CA THR B 499 11.81 41.81 -30.71
C THR B 499 11.19 42.94 -31.52
N VAL B 500 9.86 42.99 -31.58
CA VAL B 500 9.17 44.10 -32.24
C VAL B 500 9.62 45.42 -31.63
N LEU B 501 9.65 45.50 -30.30
CA LEU B 501 10.00 46.74 -29.64
C LEU B 501 11.43 47.16 -29.99
N ALA B 502 12.36 46.21 -30.02
CA ALA B 502 13.73 46.54 -30.38
C ALA B 502 13.81 47.07 -31.81
N ILE B 503 13.05 46.46 -32.71
CA ILE B 503 13.04 46.89 -34.10
C ILE B 503 12.43 48.28 -34.22
N MET B 504 11.36 48.55 -33.47
CA MET B 504 10.73 49.86 -33.51
C MET B 504 11.52 50.93 -32.79
N GLY B 505 12.56 50.57 -32.03
CA GLY B 505 13.31 51.56 -31.29
C GLY B 505 12.67 52.01 -30.00
N LEU B 506 11.77 51.21 -29.45
CA LEU B 506 11.07 51.51 -28.22
C LEU B 506 11.68 50.76 -27.05
N PRO B 507 11.56 51.29 -25.84
CA PRO B 507 12.06 50.57 -24.66
C PRO B 507 11.23 49.31 -24.41
N GLN B 508 11.79 48.46 -23.55
CA GLN B 508 11.13 47.23 -23.15
C GLN B 508 10.72 47.33 -21.69
N PRO B 509 9.45 47.16 -21.34
CA PRO B 509 9.06 47.23 -19.93
C PRO B 509 9.66 46.09 -19.13
N ALA B 510 9.95 46.39 -17.86
CA ALA B 510 10.53 45.39 -16.98
C ALA B 510 9.68 44.13 -16.93
N GLU B 511 8.36 44.25 -17.04
CA GLU B 511 7.48 43.11 -16.96
C GLU B 511 7.59 42.17 -18.15
N MET B 512 8.10 42.62 -19.29
CA MET B 512 8.36 41.67 -20.38
C MET B 512 9.68 40.96 -20.11
N THR B 513 9.59 39.72 -19.65
CA THR B 513 10.78 38.93 -19.35
C THR B 513 11.25 38.08 -20.51
N GLY B 514 10.52 38.04 -21.62
CA GLY B 514 11.09 37.52 -22.85
C GLY B 514 12.23 38.41 -23.31
N VAL B 515 12.92 37.96 -24.35
CA VAL B 515 14.13 38.65 -24.81
C VAL B 515 14.01 38.95 -26.30
N SER B 516 14.72 39.99 -26.74
CA SER B 516 14.78 40.26 -28.17
C SER B 516 15.67 39.23 -28.83
N ILE B 517 15.25 38.75 -30.00
CA ILE B 517 16.04 37.72 -30.68
C ILE B 517 16.54 38.24 -32.00
N VAL B 518 16.75 39.56 -32.11
CA VAL B 518 17.44 40.14 -33.25
C VAL B 518 18.64 40.95 -32.76
N GLN B 519 19.62 41.11 -33.66
CA GLN B 519 20.75 41.99 -33.48
C GLN B 519 20.88 42.86 -34.72
N LYS B 520 21.31 44.10 -34.54
CA LYS B 520 21.57 44.96 -35.69
C LYS B 520 22.79 44.46 -36.47
N ILE B 521 22.71 44.55 -37.80
CA ILE B 521 23.83 44.25 -38.67
C ILE B 521 23.84 45.29 -39.79
N LYS B 522 25.02 45.57 -40.34
CA LYS B 522 25.12 46.50 -41.46
C LYS B 522 24.35 45.93 -42.66
N LEU B 523 23.67 46.82 -43.41
CA LEU B 523 22.99 46.35 -44.61
C LEU B 523 23.98 45.73 -45.60
N ALA B 524 25.24 46.18 -45.56
CA ALA B 524 26.25 45.57 -46.41
C ALA B 524 26.46 44.11 -46.06
N ALA B 525 26.56 43.80 -44.76
CA ALA B 525 26.76 42.43 -44.30
C ALA B 525 25.53 41.55 -44.49
N ALA B 526 24.40 42.12 -44.88
CA ALA B 526 23.19 41.34 -45.11
C ALA B 526 23.11 40.90 -46.57
N ALA C 2 -2.36 5.37 27.28
CA ALA C 2 -3.78 5.19 26.95
C ALA C 2 -3.98 5.09 25.44
N MET C 3 -5.15 4.62 25.02
CA MET C 3 -5.48 4.51 23.62
C MET C 3 -6.87 5.10 23.39
N ALA C 4 -7.15 5.37 22.11
CA ALA C 4 -8.25 6.27 21.77
C ALA C 4 -9.60 5.76 22.26
N ASN C 5 -9.80 4.44 22.34
CA ASN C 5 -11.11 3.89 22.66
C ASN C 5 -11.22 3.38 24.09
N ASN C 6 -10.23 3.66 24.93
CA ASN C 6 -10.30 3.19 26.32
C ASN C 6 -11.62 3.58 26.98
N SER C 7 -12.09 4.79 26.72
CA SER C 7 -13.28 5.29 27.39
C SER C 7 -14.56 4.60 26.95
N SER C 8 -14.55 3.94 25.80
CA SER C 8 -15.75 3.32 25.27
C SER C 8 -16.02 1.91 25.81
N VAL C 9 -15.11 1.37 26.62
CA VAL C 9 -15.28 0.01 27.14
C VAL C 9 -16.40 -0.03 28.15
N ALA C 10 -17.25 -1.07 28.08
CA ALA C 10 -18.38 -1.17 28.99
C ALA C 10 -17.93 -1.55 30.41
N ASN C 11 -16.95 -2.44 30.52
CA ASN C 11 -16.43 -2.88 31.80
C ASN C 11 -14.93 -3.11 31.67
N LYS C 12 -14.16 -2.52 32.57
CA LYS C 12 -12.73 -2.81 32.63
C LYS C 12 -12.52 -4.14 33.34
N VAL C 13 -11.53 -4.90 32.90
CA VAL C 13 -11.34 -6.27 33.34
C VAL C 13 -9.91 -6.46 33.83
N CYS C 14 -9.77 -7.10 34.98
CA CYS C 14 -8.48 -7.57 35.47
C CYS C 14 -8.49 -9.09 35.47
N LEU C 15 -7.60 -9.69 34.69
CA LEU C 15 -7.51 -11.13 34.56
C LEU C 15 -6.27 -11.64 35.30
N ILE C 16 -6.49 -12.49 36.29
CA ILE C 16 -5.40 -13.16 37.01
C ILE C 16 -5.30 -14.59 36.51
N VAL C 17 -4.11 -14.98 36.03
CA VAL C 17 -3.79 -16.34 35.63
C VAL C 17 -2.90 -16.94 36.70
N ILE C 18 -3.46 -17.73 37.60
CA ILE C 18 -2.62 -18.47 38.55
C ILE C 18 -1.93 -19.61 37.82
N ASP C 19 -0.65 -19.82 38.12
CA ASP C 19 0.11 -20.90 37.52
C ASP C 19 0.05 -22.14 38.41
N GLY C 20 -0.51 -23.22 37.87
CA GLY C 20 -0.50 -24.50 38.56
C GLY C 20 -1.53 -24.66 39.65
N TRP C 21 -2.74 -24.15 39.44
CA TRP C 21 -3.81 -24.15 40.44
C TRP C 21 -5.03 -24.86 39.85
N GLY C 22 -5.19 -26.14 40.17
CA GLY C 22 -6.28 -26.94 39.63
C GLY C 22 -7.37 -27.23 40.62
N VAL C 23 -8.52 -27.68 40.13
CA VAL C 23 -9.68 -27.99 40.96
C VAL C 23 -9.77 -29.50 41.13
N SER C 24 -9.47 -29.99 42.33
CA SER C 24 -9.56 -31.40 42.65
C SER C 24 -10.40 -31.60 43.89
N GLU C 25 -11.33 -32.55 43.84
CA GLU C 25 -12.14 -32.90 45.00
C GLU C 25 -11.45 -33.88 45.93
N ASP C 26 -10.35 -34.50 45.50
CA ASP C 26 -9.63 -35.43 46.38
C ASP C 26 -8.75 -34.63 47.32
N PRO C 27 -8.95 -34.72 48.64
CA PRO C 27 -8.16 -33.90 49.57
C PRO C 27 -6.74 -34.38 49.79
N TYR C 28 -6.41 -35.63 49.44
CA TYR C 28 -5.12 -36.18 49.83
C TYR C 28 -3.99 -35.52 49.04
N GLY C 29 -3.06 -34.89 49.77
CA GLY C 29 -1.97 -34.20 49.14
C GLY C 29 -2.39 -32.97 48.37
N ASN C 30 -3.61 -32.49 48.60
CA ASN C 30 -4.15 -31.34 47.88
C ASN C 30 -3.72 -30.09 48.65
N ALA C 31 -2.65 -29.46 48.19
CA ALA C 31 -2.14 -28.28 48.87
C ALA C 31 -3.07 -27.09 48.73
N ILE C 32 -3.88 -27.05 47.68
CA ILE C 32 -4.80 -25.93 47.52
C ILE C 32 -5.95 -26.07 48.52
N LEU C 33 -6.58 -27.25 48.57
CA LEU C 33 -7.69 -27.45 49.49
C LEU C 33 -7.26 -27.30 50.94
N ASN C 34 -6.08 -27.81 51.29
CA ASN C 34 -5.65 -27.79 52.68
C ASN C 34 -5.03 -26.47 53.09
N ALA C 35 -4.67 -25.62 52.15
CA ALA C 35 -4.21 -24.28 52.47
C ALA C 35 -5.37 -23.38 52.88
N GLN C 36 -5.05 -22.34 53.66
CA GLN C 36 -6.02 -21.29 53.96
C GLN C 36 -6.15 -20.41 52.72
N THR C 37 -7.25 -20.57 51.99
CA THR C 37 -7.51 -19.81 50.76
C THR C 37 -8.89 -19.18 50.83
N PRO C 38 -9.15 -18.35 51.84
CA PRO C 38 -10.51 -17.80 51.99
C PRO C 38 -10.92 -16.86 50.86
N VAL C 39 -9.98 -16.26 50.13
CA VAL C 39 -10.35 -15.38 49.02
C VAL C 39 -10.86 -16.22 47.85
N MET C 40 -10.05 -17.18 47.40
CA MET C 40 -10.47 -18.07 46.32
C MET C 40 -11.68 -18.92 46.71
N ASP C 41 -11.81 -19.27 47.99
CA ASP C 41 -13.00 -19.97 48.45
C ASP C 41 -14.26 -19.16 48.14
N LYS C 42 -14.19 -17.83 48.30
CA LYS C 42 -15.33 -16.97 48.00
C LYS C 42 -15.49 -16.71 46.51
N LEU C 43 -14.40 -16.44 45.80
CA LEU C 43 -14.49 -16.22 44.36
C LEU C 43 -14.96 -17.48 43.64
N CYS C 44 -14.49 -18.64 44.10
CA CYS C 44 -14.91 -19.93 43.54
C CYS C 44 -16.16 -20.45 44.26
N SER C 45 -17.22 -19.66 44.20
CA SER C 45 -18.52 -20.07 44.71
C SER C 45 -19.57 -19.27 43.97
N GLY C 46 -20.81 -19.75 44.04
CA GLY C 46 -21.88 -19.06 43.33
C GLY C 46 -21.63 -19.12 41.83
N ASN C 47 -21.57 -17.95 41.21
CA ASN C 47 -21.38 -17.87 39.75
C ASN C 47 -19.89 -17.97 39.44
N TRP C 48 -19.42 -19.20 39.25
CA TRP C 48 -18.07 -19.46 38.79
C TRP C 48 -18.10 -20.71 37.92
N ALA C 49 -17.03 -20.92 37.16
CA ALA C 49 -16.95 -22.04 36.24
C ALA C 49 -15.67 -22.83 36.50
N GLN C 50 -15.69 -24.09 36.06
CA GLN C 50 -14.51 -24.94 36.04
C GLN C 50 -14.25 -25.30 34.58
N ILE C 51 -13.05 -24.97 34.09
CA ILE C 51 -12.79 -25.06 32.66
C ILE C 51 -11.57 -25.96 32.44
N GLU C 52 -11.53 -26.56 31.25
CA GLU C 52 -10.49 -27.54 30.95
C GLU C 52 -9.22 -26.84 30.51
N ALA C 53 -8.08 -27.43 30.91
CA ALA C 53 -6.76 -26.88 30.63
C ALA C 53 -5.75 -27.96 30.23
N HIS C 54 -6.21 -29.10 29.72
CA HIS C 54 -5.32 -30.19 29.37
C HIS C 54 -5.88 -30.89 28.14
N GLY C 55 -5.07 -31.78 27.57
CA GLY C 55 -5.50 -32.67 26.50
C GLY C 55 -6.10 -31.94 25.33
N LEU C 56 -7.03 -32.62 24.65
CA LEU C 56 -7.59 -32.09 23.43
C LEU C 56 -8.26 -30.74 23.64
N HIS C 57 -8.71 -30.44 24.87
CA HIS C 57 -9.36 -29.17 25.15
C HIS C 57 -8.44 -27.99 24.86
N VAL C 58 -7.13 -28.19 24.97
CA VAL C 58 -6.16 -27.13 24.72
C VAL C 58 -5.20 -27.51 23.59
N GLY C 59 -5.62 -28.41 22.71
CA GLY C 59 -4.83 -28.71 21.53
C GLY C 59 -3.67 -29.67 21.73
N LEU C 60 -3.66 -30.40 22.86
CA LEU C 60 -2.68 -31.41 23.22
C LEU C 60 -3.25 -32.80 23.04
N PRO C 61 -2.39 -33.82 22.91
CA PRO C 61 -2.88 -35.20 22.86
C PRO C 61 -3.84 -35.50 24.00
N GLU C 62 -4.85 -36.31 23.70
CA GLU C 62 -5.87 -36.62 24.70
C GLU C 62 -5.23 -37.18 25.96
N GLY C 63 -5.73 -36.71 27.11
CA GLY C 63 -5.24 -37.16 28.39
C GLY C 63 -3.91 -36.61 28.83
N LEU C 64 -3.26 -35.76 28.04
CA LEU C 64 -1.97 -35.21 28.43
C LEU C 64 -2.15 -33.99 29.33
N MET C 65 -1.36 -33.93 30.40
CA MET C 65 -1.41 -32.82 31.33
CA MET C 65 -1.45 -32.82 31.33
C MET C 65 -1.16 -31.49 30.62
N GLY C 66 -1.76 -30.42 31.15
CA GLY C 66 -1.51 -29.09 30.62
C GLY C 66 -0.13 -28.60 31.01
N ASN C 67 0.24 -27.43 30.47
CA ASN C 67 1.53 -26.83 30.81
C ASN C 67 1.45 -25.32 30.61
N SER C 68 2.49 -24.62 31.07
CA SER C 68 2.43 -23.16 31.10
C SER C 68 2.40 -22.56 29.71
N GLU C 69 3.20 -23.09 28.79
CA GLU C 69 3.28 -22.52 27.45
C GLU C 69 1.95 -22.70 26.72
N VAL C 70 1.42 -23.92 26.71
CA VAL C 70 0.15 -24.19 26.08
C VAL C 70 -0.98 -23.42 26.75
N GLY C 71 -0.96 -23.37 28.09
CA GLY C 71 -2.04 -22.69 28.80
C GLY C 71 -2.13 -21.21 28.47
N HIS C 72 -0.98 -20.53 28.47
CA HIS C 72 -1.00 -19.09 28.17
C HIS C 72 -1.24 -18.85 26.69
N LEU C 73 -0.79 -19.74 25.81
CA LEU C 73 -1.15 -19.64 24.39
C LEU C 73 -2.66 -19.71 24.23
N ASN C 74 -3.31 -20.66 24.90
CA ASN C 74 -4.74 -20.82 24.69
C ASN C 74 -5.53 -19.67 25.32
N ILE C 75 -5.18 -19.28 26.54
CA ILE C 75 -5.88 -18.17 27.19
C ILE C 75 -5.77 -16.92 26.34
N GLY C 76 -4.56 -16.62 25.88
CA GLY C 76 -4.36 -15.39 25.12
C GLY C 76 -4.96 -15.43 23.74
N ALA C 77 -5.11 -16.61 23.15
CA ALA C 77 -5.49 -16.71 21.75
C ALA C 77 -7.00 -16.77 21.53
N GLY C 78 -7.78 -17.14 22.53
CA GLY C 78 -9.23 -17.25 22.34
C GLY C 78 -9.62 -18.29 21.32
N ARG C 79 -8.81 -19.33 21.18
CA ARG C 79 -9.09 -20.42 20.26
C ARG C 79 -8.25 -21.60 20.73
N VAL C 80 -8.67 -22.80 20.32
CA VAL C 80 -7.84 -23.95 20.61
C VAL C 80 -6.59 -23.88 19.74
N ILE C 81 -5.42 -23.86 20.38
CA ILE C 81 -4.15 -23.82 19.67
C ILE C 81 -3.70 -25.27 19.49
N TYR C 82 -3.96 -25.82 18.30
CA TYR C 82 -3.74 -27.25 18.04
C TYR C 82 -2.27 -27.49 17.75
N GLN C 83 -1.64 -28.34 18.56
CA GLN C 83 -0.28 -28.75 18.27
C GLN C 83 -0.30 -29.74 17.09
N ASP C 84 0.88 -29.95 16.50
CA ASP C 84 0.96 -30.62 15.21
C ASP C 84 0.36 -32.02 15.26
N ILE C 85 0.68 -32.79 16.30
CA ILE C 85 0.21 -34.18 16.36
C ILE C 85 -1.32 -34.22 16.34
N VAL C 86 -1.97 -33.26 17.00
CA VAL C 86 -3.42 -33.28 17.04
C VAL C 86 -4.01 -32.80 15.72
N ARG C 87 -3.41 -31.76 15.12
CA ARG C 87 -3.84 -31.31 13.80
C ARG C 87 -3.80 -32.44 12.79
N ILE C 88 -2.70 -33.21 12.80
CA ILE C 88 -2.54 -34.28 11.82
C ILE C 88 -3.50 -35.42 12.13
N ASN C 89 -3.64 -35.78 13.41
CA ASN C 89 -4.62 -36.80 13.79
C ASN C 89 -6.03 -36.40 13.36
N LEU C 90 -6.38 -35.12 13.53
CA LEU C 90 -7.68 -34.65 13.08
C LEU C 90 -7.82 -34.76 11.56
N ALA C 91 -6.78 -34.36 10.82
CA ALA C 91 -6.83 -34.42 9.36
C ALA C 91 -6.99 -35.86 8.87
N VAL C 92 -6.36 -36.81 9.57
CA VAL C 92 -6.56 -38.21 9.24
C VAL C 92 -8.02 -38.60 9.46
N LYS C 93 -8.53 -38.35 10.67
CA LYS C 93 -9.91 -38.71 10.98
C LYS C 93 -10.89 -38.11 9.99
N ASN C 94 -10.61 -36.90 9.50
CA ASN C 94 -11.55 -36.16 8.67
C ASN C 94 -11.23 -36.24 7.18
N ASN C 95 -10.29 -37.12 6.78
CA ASN C 95 -10.01 -37.38 5.37
C ASN C 95 -9.59 -36.11 4.63
N LYS C 96 -8.71 -35.32 5.24
CA LYS C 96 -8.25 -34.09 4.64
C LYS C 96 -6.91 -34.22 3.93
N PHE C 97 -6.35 -35.43 3.83
CA PHE C 97 -5.10 -35.58 3.09
C PHE C 97 -5.34 -35.49 1.59
N VAL C 98 -6.39 -36.16 1.09
CA VAL C 98 -6.66 -36.13 -0.35
C VAL C 98 -6.84 -34.72 -0.89
N THR C 99 -7.20 -33.76 -0.03
CA THR C 99 -7.36 -32.38 -0.44
C THR C 99 -6.34 -31.45 0.19
N ASN C 100 -5.40 -31.97 0.98
CA ASN C 100 -4.34 -31.14 1.54
C ASN C 100 -3.62 -30.41 0.41
N GLU C 101 -3.42 -29.10 0.59
CA GLU C 101 -2.88 -28.27 -0.48
C GLU C 101 -1.49 -28.73 -0.89
N SER C 102 -0.58 -28.89 0.07
CA SER C 102 0.80 -29.22 -0.29
C SER C 102 0.91 -30.64 -0.80
N LEU C 103 0.08 -31.56 -0.31
CA LEU C 103 0.16 -32.93 -0.81
C LEU C 103 -0.30 -33.00 -2.27
N VAL C 104 -1.43 -32.37 -2.58
CA VAL C 104 -1.87 -32.27 -3.98
C VAL C 104 -0.77 -31.66 -4.84
N ASP C 105 -0.06 -30.66 -4.30
CA ASP C 105 0.98 -30.00 -5.06
C ASP C 105 2.16 -30.92 -5.32
N ALA C 106 2.52 -31.75 -4.33
CA ALA C 106 3.60 -32.71 -4.54
C ALA C 106 3.17 -33.80 -5.51
N CYS C 107 1.95 -34.34 -5.34
CA CYS C 107 1.45 -35.36 -6.25
C CYS C 107 1.30 -34.83 -7.66
N ASP C 108 0.92 -33.54 -7.80
CA ASP C 108 0.84 -32.94 -9.13
C ASP C 108 2.21 -32.87 -9.79
N ARG C 109 3.24 -32.49 -9.03
CA ARG C 109 4.58 -32.45 -9.60
C ARG C 109 5.00 -33.83 -10.10
N ALA C 110 4.71 -34.88 -9.33
CA ALA C 110 5.07 -36.23 -9.75
C ALA C 110 4.32 -36.63 -11.03
N LYS C 111 3.00 -36.44 -11.04
CA LYS C 111 2.19 -36.83 -12.18
C LYS C 111 2.65 -36.12 -13.45
N ASN C 112 2.94 -34.84 -13.36
CA ASN C 112 3.35 -34.05 -14.52
C ASN C 112 4.84 -34.16 -14.81
N GLY C 113 5.58 -34.92 -14.00
CA GLY C 113 7.01 -35.12 -14.21
C GLY C 113 7.33 -36.58 -14.49
N ASN C 114 8.27 -37.16 -13.75
CA ASN C 114 8.68 -38.54 -13.97
C ASN C 114 7.83 -39.54 -13.20
N GLY C 115 6.76 -39.09 -12.54
CA GLY C 115 5.82 -39.99 -11.91
C GLY C 115 6.28 -40.65 -10.64
N ARG C 116 7.41 -40.22 -10.09
CA ARG C 116 8.06 -40.91 -8.98
C ARG C 116 8.03 -40.05 -7.72
N LEU C 117 7.54 -40.64 -6.63
CA LEU C 117 7.34 -39.94 -5.37
C LEU C 117 7.85 -40.82 -4.23
N HIS C 118 8.52 -40.21 -3.27
CA HIS C 118 9.08 -40.90 -2.13
C HIS C 118 8.42 -40.41 -0.85
N LEU C 119 8.22 -41.35 0.09
CA LEU C 119 7.79 -41.08 1.46
C LEU C 119 8.90 -41.55 2.38
N ALA C 120 9.28 -40.73 3.35
CA ALA C 120 10.35 -41.08 4.25
C ALA C 120 10.06 -40.60 5.66
N GLY C 121 10.31 -41.44 6.65
CA GLY C 121 10.14 -41.04 8.03
C GLY C 121 10.19 -42.22 8.98
N LEU C 122 10.01 -41.90 10.26
CA LEU C 122 10.06 -42.89 11.33
C LEU C 122 8.81 -43.76 11.30
N VAL C 123 8.99 -45.07 11.20
CA VAL C 123 7.85 -45.98 11.09
C VAL C 123 7.71 -46.72 12.42
N SER C 124 6.81 -46.21 13.26
CA SER C 124 6.42 -46.84 14.52
C SER C 124 5.16 -46.13 14.99
N ASP C 125 4.54 -46.67 16.04
CA ASP C 125 3.46 -45.99 16.74
C ASP C 125 3.96 -45.20 17.94
N GLY C 126 5.19 -44.69 17.88
CA GLY C 126 5.72 -43.91 18.99
C GLY C 126 4.93 -42.63 19.22
N GLY C 127 4.57 -41.93 18.15
CA GLY C 127 3.78 -40.74 18.26
C GLY C 127 4.53 -39.49 18.67
N VAL C 128 5.83 -39.56 18.85
CA VAL C 128 6.61 -38.39 19.28
C VAL C 128 7.19 -37.65 18.09
N HIS C 129 7.72 -38.39 17.11
CA HIS C 129 8.24 -37.80 15.89
C HIS C 129 7.33 -38.03 14.70
N SER C 130 6.50 -39.06 14.76
CA SER C 130 5.66 -39.49 13.66
C SER C 130 4.62 -40.44 14.21
N HIS C 131 3.77 -40.94 13.33
CA HIS C 131 2.95 -42.10 13.63
C HIS C 131 2.76 -42.88 12.34
N ILE C 132 2.88 -44.21 12.45
CA ILE C 132 2.68 -45.07 11.28
C ILE C 132 1.32 -44.84 10.66
N ASP C 133 0.30 -44.56 11.48
CA ASP C 133 -1.03 -44.28 10.96
C ASP C 133 -1.02 -43.08 10.01
N HIS C 134 -0.14 -42.10 10.24
CA HIS C 134 -0.05 -40.97 9.32
C HIS C 134 0.51 -41.41 7.98
N MET C 135 1.53 -42.26 8.01
CA MET C 135 2.13 -42.77 6.78
CA MET C 135 2.12 -42.76 6.78
C MET C 135 1.11 -43.57 5.99
N PHE C 136 0.38 -44.47 6.67
CA PHE C 136 -0.67 -45.23 6.00
C PHE C 136 -1.67 -44.30 5.32
N ALA C 137 -2.10 -43.25 6.02
CA ALA C 137 -3.08 -42.34 5.43
C ALA C 137 -2.48 -41.63 4.22
N LEU C 138 -1.20 -41.29 4.28
CA LEU C 138 -0.55 -40.64 3.15
C LEU C 138 -0.50 -41.57 1.94
N VAL C 139 -0.19 -42.85 2.16
CA VAL C 139 -0.14 -43.80 1.05
C VAL C 139 -1.51 -43.89 0.37
N LYS C 140 -2.56 -44.06 1.16
CA LYS C 140 -3.90 -44.14 0.57
C LYS C 140 -4.22 -42.89 -0.24
N ALA C 141 -3.89 -41.72 0.29
CA ALA C 141 -4.22 -40.48 -0.40
C ALA C 141 -3.42 -40.33 -1.69
N ILE C 142 -2.14 -40.72 -1.65
CA ILE C 142 -1.28 -40.62 -2.82
C ILE C 142 -1.80 -41.54 -3.93
N LYS C 143 -2.24 -42.74 -3.57
CA LYS C 143 -2.84 -43.62 -4.56
C LYS C 143 -4.08 -42.98 -5.17
N GLU C 144 -4.96 -42.43 -4.33
CA GLU C 144 -6.17 -41.83 -4.83
C GLU C 144 -5.87 -40.69 -5.80
N LEU C 145 -4.83 -39.92 -5.49
CA LEU C 145 -4.42 -38.82 -6.36
C LEU C 145 -3.69 -39.31 -7.60
N GLY C 146 -3.48 -40.61 -7.74
CA GLY C 146 -3.02 -41.19 -8.99
C GLY C 146 -1.56 -41.03 -9.32
N VAL C 147 -0.68 -41.05 -8.32
CA VAL C 147 0.76 -40.98 -8.60
C VAL C 147 1.23 -42.35 -9.10
N PRO C 148 2.01 -42.41 -10.19
CA PRO C 148 2.39 -43.74 -10.73
C PRO C 148 3.25 -44.58 -9.79
N GLU C 149 4.27 -44.00 -9.19
CA GLU C 149 5.24 -44.76 -8.39
C GLU C 149 5.43 -44.12 -7.03
N LEU C 150 5.37 -44.92 -5.97
CA LEU C 150 5.60 -44.45 -4.61
C LEU C 150 6.55 -45.39 -3.90
N TYR C 151 7.63 -44.83 -3.36
CA TYR C 151 8.64 -45.60 -2.63
C TYR C 151 8.71 -45.11 -1.19
N LEU C 152 8.80 -46.06 -0.26
CA LEU C 152 8.85 -45.76 1.16
C LEU C 152 10.25 -46.01 1.70
N HIS C 153 10.76 -45.03 2.45
CA HIS C 153 12.01 -45.15 3.18
C HIS C 153 11.67 -45.18 4.66
N PHE C 154 11.87 -46.35 5.24
CA PHE C 154 11.45 -46.72 6.60
C PHE C 154 12.60 -46.45 7.55
N TYR C 155 12.44 -45.47 8.43
CA TYR C 155 13.46 -45.23 9.45
C TYR C 155 13.05 -46.00 10.70
N GLY C 156 13.99 -46.77 11.25
CA GLY C 156 13.69 -47.63 12.37
C GLY C 156 13.75 -46.86 13.68
N ASP C 157 12.85 -47.22 14.60
CA ASP C 157 12.68 -46.44 15.82
C ASP C 157 13.48 -47.04 16.97
N GLY C 158 12.85 -47.88 17.79
CA GLY C 158 13.54 -48.47 18.92
C GLY C 158 13.81 -47.51 20.06
N ARG C 159 13.44 -46.25 19.92
CA ARG C 159 13.60 -45.25 20.96
C ARG C 159 12.27 -44.84 21.56
N ASP C 160 11.30 -44.46 20.73
CA ASP C 160 9.94 -44.21 21.18
C ASP C 160 9.13 -45.49 21.29
N THR C 161 9.69 -46.62 20.86
CA THR C 161 9.08 -47.93 20.94
C THR C 161 10.18 -48.92 21.31
N SER C 162 9.80 -50.17 21.54
CA SER C 162 10.76 -51.17 21.98
C SER C 162 11.86 -51.37 20.93
N PRO C 163 13.10 -51.62 21.35
CA PRO C 163 14.17 -51.82 20.37
C PRO C 163 13.95 -52.98 19.41
N ASN C 164 13.03 -53.90 19.72
CA ASN C 164 12.78 -55.04 18.85
C ASN C 164 11.37 -55.01 18.26
N SER C 165 10.70 -53.87 18.31
CA SER C 165 9.37 -53.72 17.73
C SER C 165 9.41 -53.44 16.24
N GLY C 166 10.58 -53.20 15.66
CA GLY C 166 10.65 -52.85 14.25
C GLY C 166 10.17 -53.95 13.33
N VAL C 167 10.47 -55.20 13.68
CA VAL C 167 10.02 -56.33 12.85
C VAL C 167 8.51 -56.29 12.68
N GLY C 168 7.78 -55.97 13.76
CA GLY C 168 6.34 -55.88 13.66
C GLY C 168 5.86 -54.76 12.76
N PHE C 169 6.43 -53.56 12.92
CA PHE C 169 6.05 -52.44 12.07
C PHE C 169 6.41 -52.74 10.61
N LEU C 170 7.52 -53.44 10.39
CA LEU C 170 7.91 -53.84 9.05
C LEU C 170 6.88 -54.78 8.44
N GLU C 171 6.52 -55.84 9.17
CA GLU C 171 5.49 -56.76 8.67
C GLU C 171 4.17 -56.04 8.44
N GLN C 172 3.79 -55.12 9.33
CA GLN C 172 2.60 -54.32 9.11
C GLN C 172 2.71 -53.52 7.80
N THR C 173 3.85 -52.86 7.59
CA THR C 173 4.01 -52.04 6.39
C THR C 173 3.96 -52.88 5.13
N LEU C 174 4.63 -54.03 5.12
CA LEU C 174 4.63 -54.88 3.94
C LEU C 174 3.21 -55.34 3.62
N GLU C 175 2.49 -55.83 4.64
CA GLU C 175 1.12 -56.30 4.41
C GLU C 175 0.21 -55.15 3.99
N PHE C 176 0.42 -53.96 4.55
CA PHE C 176 -0.37 -52.80 4.14
C PHE C 176 -0.15 -52.50 2.67
N LEU C 177 1.11 -52.37 2.26
CA LEU C 177 1.40 -52.02 0.88
C LEU C 177 0.95 -53.08 -0.10
N GLU C 178 0.97 -54.35 0.32
CA GLU C 178 0.68 -55.46 -0.59
C GLU C 178 -0.81 -55.77 -0.66
N LYS C 179 -1.47 -55.91 0.50
CA LYS C 179 -2.87 -56.31 0.55
C LYS C 179 -3.83 -55.14 0.73
N THR C 180 -3.56 -54.25 1.69
CA THR C 180 -4.55 -53.23 2.04
C THR C 180 -4.73 -52.21 0.92
N THR C 181 -3.62 -51.70 0.38
CA THR C 181 -3.65 -50.75 -0.71
C THR C 181 -3.25 -51.32 -2.05
N GLY C 182 -2.43 -52.36 -2.07
CA GLY C 182 -1.90 -52.85 -3.34
C GLY C 182 -1.11 -51.81 -4.09
N TYR C 183 -0.39 -50.94 -3.37
CA TYR C 183 0.23 -49.78 -3.97
C TYR C 183 1.35 -49.29 -3.07
N GLY C 184 2.47 -48.92 -3.69
CA GLY C 184 3.65 -48.49 -2.95
C GLY C 184 4.61 -49.63 -2.71
N LYS C 185 5.89 -49.28 -2.58
CA LYS C 185 6.96 -50.26 -2.42
C LYS C 185 7.94 -49.77 -1.37
N LEU C 186 8.27 -50.65 -0.43
CA LEU C 186 9.34 -50.38 0.52
C LEU C 186 10.69 -50.39 -0.18
N ALA C 187 11.49 -49.34 0.04
CA ALA C 187 12.75 -49.16 -0.66
C ALA C 187 13.97 -49.08 0.25
N THR C 188 13.80 -48.70 1.50
CA THR C 188 14.93 -48.54 2.41
C THR C 188 14.47 -48.83 3.84
N VAL C 189 15.33 -49.48 4.61
CA VAL C 189 15.19 -49.61 6.05
C VAL C 189 16.53 -49.17 6.65
N VAL C 190 16.49 -48.17 7.51
CA VAL C 190 17.71 -47.68 8.17
C VAL C 190 17.35 -47.09 9.53
N GLY C 191 18.21 -47.31 10.52
CA GLY C 191 17.93 -46.82 11.86
C GLY C 191 17.88 -45.31 11.94
N ARG C 192 17.07 -44.82 12.88
CA ARG C 192 16.97 -43.38 13.14
C ARG C 192 18.29 -42.79 13.62
N TYR C 193 19.16 -43.61 14.22
CA TYR C 193 20.50 -43.14 14.57
C TYR C 193 21.19 -42.50 13.37
N TYR C 194 20.97 -43.06 12.19
CA TYR C 194 21.57 -42.53 10.96
C TYR C 194 20.71 -41.46 10.31
N ALA C 195 19.44 -41.78 10.05
CA ALA C 195 18.61 -40.91 9.23
C ALA C 195 18.11 -39.67 9.98
N MET C 196 18.12 -39.70 11.32
CA MET C 196 17.40 -38.72 12.11
C MET C 196 18.31 -38.08 13.16
N ASP C 197 19.59 -37.89 12.81
CA ASP C 197 20.50 -37.15 13.66
C ASP C 197 20.07 -35.69 13.75
N ARG C 198 20.25 -35.11 14.95
CA ARG C 198 19.95 -33.70 15.17
C ARG C 198 21.13 -32.94 15.75
N ASP C 199 22.29 -33.57 15.90
CA ASP C 199 23.44 -32.95 16.57
C ASP C 199 24.61 -32.73 15.61
N ASN C 200 24.30 -32.52 14.33
CA ASN C 200 25.30 -32.20 13.32
C ASN C 200 26.39 -33.27 13.21
N ARG C 201 25.99 -34.54 13.35
CA ARG C 201 26.87 -35.66 13.06
C ARG C 201 26.54 -36.11 11.63
N TRP C 202 27.06 -35.36 10.67
CA TRP C 202 26.71 -35.60 9.27
C TRP C 202 27.26 -36.91 8.75
N GLU C 203 28.22 -37.51 9.47
CA GLU C 203 28.69 -38.86 9.13
C GLU C 203 27.60 -39.89 9.38
N ARG C 204 26.69 -39.62 10.31
CA ARG C 204 25.53 -40.50 10.50
C ARG C 204 24.51 -40.28 9.39
N ILE C 205 24.23 -39.02 9.05
CA ILE C 205 23.26 -38.72 8.00
C ILE C 205 23.71 -39.32 6.68
N ASN C 206 25.02 -39.34 6.44
CA ASN C 206 25.55 -39.86 5.18
C ASN C 206 25.14 -41.32 4.99
N VAL C 207 25.17 -42.12 6.05
CA VAL C 207 24.76 -43.52 5.94
C VAL C 207 23.33 -43.61 5.39
N ALA C 208 22.43 -42.75 5.88
CA ALA C 208 21.06 -42.75 5.37
C ALA C 208 21.00 -42.15 3.97
N TYR C 209 21.73 -41.06 3.75
CA TYR C 209 21.74 -40.38 2.47
C TYR C 209 22.19 -41.31 1.35
N GLU C 210 23.31 -41.99 1.55
CA GLU C 210 23.83 -42.91 0.54
C GLU C 210 22.92 -44.12 0.37
N ALA C 211 22.26 -44.57 1.43
CA ALA C 211 21.28 -45.63 1.25
C ALA C 211 20.16 -45.17 0.33
N MET C 212 19.70 -43.94 0.52
CA MET C 212 18.55 -43.44 -0.21
C MET C 212 18.90 -43.13 -1.66
N ILE C 213 20.03 -42.47 -1.92
CA ILE C 213 20.33 -42.08 -3.30
C ILE C 213 21.16 -43.12 -4.04
N GLY C 214 21.95 -43.94 -3.32
CA GLY C 214 22.88 -44.82 -3.97
C GLY C 214 22.69 -46.30 -3.70
N GLY C 215 21.77 -46.65 -2.80
CA GLY C 215 21.57 -48.05 -2.49
C GLY C 215 22.72 -48.68 -1.74
N VAL C 216 23.44 -47.90 -0.95
CA VAL C 216 24.58 -48.39 -0.18
C VAL C 216 24.02 -49.07 1.07
N GLY C 217 24.12 -50.40 1.12
CA GLY C 217 23.52 -51.17 2.20
C GLY C 217 23.39 -52.62 1.77
N GLU C 218 22.65 -53.38 2.59
CA GLU C 218 22.42 -54.79 2.32
C GLU C 218 21.20 -54.96 1.44
N THR C 219 21.39 -55.60 0.29
CA THR C 219 20.30 -55.88 -0.63
C THR C 219 19.32 -56.88 -0.02
N SER C 220 18.03 -56.62 -0.19
CA SER C 220 17.01 -57.58 0.24
C SER C 220 15.76 -57.35 -0.59
N ASP C 221 14.67 -58.02 -0.23
CA ASP C 221 13.39 -57.86 -0.90
C ASP C 221 12.29 -58.13 0.12
N GLU C 222 11.03 -58.05 -0.33
CA GLU C 222 9.91 -58.16 0.61
C GLU C 222 9.91 -59.52 1.31
N ALA C 223 10.33 -60.57 0.62
CA ALA C 223 10.31 -61.90 1.21
C ALA C 223 11.45 -62.15 2.18
N GLY C 224 12.54 -61.38 2.09
CA GLY C 224 13.67 -61.62 2.97
C GLY C 224 13.98 -60.56 4.01
N VAL C 225 13.31 -59.41 3.94
CA VAL C 225 13.73 -58.28 4.75
C VAL C 225 13.51 -58.55 6.24
N VAL C 226 12.39 -59.17 6.60
CA VAL C 226 12.14 -59.45 8.01
C VAL C 226 13.22 -60.37 8.56
N GLU C 227 13.62 -61.38 7.79
CA GLU C 227 14.69 -62.25 8.27
C GLU C 227 16.00 -61.48 8.44
N VAL C 228 16.31 -60.58 7.51
CA VAL C 228 17.53 -59.78 7.64
C VAL C 228 17.51 -59.01 8.96
N VAL C 229 16.36 -58.45 9.33
CA VAL C 229 16.29 -57.67 10.56
C VAL C 229 16.47 -58.58 11.78
N ARG C 230 15.83 -59.75 11.76
CA ARG C 230 15.99 -60.69 12.88
C ARG C 230 17.46 -61.05 13.08
N LYS C 231 18.21 -61.24 11.99
CA LYS C 231 19.63 -61.53 12.14
C LYS C 231 20.38 -60.34 12.73
N ARG C 232 19.99 -59.11 12.37
CA ARG C 232 20.55 -57.95 13.04
C ARG C 232 20.27 -58.01 14.54
N TYR C 233 19.01 -58.29 14.90
CA TYR C 233 18.63 -58.45 16.31
C TYR C 233 19.51 -59.48 17.00
N ALA C 234 19.74 -60.63 16.35
CA ALA C 234 20.59 -61.66 16.95
C ALA C 234 21.96 -61.12 17.30
N ALA C 235 22.54 -60.30 16.42
CA ALA C 235 23.82 -59.63 16.65
C ALA C 235 23.68 -58.40 17.52
N ASP C 236 22.53 -58.21 18.18
CA ASP C 236 22.30 -57.10 19.10
C ASP C 236 22.34 -55.74 18.40
N GLU C 237 22.02 -55.72 17.11
CA GLU C 237 21.82 -54.48 16.36
C GLU C 237 20.31 -54.26 16.27
N THR C 238 19.79 -53.31 17.05
CA THR C 238 18.35 -53.12 17.19
C THR C 238 17.87 -51.95 16.33
N ASP C 239 16.56 -51.68 16.43
CA ASP C 239 15.88 -50.83 15.45
C ASP C 239 16.57 -49.49 15.26
N GLU C 240 16.99 -48.86 16.36
CA GLU C 240 17.55 -47.53 16.28
C GLU C 240 18.82 -47.51 15.43
N PHE C 241 19.55 -48.62 15.40
CA PHE C 241 20.89 -48.64 14.82
C PHE C 241 20.98 -49.51 13.59
N LEU C 242 19.84 -49.85 12.98
CA LEU C 242 19.86 -50.72 11.82
C LEU C 242 20.69 -50.09 10.70
N LYS C 243 21.76 -50.78 10.31
CA LYS C 243 22.47 -50.38 9.11
C LYS C 243 21.58 -50.64 7.89
N PRO C 244 21.75 -49.88 6.82
CA PRO C 244 20.74 -49.85 5.76
C PRO C 244 20.46 -51.20 5.14
N ILE C 245 19.19 -51.38 4.78
CA ILE C 245 18.71 -52.49 3.95
C ILE C 245 18.05 -51.87 2.72
N ILE C 246 18.37 -52.41 1.55
CA ILE C 246 18.03 -51.79 0.27
C ILE C 246 17.08 -52.70 -0.49
N LEU C 247 15.89 -52.18 -0.81
CA LEU C 247 14.91 -52.90 -1.61
C LEU C 247 14.64 -52.16 -2.91
N GLN C 248 14.22 -52.93 -3.91
CA GLN C 248 13.85 -52.48 -5.25
C GLN C 248 15.04 -52.00 -6.07
N GLY C 249 16.26 -52.08 -5.55
CA GLY C 249 17.40 -51.69 -6.35
C GLY C 249 17.35 -50.22 -6.75
N GLU C 250 17.93 -49.93 -7.92
CA GLU C 250 18.03 -48.54 -8.36
C GLU C 250 16.67 -47.87 -8.47
N LYS C 251 15.63 -48.63 -8.82
CA LYS C 251 14.32 -48.04 -8.99
C LYS C 251 13.79 -47.39 -7.71
N GLY C 252 14.19 -47.92 -6.56
CA GLY C 252 13.77 -47.37 -5.29
C GLY C 252 14.61 -46.24 -4.75
N ARG C 253 15.70 -45.89 -5.43
CA ARG C 253 16.55 -44.79 -5.01
C ARG C 253 15.92 -43.44 -5.36
N VAL C 254 16.34 -42.42 -4.61
CA VAL C 254 16.03 -41.04 -4.97
C VAL C 254 16.90 -40.67 -6.17
N GLN C 255 16.27 -40.44 -7.32
CA GLN C 255 16.94 -40.13 -8.57
C GLN C 255 16.61 -38.71 -9.00
N ASN C 256 17.28 -38.27 -10.07
CA ASN C 256 17.01 -36.97 -10.66
C ASN C 256 15.51 -36.77 -10.91
N ASP C 257 15.04 -35.56 -10.66
CA ASP C 257 13.68 -35.11 -10.91
C ASP C 257 12.68 -35.70 -9.91
N ASP C 258 13.12 -36.53 -8.97
CA ASP C 258 12.18 -37.15 -8.04
C ASP C 258 11.61 -36.13 -7.06
N THR C 259 10.46 -36.48 -6.47
CA THR C 259 9.81 -35.70 -5.43
C THR C 259 9.79 -36.50 -4.13
N ILE C 260 10.06 -35.83 -3.01
CA ILE C 260 10.17 -36.50 -1.71
C ILE C 260 9.28 -35.80 -0.69
N ILE C 261 8.57 -36.60 0.10
CA ILE C 261 7.77 -36.13 1.23
C ILE C 261 8.30 -36.81 2.48
N PHE C 262 8.81 -36.01 3.43
CA PHE C 262 9.14 -36.49 4.77
C PHE C 262 7.89 -36.38 5.64
N PHE C 263 7.47 -37.49 6.25
CA PHE C 263 6.21 -37.49 6.98
C PHE C 263 6.35 -37.33 8.49
N ASP C 264 7.57 -37.18 9.01
CA ASP C 264 7.74 -36.84 10.42
C ASP C 264 7.24 -35.43 10.68
N TYR C 265 6.52 -35.23 11.79
CA TYR C 265 6.06 -33.89 12.11
C TYR C 265 7.00 -33.13 13.03
N ARG C 266 7.96 -33.80 13.66
CA ARG C 266 8.88 -33.17 14.60
C ARG C 266 10.12 -32.67 13.85
N ALA C 267 10.40 -31.37 13.98
CA ALA C 267 11.38 -30.72 13.12
C ALA C 267 12.81 -31.06 13.47
N ASP C 268 13.12 -31.30 14.75
CA ASP C 268 14.52 -31.35 15.15
C ASP C 268 15.28 -32.48 14.46
N ARG C 269 14.68 -33.66 14.34
CA ARG C 269 15.38 -34.80 13.76
C ARG C 269 15.15 -34.92 12.27
N MET C 270 14.55 -33.90 11.65
CA MET C 270 14.28 -33.89 10.22
C MET C 270 15.06 -32.81 9.50
N ARG C 271 15.56 -31.81 10.22
CA ARG C 271 16.26 -30.69 9.57
C ARG C 271 17.44 -31.18 8.74
N GLU C 272 18.21 -32.13 9.28
CA GLU C 272 19.45 -32.54 8.63
C GLU C 272 19.19 -33.33 7.36
N ILE C 273 18.44 -34.43 7.45
CA ILE C 273 18.23 -35.25 6.26
C ILE C 273 17.45 -34.48 5.20
N SER C 274 16.47 -33.66 5.63
CA SER C 274 15.70 -32.93 4.62
C SER C 274 16.57 -31.86 3.95
N ALA C 275 17.45 -31.21 4.72
CA ALA C 275 18.32 -30.21 4.11
C ALA C 275 19.42 -30.85 3.29
N ALA C 276 19.84 -32.08 3.64
CA ALA C 276 20.77 -32.80 2.78
C ALA C 276 20.13 -33.13 1.43
N MET C 277 18.84 -33.44 1.43
CA MET C 277 18.18 -33.78 0.18
C MET C 277 17.79 -32.55 -0.62
N GLY C 278 17.29 -31.51 0.06
CA GLY C 278 16.65 -30.41 -0.64
C GLY C 278 17.41 -29.09 -0.68
N MET C 279 18.54 -29.03 0.03
CA MET C 279 19.41 -27.86 -0.01
C MET C 279 20.86 -28.30 -0.23
N ASP C 280 21.82 -27.64 0.44
CA ASP C 280 23.24 -27.85 0.15
C ASP C 280 23.94 -28.66 1.23
N ARG C 281 23.22 -29.21 2.20
CA ARG C 281 23.87 -29.90 3.31
C ARG C 281 24.34 -31.30 2.93
N TYR C 282 24.09 -31.75 1.70
CA TYR C 282 24.76 -32.96 1.23
C TYR C 282 26.27 -32.76 1.20
N LYS C 283 26.71 -31.51 1.01
CA LYS C 283 28.14 -31.21 1.06
C LYS C 283 28.74 -31.65 2.39
N ASP C 284 27.99 -31.46 3.48
CA ASP C 284 28.47 -31.90 4.79
C ASP C 284 28.61 -33.40 4.86
N CYS C 285 27.88 -34.14 4.01
CA CYS C 285 27.92 -35.60 4.04
C CYS C 285 29.19 -36.15 3.40
N ASN C 286 29.85 -35.36 2.56
CA ASN C 286 31.16 -35.71 2.00
C ASN C 286 31.11 -37.09 1.31
N SER C 287 30.03 -37.32 0.57
CA SER C 287 29.82 -38.57 -0.14
C SER C 287 30.52 -38.53 -1.50
N LYS C 288 30.93 -39.70 -1.97
CA LYS C 288 31.43 -39.82 -3.33
C LYS C 288 30.31 -40.03 -4.34
N LEU C 289 29.06 -40.07 -3.88
CA LEU C 289 27.90 -40.19 -4.76
C LEU C 289 27.43 -38.80 -5.18
N ALA C 290 27.01 -38.68 -6.43
CA ALA C 290 26.50 -37.42 -6.95
C ALA C 290 25.14 -37.08 -6.34
N HIS C 291 24.95 -35.81 -6.03
CA HIS C 291 23.65 -35.35 -5.55
C HIS C 291 22.66 -35.31 -6.71
N PRO C 292 21.51 -35.98 -6.61
CA PRO C 292 20.53 -35.91 -7.69
C PRO C 292 20.09 -34.48 -7.97
N SER C 293 19.74 -34.22 -9.23
CA SER C 293 19.33 -32.90 -9.69
C SER C 293 17.82 -32.78 -9.75
N ASN C 294 17.34 -31.55 -9.57
CA ASN C 294 15.93 -31.22 -9.74
C ASN C 294 15.03 -31.97 -8.77
N LEU C 295 15.51 -32.17 -7.54
CA LEU C 295 14.66 -32.69 -6.49
C LEU C 295 13.77 -31.59 -5.93
N GLN C 296 12.58 -31.97 -5.47
CA GLN C 296 11.77 -31.09 -4.64
C GLN C 296 11.34 -31.83 -3.38
N VAL C 297 11.58 -31.20 -2.23
CA VAL C 297 11.33 -31.80 -0.93
C VAL C 297 10.13 -31.12 -0.29
N TYR C 298 9.25 -31.94 0.28
CA TYR C 298 8.11 -31.49 1.07
C TYR C 298 8.22 -32.07 2.47
N GLY C 299 7.70 -31.33 3.45
CA GLY C 299 7.70 -31.77 4.83
C GLY C 299 6.29 -31.86 5.37
N MET C 300 6.10 -32.71 6.36
CA MET C 300 4.81 -32.82 7.02
C MET C 300 4.47 -31.52 7.71
N THR C 301 5.47 -30.91 8.33
CA THR C 301 5.42 -29.58 8.93
C THR C 301 6.63 -28.79 8.45
N GLN C 302 6.69 -27.50 8.81
CA GLN C 302 7.84 -26.68 8.46
C GLN C 302 8.99 -26.98 9.43
N TYR C 303 10.13 -27.41 8.89
CA TYR C 303 11.25 -27.85 9.72
C TYR C 303 12.18 -26.72 10.12
N LYS C 304 12.19 -25.63 9.36
CA LYS C 304 13.00 -24.46 9.68
C LYS C 304 12.51 -23.28 8.84
N ALA C 305 12.53 -22.09 9.44
CA ALA C 305 11.97 -20.93 8.77
C ALA C 305 12.65 -20.66 7.43
N GLU C 306 13.97 -20.79 7.37
CA GLU C 306 14.71 -20.49 6.16
C GLU C 306 14.65 -21.59 5.11
N PHE C 307 14.02 -22.73 5.40
CA PHE C 307 13.92 -23.79 4.40
C PHE C 307 12.85 -23.44 3.37
N PRO C 308 13.11 -23.69 2.09
CA PRO C 308 12.11 -23.39 1.06
C PRO C 308 11.05 -24.45 0.88
N PHE C 309 11.06 -25.52 1.69
CA PHE C 309 10.14 -26.62 1.45
C PHE C 309 8.71 -26.22 1.78
N LYS C 310 7.78 -26.67 0.94
CA LYS C 310 6.36 -26.62 1.29
C LYS C 310 6.08 -27.62 2.41
N SER C 311 5.02 -27.36 3.17
CA SER C 311 4.62 -28.22 4.27
C SER C 311 3.15 -28.62 4.11
N LEU C 312 2.86 -29.87 4.45
CA LEU C 312 1.48 -30.32 4.48
C LEU C 312 0.69 -29.57 5.55
N PHE C 313 1.34 -29.21 6.66
CA PHE C 313 0.71 -28.47 7.76
C PHE C 313 1.62 -27.31 8.12
N PRO C 314 1.51 -26.20 7.40
CA PRO C 314 2.37 -25.04 7.68
C PRO C 314 2.10 -24.50 9.07
N PRO C 315 2.96 -23.62 9.58
CA PRO C 315 2.71 -23.03 10.89
C PRO C 315 1.44 -22.18 10.88
N ALA C 316 0.65 -22.32 11.93
CA ALA C 316 -0.60 -21.58 12.01
C ALA C 316 -0.30 -20.09 12.20
N SER C 317 -0.99 -19.25 11.43
CA SER C 317 -1.01 -17.83 11.72
C SER C 317 -1.99 -17.60 12.86
N ASN C 318 -1.49 -17.12 13.99
CA ASN C 318 -2.33 -16.88 15.16
C ASN C 318 -2.78 -15.41 15.15
N LYS C 319 -3.61 -15.09 14.16
CA LYS C 319 -4.02 -13.71 13.93
C LYS C 319 -5.09 -13.30 14.94
N ASN C 320 -4.94 -12.10 15.49
CA ASN C 320 -5.93 -11.48 16.39
C ASN C 320 -6.09 -12.25 17.69
N VAL C 321 -4.97 -12.66 18.29
CA VAL C 321 -4.93 -13.03 19.70
C VAL C 321 -5.38 -11.80 20.49
N LEU C 322 -5.71 -11.97 21.77
CA LEU C 322 -6.30 -10.88 22.54
C LEU C 322 -5.43 -9.63 22.48
N ALA C 323 -4.13 -9.77 22.72
CA ALA C 323 -3.27 -8.60 22.77
C ALA C 323 -3.28 -7.83 21.46
N GLU C 324 -3.25 -8.55 20.33
CA GLU C 324 -3.29 -7.89 19.03
C GLU C 324 -4.64 -7.23 18.79
N TRP C 325 -5.72 -7.89 19.20
CA TRP C 325 -7.07 -7.37 18.96
C TRP C 325 -7.34 -6.13 19.80
N LEU C 326 -6.91 -6.12 21.06
CA LEU C 326 -7.09 -4.93 21.88
C LEU C 326 -6.41 -3.73 21.23
N ALA C 327 -5.16 -3.91 20.80
CA ALA C 327 -4.47 -2.84 20.08
C ALA C 327 -5.25 -2.41 18.85
N GLU C 328 -5.80 -3.38 18.11
CA GLU C 328 -6.56 -3.06 16.91
C GLU C 328 -7.81 -2.25 17.25
N GLN C 329 -8.43 -2.52 18.40
CA GLN C 329 -9.60 -1.77 18.84
C GLN C 329 -9.25 -0.47 19.55
N LYS C 330 -7.96 -0.13 19.61
CA LYS C 330 -7.47 1.07 20.31
C LYS C 330 -7.85 1.02 21.79
N VAL C 331 -7.49 -0.10 22.43
CA VAL C 331 -7.65 -0.30 23.87
C VAL C 331 -6.29 -0.73 24.42
N SER C 332 -5.82 0.00 25.44
CA SER C 332 -4.51 -0.28 26.01
C SER C 332 -4.60 -1.41 27.02
N GLN C 333 -3.43 -1.96 27.40
CA GLN C 333 -3.38 -3.18 28.17
C GLN C 333 -2.07 -3.25 28.96
N PHE C 334 -2.08 -4.10 29.98
CA PHE C 334 -0.96 -4.25 30.91
C PHE C 334 -0.77 -5.74 31.21
N HIS C 335 0.47 -6.23 31.02
CA HIS C 335 0.83 -7.61 31.34
C HIS C 335 1.94 -7.61 32.39
N CYS C 336 1.77 -8.40 33.45
CA CYS C 336 2.75 -8.44 34.54
C CYS C 336 2.99 -9.87 35.01
N ALA C 337 4.26 -10.19 35.26
CA ALA C 337 4.62 -11.47 35.86
C ALA C 337 5.99 -11.33 36.49
N GLU C 338 6.34 -12.30 37.33
CA GLU C 338 7.71 -12.36 37.81
C GLU C 338 8.55 -13.17 36.83
N THR C 339 9.87 -13.11 37.01
CA THR C 339 10.79 -13.66 36.02
C THR C 339 10.39 -15.03 35.51
N GLU C 340 10.13 -15.96 36.43
CA GLU C 340 9.95 -17.35 36.04
C GLU C 340 8.81 -17.54 35.05
N LYS C 341 7.82 -16.64 35.03
CA LYS C 341 6.69 -16.78 34.10
C LYS C 341 6.51 -15.54 33.24
N TYR C 342 7.58 -14.75 33.05
CA TYR C 342 7.44 -13.53 32.26
C TYR C 342 7.27 -13.84 30.77
N ALA C 343 7.96 -14.85 30.26
CA ALA C 343 7.74 -15.27 28.87
C ALA C 343 6.30 -15.67 28.64
N HIS C 344 5.66 -16.25 29.65
CA HIS C 344 4.30 -16.76 29.47
C HIS C 344 3.30 -15.65 29.32
N VAL C 345 3.48 -14.51 30.02
CA VAL C 345 2.53 -13.42 29.88
C VAL C 345 2.88 -12.50 28.73
N THR C 346 3.98 -12.76 28.01
CA THR C 346 4.37 -11.97 26.86
C THR C 346 4.42 -12.87 25.62
N PHE C 347 5.54 -13.56 25.42
CA PHE C 347 5.73 -14.36 24.21
C PHE C 347 4.57 -15.33 23.98
N PHE C 348 4.21 -16.11 25.00
CA PHE C 348 3.19 -17.14 24.80
C PHE C 348 1.78 -16.56 24.81
N PHE C 349 1.45 -15.71 25.79
CA PHE C 349 0.13 -15.09 25.82
C PHE C 349 -0.18 -14.37 24.50
N ASN C 350 0.83 -13.77 23.88
CA ASN C 350 0.65 -13.05 22.62
C ASN C 350 0.76 -13.94 21.38
N GLY C 351 0.63 -15.25 21.54
CA GLY C 351 0.51 -16.15 20.41
C GLY C 351 1.80 -16.80 19.96
N GLY C 352 2.83 -16.82 20.79
CA GLY C 352 4.09 -17.45 20.45
C GLY C 352 4.91 -16.54 19.56
N LEU C 353 5.10 -15.31 20.04
CA LEU C 353 5.56 -14.24 19.17
C LEU C 353 6.18 -13.16 20.04
N GLU C 354 7.41 -12.77 19.70
CA GLU C 354 8.10 -11.71 20.42
C GLU C 354 7.78 -10.39 19.73
N LYS C 355 6.58 -9.89 20.02
CA LYS C 355 6.15 -8.59 19.55
C LYS C 355 5.26 -7.99 20.63
N GLN C 356 5.51 -6.73 20.94
CA GLN C 356 4.74 -5.96 21.89
C GLN C 356 3.84 -5.02 21.08
N PHE C 357 2.54 -5.11 21.31
CA PHE C 357 1.60 -4.39 20.47
C PHE C 357 1.44 -2.95 20.97
N GLU C 358 0.86 -2.12 20.10
CA GLU C 358 0.64 -0.73 20.47
C GLU C 358 -0.32 -0.65 21.65
N GLY C 359 0.07 0.14 22.66
CA GLY C 359 -0.71 0.28 23.87
C GLY C 359 -0.47 -0.77 24.91
N GLU C 360 0.38 -1.76 24.63
CA GLU C 360 0.68 -2.83 25.57
C GLU C 360 1.85 -2.39 26.45
N GLU C 361 1.60 -2.32 27.76
CA GLU C 361 2.62 -2.02 28.75
C GLU C 361 2.95 -3.28 29.53
N ARG C 362 4.23 -3.51 29.79
CA ARG C 362 4.67 -4.72 30.45
C ARG C 362 5.40 -4.38 31.73
N CYS C 363 5.42 -5.35 32.65
CA CYS C 363 6.12 -5.19 33.92
C CYS C 363 6.70 -6.53 34.33
N LEU C 364 8.02 -6.55 34.51
CA LEU C 364 8.75 -7.72 34.96
C LEU C 364 9.13 -7.53 36.41
N VAL C 365 8.67 -8.42 37.28
CA VAL C 365 8.98 -8.40 38.71
C VAL C 365 10.05 -9.46 38.97
N PRO C 366 11.23 -9.08 39.46
CA PRO C 366 12.27 -10.10 39.67
C PRO C 366 11.83 -11.22 40.60
N SER C 367 12.11 -12.45 40.20
CA SER C 367 11.94 -13.60 41.06
C SER C 367 13.05 -13.64 42.12
N PRO C 368 12.78 -14.22 43.29
CA PRO C 368 13.80 -14.24 44.34
C PRO C 368 14.99 -15.12 44.00
N LYS C 369 16.16 -14.70 44.46
CA LYS C 369 17.41 -15.42 44.21
C LYS C 369 17.63 -16.43 45.34
N VAL C 370 16.97 -17.57 45.20
CA VAL C 370 17.10 -18.68 46.13
C VAL C 370 17.53 -19.91 45.35
N ALA C 371 18.10 -20.88 46.07
CA ALA C 371 18.58 -22.10 45.42
C ALA C 371 17.42 -22.89 44.85
N THR C 372 16.35 -23.07 45.62
CA THR C 372 15.12 -23.71 45.17
C THR C 372 13.95 -22.95 45.79
N TYR C 373 12.80 -22.99 45.12
CA TYR C 373 11.71 -22.09 45.51
C TYR C 373 10.94 -22.57 46.74
N ASP C 374 11.10 -23.83 47.17
CA ASP C 374 10.54 -24.24 48.45
C ASP C 374 11.10 -23.42 49.61
N LEU C 375 12.24 -22.75 49.40
CA LEU C 375 12.84 -21.92 50.44
C LEU C 375 12.14 -20.58 50.59
N GLN C 376 11.53 -20.07 49.53
CA GLN C 376 10.71 -18.85 49.59
C GLN C 376 9.43 -19.11 48.80
N PRO C 377 8.52 -19.89 49.38
CA PRO C 377 7.33 -20.31 48.60
C PRO C 377 6.45 -19.16 48.14
N GLU C 378 6.53 -18.00 48.80
CA GLU C 378 5.78 -16.83 48.35
C GLU C 378 6.35 -16.22 47.08
N MET C 379 7.60 -16.55 46.74
CA MET C 379 8.26 -16.06 45.51
C MET C 379 8.09 -14.55 45.47
N SER C 380 7.71 -13.96 44.34
CA SER C 380 7.46 -12.53 44.24
C SER C 380 6.00 -12.21 43.94
N ALA C 381 5.08 -13.03 44.46
CA ALA C 381 3.67 -12.78 44.23
C ALA C 381 3.25 -11.43 44.79
N ALA C 382 3.79 -11.06 45.96
CA ALA C 382 3.43 -9.79 46.56
C ALA C 382 3.82 -8.62 45.65
N GLY C 383 5.01 -8.69 45.04
CA GLY C 383 5.43 -7.62 44.16
C GLY C 383 4.59 -7.53 42.90
N VAL C 384 4.25 -8.68 42.32
CA VAL C 384 3.35 -8.68 41.17
C VAL C 384 2.02 -8.02 41.55
N ALA C 385 1.51 -8.36 42.74
CA ALA C 385 0.26 -7.75 43.19
C ALA C 385 0.41 -6.25 43.36
N ASP C 386 1.56 -5.79 43.87
CA ASP C 386 1.77 -4.34 44.02
C ASP C 386 1.65 -3.64 42.67
N LYS C 387 2.29 -4.19 41.64
CA LYS C 387 2.28 -3.56 40.33
C LYS C 387 0.87 -3.55 39.72
N MET C 388 0.13 -4.64 39.89
CA MET C 388 -1.25 -4.69 39.43
C MET C 388 -2.12 -3.63 40.12
N ILE C 389 -1.93 -3.46 41.43
CA ILE C 389 -2.75 -2.51 42.18
C ILE C 389 -2.41 -1.09 41.79
N GLU C 390 -1.14 -0.81 41.53
CA GLU C 390 -0.77 0.50 40.98
C GLU C 390 -1.56 0.80 39.71
N GLN C 391 -1.75 -0.20 38.86
CA GLN C 391 -2.46 0.01 37.60
C GLN C 391 -3.96 0.15 37.81
N LEU C 392 -4.52 -0.60 38.75
CA LEU C 392 -5.93 -0.44 39.07
C LEU C 392 -6.20 0.96 39.61
N GLU C 393 -5.30 1.47 40.45
CA GLU C 393 -5.49 2.81 41.01
C GLU C 393 -5.40 3.87 39.91
N ALA C 394 -4.46 3.70 38.98
CA ALA C 394 -4.35 4.65 37.87
C ALA C 394 -5.57 4.56 36.95
N GLY C 395 -6.04 3.35 36.69
CA GLY C 395 -7.18 3.14 35.83
C GLY C 395 -6.91 3.36 34.36
N THR C 396 -5.64 3.48 33.96
CA THR C 396 -5.32 3.76 32.57
C THR C 396 -5.80 2.66 31.64
N HIS C 397 -5.54 1.41 31.99
CA HIS C 397 -5.69 0.31 31.06
C HIS C 397 -7.00 -0.43 31.31
N PRO C 398 -7.89 -0.51 30.32
CA PRO C 398 -9.16 -1.24 30.55
C PRO C 398 -8.98 -2.75 30.66
N PHE C 399 -7.85 -3.30 30.21
CA PHE C 399 -7.55 -4.70 30.42
C PHE C 399 -6.15 -4.83 31.02
N ILE C 400 -6.07 -5.42 32.20
CA ILE C 400 -4.80 -5.74 32.83
C ILE C 400 -4.80 -7.22 33.19
N MET C 401 -3.61 -7.81 33.22
CA MET C 401 -3.47 -9.24 33.49
C MET C 401 -2.13 -9.52 34.12
N CYS C 402 -2.09 -10.57 34.95
CA CYS C 402 -0.85 -11.02 35.56
C CYS C 402 -0.87 -12.54 35.70
N ASN C 403 0.31 -13.08 36.02
CA ASN C 403 0.52 -14.47 36.35
C ASN C 403 1.01 -14.55 37.79
N PHE C 404 0.58 -15.56 38.52
CA PHE C 404 1.15 -15.87 39.84
C PHE C 404 1.84 -17.23 39.76
N ALA C 405 3.13 -17.25 40.04
CA ALA C 405 3.98 -18.40 39.81
C ALA C 405 4.06 -19.44 40.93
N PRO C 406 3.83 -19.07 42.19
CA PRO C 406 4.19 -19.99 43.31
C PRO C 406 3.60 -21.38 43.19
N PRO C 407 2.28 -21.54 42.95
CA PRO C 407 1.73 -22.90 43.05
C PRO C 407 2.41 -23.87 42.10
N ASP C 408 2.68 -23.43 40.87
CA ASP C 408 3.36 -24.31 39.93
C ASP C 408 4.83 -24.51 40.32
N MET C 409 5.55 -23.41 40.56
CA MET C 409 6.99 -23.54 40.74
C MET C 409 7.35 -24.16 42.08
N VAL C 410 6.57 -23.88 43.13
CA VAL C 410 6.81 -24.58 44.39
C VAL C 410 6.26 -26.00 44.31
N GLY C 411 5.17 -26.20 43.55
CA GLY C 411 4.70 -27.55 43.32
C GLY C 411 5.74 -28.45 42.69
N HIS C 412 6.57 -27.89 41.80
CA HIS C 412 7.58 -28.71 41.13
C HIS C 412 8.66 -29.19 42.09
N THR C 413 8.80 -28.58 43.27
CA THR C 413 9.78 -29.06 44.24
C THR C 413 9.31 -30.33 44.95
N GLY C 414 8.02 -30.64 44.88
CA GLY C 414 7.47 -31.79 45.58
C GLY C 414 7.31 -31.64 47.07
N VAL C 415 7.66 -30.48 47.65
CA VAL C 415 7.60 -30.27 49.09
C VAL C 415 6.19 -29.80 49.44
N TYR C 416 5.43 -30.67 50.10
CA TYR C 416 4.01 -30.43 50.30
C TYR C 416 3.77 -29.18 51.14
N GLU C 417 4.46 -29.06 52.27
CA GLU C 417 4.21 -27.93 53.16
C GLU C 417 4.58 -26.60 52.52
N ALA C 418 5.59 -26.59 51.67
CA ALA C 418 5.95 -25.37 50.96
C ALA C 418 4.90 -25.03 49.91
N ALA C 419 4.35 -26.04 49.23
CA ALA C 419 3.26 -25.83 48.29
C ALA C 419 2.05 -25.21 48.99
N VAL C 420 1.78 -25.64 50.23
CA VAL C 420 0.69 -25.05 50.99
C VAL C 420 0.95 -23.57 51.22
N LYS C 421 2.17 -23.23 51.64
CA LYS C 421 2.52 -21.83 51.83
C LYS C 421 2.40 -21.05 50.53
N ALA C 422 2.79 -21.66 49.41
CA ALA C 422 2.72 -20.98 48.13
C ALA C 422 1.29 -20.64 47.76
N CYS C 423 0.35 -21.55 48.04
CA CYS C 423 -1.05 -21.29 47.72
C CYS C 423 -1.63 -20.23 48.65
N GLU C 424 -1.23 -20.24 49.92
CA GLU C 424 -1.70 -19.19 50.84
C GLU C 424 -1.17 -17.82 50.42
N ALA C 425 0.11 -17.74 50.03
CA ALA C 425 0.65 -16.48 49.54
C ALA C 425 -0.07 -16.02 48.29
N THR C 426 -0.39 -16.94 47.39
CA THR C 426 -1.10 -16.57 46.18
C THR C 426 -2.52 -16.10 46.49
N ASP C 427 -3.17 -16.72 47.47
CA ASP C 427 -4.52 -16.29 47.83
C ASP C 427 -4.53 -14.88 48.38
N ILE C 428 -3.54 -14.56 49.23
CA ILE C 428 -3.45 -13.22 49.80
C ILE C 428 -3.26 -12.18 48.71
N ALA C 429 -2.42 -12.50 47.71
CA ALA C 429 -2.18 -11.55 46.62
C ALA C 429 -3.45 -11.33 45.80
N ILE C 430 -4.22 -12.41 45.57
CA ILE C 430 -5.48 -12.27 44.85
C ILE C 430 -6.47 -11.42 45.64
N GLY C 431 -6.49 -11.59 46.97
CA GLY C 431 -7.37 -10.77 47.79
C GLY C 431 -7.03 -9.29 47.72
N ARG C 432 -5.74 -8.97 47.71
CA ARG C 432 -5.34 -7.57 47.61
C ARG C 432 -5.75 -6.98 46.25
N ILE C 433 -5.63 -7.78 45.19
CA ILE C 433 -6.05 -7.30 43.88
C ILE C 433 -7.56 -7.16 43.83
N TYR C 434 -8.27 -8.15 44.39
CA TYR C 434 -9.73 -8.11 44.40
C TYR C 434 -10.23 -6.84 45.07
N GLU C 435 -9.67 -6.50 46.23
CA GLU C 435 -10.11 -5.29 46.93
C GLU C 435 -9.89 -4.07 46.06
N ALA C 436 -8.77 -4.03 45.32
CA ALA C 436 -8.50 -2.89 44.46
C ALA C 436 -9.40 -2.86 43.25
N THR C 437 -9.78 -4.03 42.69
CA THR C 437 -10.72 -4.01 41.58
C THR C 437 -12.08 -3.50 42.02
N GLN C 438 -12.48 -3.79 43.26
CA GLN C 438 -13.79 -3.33 43.72
C GLN C 438 -13.76 -1.83 44.01
N LYS C 439 -12.60 -1.29 44.37
CA LYS C 439 -12.46 0.14 44.61
C LYS C 439 -12.45 0.94 43.32
N HIS C 440 -11.95 0.36 42.23
CA HIS C 440 -11.63 1.12 41.03
C HIS C 440 -12.44 0.67 39.82
N GLY C 441 -13.51 -0.07 40.04
CA GLY C 441 -14.46 -0.36 38.99
C GLY C 441 -13.98 -1.34 37.94
N TYR C 442 -13.08 -2.25 38.31
CA TYR C 442 -12.66 -3.34 37.45
C TYR C 442 -13.40 -4.62 37.81
N SER C 443 -13.79 -5.39 36.80
CA SER C 443 -14.28 -6.74 37.03
C SER C 443 -13.07 -7.67 37.17
N LEU C 444 -13.09 -8.53 38.19
CA LEU C 444 -11.99 -9.45 38.42
C LEU C 444 -12.36 -10.82 37.88
N MET C 445 -11.45 -11.41 37.12
CA MET C 445 -11.59 -12.75 36.59
C MET C 445 -10.32 -13.50 36.95
N VAL C 446 -10.45 -14.61 37.67
CA VAL C 446 -9.32 -15.42 38.06
C VAL C 446 -9.42 -16.79 37.40
N THR C 447 -8.31 -17.26 36.85
CA THR C 447 -8.25 -18.56 36.21
C THR C 447 -6.86 -19.13 36.46
N ALA C 448 -6.54 -20.24 35.81
CA ALA C 448 -5.21 -20.83 35.87
C ALA C 448 -4.85 -21.41 34.51
N ASP C 449 -3.56 -21.67 34.30
CA ASP C 449 -3.11 -22.18 33.02
C ASP C 449 -3.11 -23.71 32.95
N HIS C 450 -3.21 -24.37 34.12
CA HIS C 450 -3.21 -25.83 34.26
C HIS C 450 -3.08 -26.11 35.75
N GLY C 451 -3.31 -27.36 36.16
CA GLY C 451 -3.11 -27.72 37.55
C GLY C 451 -1.68 -28.17 37.87
N ASN C 452 -1.42 -28.27 39.17
CA ASN C 452 -0.15 -28.75 39.71
C ASN C 452 -0.29 -28.98 41.23
N ALA C 453 -0.45 -27.89 41.97
CA ALA C 453 -0.35 -27.94 43.42
C ALA C 453 -1.50 -28.67 44.09
N GLU C 454 -2.59 -28.95 43.37
CA GLU C 454 -3.67 -29.73 43.97
C GLU C 454 -3.33 -31.22 44.07
N LYS C 455 -2.18 -31.64 43.52
CA LYS C 455 -1.73 -33.03 43.61
C LYS C 455 -0.25 -33.02 43.95
N MET C 456 0.06 -33.03 45.25
CA MET C 456 1.43 -32.96 45.74
C MET C 456 1.99 -34.33 46.12
N LYS C 457 1.17 -35.36 46.18
CA LYS C 457 1.60 -36.66 46.67
C LYS C 457 1.11 -37.79 45.77
N ALA C 458 2.00 -38.74 45.50
CA ALA C 458 1.63 -40.00 44.90
C ALA C 458 0.82 -40.84 45.90
N PRO C 459 0.12 -41.87 45.42
CA PRO C 459 -0.72 -42.64 46.35
C PRO C 459 0.03 -43.27 47.51
N ASP C 460 1.33 -43.57 47.35
CA ASP C 460 2.11 -44.11 48.46
C ASP C 460 2.64 -43.03 49.39
N GLY C 461 2.26 -41.77 49.18
CA GLY C 461 2.74 -40.69 50.00
C GLY C 461 4.03 -40.06 49.54
N GLY C 462 4.63 -40.56 48.46
CA GLY C 462 5.81 -39.93 47.91
C GLY C 462 5.48 -38.66 47.17
N LYS C 463 6.52 -38.02 46.67
CA LYS C 463 6.38 -36.73 46.03
C LYS C 463 5.64 -36.83 44.71
N HIS C 464 4.87 -35.79 44.40
CA HIS C 464 4.32 -35.55 43.06
C HIS C 464 4.80 -34.17 42.65
N THR C 465 5.38 -34.08 41.45
CA THR C 465 6.02 -32.85 41.00
C THR C 465 5.51 -32.37 39.65
N ALA C 466 4.48 -32.98 39.10
CA ALA C 466 4.11 -32.72 37.71
C ALA C 466 2.86 -31.85 37.62
N HIS C 467 2.62 -31.37 36.40
CA HIS C 467 1.32 -30.78 36.07
C HIS C 467 0.25 -31.86 36.06
N THR C 468 -1.02 -31.44 36.02
CA THR C 468 -2.14 -32.36 36.14
C THR C 468 -3.13 -32.16 35.00
N CYS C 469 -4.17 -33.00 35.00
CA CYS C 469 -5.28 -32.91 34.06
C CYS C 469 -6.55 -32.37 34.68
N TYR C 470 -6.50 -31.84 35.90
CA TYR C 470 -7.69 -31.31 36.54
C TYR C 470 -8.12 -30.01 35.86
N ARG C 471 -9.41 -29.71 35.99
CA ARG C 471 -9.92 -28.42 35.53
C ARG C 471 -9.35 -27.29 36.37
N VAL C 472 -9.49 -26.07 35.86
CA VAL C 472 -9.03 -24.87 36.56
C VAL C 472 -10.23 -23.96 36.77
N PRO C 473 -10.14 -23.03 37.72
CA PRO C 473 -11.25 -22.10 37.93
C PRO C 473 -11.37 -21.09 36.81
N LEU C 474 -12.57 -20.52 36.69
CA LEU C 474 -12.80 -19.23 36.03
C LEU C 474 -13.85 -18.50 36.86
N THR C 475 -13.43 -17.42 37.52
CA THR C 475 -14.28 -16.62 38.37
C THR C 475 -14.64 -15.31 37.68
N LEU C 476 -15.68 -14.65 38.20
CA LEU C 476 -16.11 -13.37 37.66
C LEU C 476 -16.85 -12.60 38.76
N SER C 477 -16.28 -11.46 39.19
CA SER C 477 -16.89 -10.68 40.26
C SER C 477 -18.09 -9.86 39.79
N HIS C 478 -18.24 -9.62 38.49
CA HIS C 478 -19.32 -8.76 37.99
C HIS C 478 -20.67 -9.46 38.15
N PRO C 479 -21.62 -8.90 38.92
CA PRO C 479 -22.87 -9.62 39.18
C PRO C 479 -23.83 -9.64 38.01
N GLY C 480 -23.57 -8.88 36.96
CA GLY C 480 -24.47 -8.78 35.83
C GLY C 480 -24.42 -9.89 34.81
N PHE C 481 -23.56 -10.90 35.03
CA PHE C 481 -23.34 -11.98 34.07
C PHE C 481 -23.44 -13.32 34.78
N LYS C 482 -23.90 -14.34 34.06
CA LYS C 482 -23.98 -15.71 34.55
C LYS C 482 -23.19 -16.61 33.62
N PHE C 483 -22.36 -17.46 34.18
CA PHE C 483 -21.60 -18.41 33.38
C PHE C 483 -22.54 -19.42 32.74
N VAL C 484 -22.29 -19.74 31.48
CA VAL C 484 -23.06 -20.73 30.75
C VAL C 484 -22.09 -21.56 29.93
N ASP C 485 -22.11 -22.89 30.13
CA ASP C 485 -21.20 -23.76 29.41
C ASP C 485 -21.60 -23.84 27.93
N PRO C 486 -20.65 -24.12 27.04
CA PRO C 486 -21.04 -24.42 25.65
C PRO C 486 -21.90 -25.67 25.62
N ALA C 487 -22.83 -25.70 24.67
CA ALA C 487 -23.74 -26.84 24.58
C ALA C 487 -23.02 -28.12 24.19
N ASP C 488 -21.92 -28.02 23.46
CA ASP C 488 -21.29 -29.18 22.83
C ASP C 488 -20.03 -29.67 23.54
N ARG C 489 -19.54 -28.98 24.56
CA ARG C 489 -18.25 -29.35 25.13
C ARG C 489 -18.07 -28.65 26.46
N HIS C 490 -17.12 -29.16 27.25
CA HIS C 490 -16.68 -28.45 28.43
C HIS C 490 -16.12 -27.08 28.02
N PRO C 491 -16.30 -26.05 28.84
CA PRO C 491 -15.54 -24.82 28.63
C PRO C 491 -14.06 -25.09 28.80
N ALA C 492 -13.23 -24.27 28.16
CA ALA C 492 -11.81 -24.50 28.17
C ALA C 492 -11.09 -23.15 28.08
N LEU C 493 -9.75 -23.20 28.13
CA LEU C 493 -8.97 -21.98 28.14
C LEU C 493 -9.27 -21.09 26.93
N CYS C 494 -9.62 -21.70 25.79
CA CYS C 494 -9.93 -20.94 24.58
C CYS C 494 -11.13 -20.02 24.73
N ASP C 495 -11.93 -20.20 25.77
CA ASP C 495 -13.13 -19.40 26.01
C ASP C 495 -12.88 -18.17 26.88
N VAL C 496 -11.69 -18.03 27.46
CA VAL C 496 -11.43 -16.93 28.39
C VAL C 496 -11.46 -15.59 27.65
N ALA C 497 -10.67 -15.45 26.60
CA ALA C 497 -10.61 -14.17 25.89
C ALA C 497 -11.94 -13.77 25.26
N PRO C 498 -12.69 -14.67 24.61
CA PRO C 498 -14.02 -14.26 24.12
C PRO C 498 -14.93 -13.79 25.23
N THR C 499 -14.84 -14.43 26.40
CA THR C 499 -15.64 -14.01 27.56
C THR C 499 -15.19 -12.65 28.05
N VAL C 500 -13.89 -12.41 28.14
CA VAL C 500 -13.39 -11.10 28.51
C VAL C 500 -13.94 -10.04 27.57
N LEU C 501 -13.89 -10.30 26.26
CA LEU C 501 -14.31 -9.30 25.28
C LEU C 501 -15.80 -9.01 25.40
N ALA C 502 -16.61 -10.04 25.63
CA ALA C 502 -18.04 -9.84 25.83
C ALA C 502 -18.29 -8.94 27.03
N ILE C 503 -17.60 -9.21 28.14
CA ILE C 503 -17.79 -8.41 29.35
C ILE C 503 -17.35 -6.98 29.10
N MET C 504 -16.21 -6.81 28.44
CA MET C 504 -15.72 -5.48 28.10
C MET C 504 -16.62 -4.75 27.09
N GLY C 505 -17.53 -5.46 26.43
CA GLY C 505 -18.35 -4.81 25.42
C GLY C 505 -17.63 -4.56 24.12
N LEU C 506 -16.67 -5.42 23.78
CA LEU C 506 -15.86 -5.28 22.59
C LEU C 506 -16.17 -6.41 21.60
N PRO C 507 -15.95 -6.16 20.31
CA PRO C 507 -16.19 -7.21 19.32
C PRO C 507 -15.22 -8.37 19.49
N GLN C 508 -15.61 -9.52 18.97
CA GLN C 508 -14.79 -10.71 19.00
C GLN C 508 -14.33 -11.01 17.58
N PRO C 509 -13.04 -11.09 17.30
CA PRO C 509 -12.58 -11.36 15.94
C PRO C 509 -12.92 -12.77 15.49
N ALA C 510 -13.22 -12.89 14.20
CA ALA C 510 -13.59 -14.19 13.63
C ALA C 510 -12.55 -15.25 13.94
N GLU C 511 -11.29 -14.85 14.10
CA GLU C 511 -10.22 -15.82 14.35
C GLU C 511 -10.26 -16.40 15.75
N MET C 512 -10.88 -15.75 16.73
CA MET C 512 -11.13 -16.47 17.99
C MET C 512 -12.38 -17.32 17.83
N THR C 513 -12.17 -18.61 17.63
CA THR C 513 -13.24 -19.56 17.49
C THR C 513 -13.67 -20.16 18.83
N GLY C 514 -12.98 -19.84 19.92
CA GLY C 514 -13.54 -20.08 21.23
C GLY C 514 -14.84 -19.30 21.39
N VAL C 515 -15.56 -19.57 22.48
CA VAL C 515 -16.87 -18.97 22.65
C VAL C 515 -16.98 -18.24 23.98
N SER C 516 -17.81 -17.20 24.01
CA SER C 516 -18.11 -16.54 25.26
C SER C 516 -18.95 -17.49 26.11
N ILE C 517 -18.60 -17.60 27.38
CA ILE C 517 -19.37 -18.48 28.25
C ILE C 517 -20.07 -17.67 29.33
N VAL C 518 -20.45 -16.43 29.01
CA VAL C 518 -21.36 -15.69 29.88
C VAL C 518 -22.55 -15.16 29.07
N GLN C 519 -23.66 -14.95 29.77
CA GLN C 519 -24.80 -14.19 29.29
C GLN C 519 -25.22 -13.19 30.36
N LYS C 520 -25.85 -12.10 29.95
CA LYS C 520 -26.35 -11.14 30.92
C LYS C 520 -27.45 -11.80 31.73
N ILE C 521 -27.52 -11.47 33.03
CA ILE C 521 -28.47 -12.15 33.91
C ILE C 521 -29.90 -11.80 33.52
N LYS C 522 -30.81 -12.72 33.81
CA LYS C 522 -32.24 -12.54 33.58
C LYS C 522 -32.97 -12.54 34.92
N LEU C 523 -34.21 -12.07 34.89
CA LEU C 523 -35.12 -12.10 36.05
C LEU C 523 -36.20 -11.03 35.89
N ALA D 2 27.88 65.83 -11.60
CA ALA D 2 26.43 65.75 -11.77
C ALA D 2 26.07 65.60 -13.24
N MET D 3 24.89 65.04 -13.51
CA MET D 3 24.34 64.98 -14.85
C MET D 3 22.89 65.41 -14.86
N ALA D 4 22.36 65.52 -16.07
CA ALA D 4 21.14 66.28 -16.31
C ALA D 4 19.95 65.73 -15.53
N ASN D 5 19.81 64.42 -15.45
CA ASN D 5 18.58 63.83 -14.92
C ASN D 5 18.72 63.31 -13.49
N ASN D 6 19.78 63.68 -12.78
CA ASN D 6 19.91 63.25 -11.39
C ASN D 6 18.65 63.57 -10.59
N SER D 7 18.07 64.75 -10.82
CA SER D 7 16.90 65.18 -10.07
C SER D 7 15.63 64.43 -10.48
N SER D 8 15.67 63.67 -11.57
CA SER D 8 14.50 62.94 -12.04
C SER D 8 14.37 61.56 -11.41
N VAL D 9 15.26 61.19 -10.51
CA VAL D 9 15.28 59.85 -9.94
C VAL D 9 14.23 59.76 -8.84
N ALA D 10 13.54 58.61 -8.79
CA ALA D 10 12.50 58.39 -7.80
C ALA D 10 13.08 58.12 -6.42
N ASN D 11 14.15 57.34 -6.35
CA ASN D 11 14.83 57.05 -5.10
C ASN D 11 16.33 56.98 -5.37
N LYS D 12 17.10 57.59 -4.47
CA LYS D 12 18.55 57.47 -4.54
C LYS D 12 18.98 56.19 -3.83
N VAL D 13 19.97 55.50 -4.40
CA VAL D 13 20.34 54.17 -3.95
C VAL D 13 21.83 54.13 -3.63
N CYS D 14 22.16 53.61 -2.46
CA CYS D 14 23.52 53.26 -2.07
C CYS D 14 23.62 51.74 -2.04
N LEU D 15 24.52 51.17 -2.82
CA LEU D 15 24.67 49.72 -2.94
C LEU D 15 26.02 49.31 -2.38
N ILE D 16 25.97 48.50 -1.31
CA ILE D 16 27.17 47.95 -0.71
C ILE D 16 27.34 46.51 -1.19
N VAL D 17 28.46 46.22 -1.82
CA VAL D 17 28.85 44.86 -2.18
C VAL D 17 29.91 44.41 -1.18
N ILE D 18 29.52 43.56 -0.25
CA ILE D 18 30.49 42.92 0.63
C ILE D 18 31.22 41.83 -0.14
N ASP D 19 32.53 41.75 0.03
CA ASP D 19 33.31 40.72 -0.64
C ASP D 19 33.46 39.52 0.28
N GLY D 20 32.99 38.35 -0.18
CA GLY D 20 33.17 37.10 0.53
C GLY D 20 32.33 36.98 1.78
N TRP D 21 31.03 37.28 1.66
CA TRP D 21 30.10 37.33 2.79
C TRP D 21 28.86 36.53 2.39
N GLY D 22 28.80 35.26 2.81
CA GLY D 22 27.72 34.37 2.46
C GLY D 22 26.85 34.02 3.65
N VAL D 23 25.69 33.43 3.33
CA VAL D 23 24.68 33.09 4.32
C VAL D 23 24.75 31.59 4.59
N SER D 24 25.24 31.22 5.77
CA SER D 24 25.33 29.83 6.20
C SER D 24 24.67 29.67 7.56
N GLU D 25 23.80 28.66 7.68
CA GLU D 25 23.15 28.37 8.95
C GLU D 25 24.02 27.56 9.91
N ASP D 26 25.17 27.07 9.47
CA ASP D 26 26.06 26.30 10.34
C ASP D 26 27.01 27.25 11.06
N PRO D 27 27.01 27.28 12.40
CA PRO D 27 27.92 28.20 13.10
C PRO D 27 29.37 27.73 13.15
N TYR D 28 29.65 26.47 12.85
CA TYR D 28 31.00 25.95 13.01
C TYR D 28 31.95 26.63 12.02
N GLY D 29 32.96 27.33 12.54
CA GLY D 29 33.89 28.04 11.70
C GLY D 29 33.28 29.20 10.95
N ASN D 30 32.09 29.64 11.34
CA ASN D 30 31.36 30.69 10.64
C ASN D 30 31.75 32.04 11.25
N ALA D 31 32.74 32.69 10.63
CA ALA D 31 33.24 33.96 11.13
C ALA D 31 32.19 35.07 11.04
N ILE D 32 31.23 34.94 10.13
CA ILE D 32 30.18 35.95 10.00
C ILE D 32 29.16 35.80 11.13
N LEU D 33 28.72 34.57 11.38
CA LEU D 33 27.68 34.34 12.38
C LEU D 33 28.21 34.51 13.80
N ASN D 34 29.48 34.17 14.03
CA ASN D 34 30.04 34.29 15.37
C ASN D 34 30.55 35.69 15.66
N ALA D 35 30.96 36.44 14.64
CA ALA D 35 31.39 37.81 14.84
C ALA D 35 30.22 38.67 15.33
N GLN D 36 30.54 39.73 16.06
CA GLN D 36 29.54 40.72 16.46
C GLN D 36 29.14 41.51 15.22
N THR D 37 27.94 41.26 14.70
CA THR D 37 27.45 41.92 13.49
C THR D 37 26.04 42.45 13.71
N PRO D 38 25.86 43.38 14.66
CA PRO D 38 24.50 43.86 14.95
C PRO D 38 23.85 44.60 13.80
N VAL D 39 24.63 45.28 12.96
CA VAL D 39 24.05 46.06 11.87
C VAL D 39 23.46 45.13 10.82
N MET D 40 24.26 44.19 10.31
CA MET D 40 23.76 43.25 9.32
C MET D 40 22.68 42.34 9.91
N ASP D 41 22.77 42.02 11.20
CA ASP D 41 21.73 41.21 11.83
C ASP D 41 20.37 41.88 11.66
N LYS D 42 20.33 43.21 11.72
CA LYS D 42 19.08 43.94 11.56
C LYS D 42 18.69 44.08 10.08
N LEU D 43 19.63 44.49 9.23
CA LEU D 43 19.31 44.62 7.82
C LEU D 43 18.86 43.28 7.23
N CYS D 44 19.49 42.19 7.66
CA CYS D 44 19.11 40.85 7.19
C CYS D 44 17.98 40.27 8.04
N SER D 45 16.84 40.97 8.00
CA SER D 45 15.65 40.52 8.68
C SER D 45 14.46 41.19 8.01
N GLY D 46 13.27 40.69 8.30
CA GLY D 46 12.08 41.23 7.67
C GLY D 46 12.15 41.08 6.16
N ASN D 47 11.99 42.20 5.46
CA ASN D 47 12.00 42.19 4.00
C ASN D 47 13.45 42.20 3.53
N TRP D 48 13.97 40.99 3.24
CA TRP D 48 15.29 40.84 2.66
C TRP D 48 15.30 39.54 1.88
N ALA D 49 16.30 39.40 1.01
CA ALA D 49 16.38 38.25 0.13
C ALA D 49 17.73 37.56 0.28
N GLN D 50 17.75 36.27 -0.08
CA GLN D 50 18.98 35.51 -0.23
C GLN D 50 19.08 35.09 -1.69
N ILE D 51 20.15 35.51 -2.37
CA ILE D 51 20.25 35.32 -3.80
C ILE D 51 21.51 34.53 -4.13
N GLU D 52 21.46 33.85 -5.28
CA GLU D 52 22.52 32.94 -5.67
C GLU D 52 23.70 33.69 -6.27
N ALA D 53 24.91 33.22 -5.95
CA ALA D 53 26.15 33.85 -6.42
C ALA D 53 27.18 32.84 -6.90
N HIS D 54 26.77 31.63 -7.23
CA HIS D 54 27.70 30.58 -7.62
C HIS D 54 27.11 29.76 -8.75
N GLY D 55 27.96 28.94 -9.35
CA GLY D 55 27.49 27.95 -10.30
C GLY D 55 26.74 28.57 -11.46
N LEU D 56 25.76 27.81 -11.96
CA LEU D 56 25.04 28.23 -13.16
C LEU D 56 24.29 29.54 -12.93
N HIS D 57 23.94 29.85 -11.69
CA HIS D 57 23.20 31.08 -11.42
C HIS D 57 23.97 32.31 -11.88
N VAL D 58 25.30 32.23 -11.92
CA VAL D 58 26.15 33.35 -12.33
C VAL D 58 27.03 32.96 -13.52
N GLY D 59 26.57 31.99 -14.31
CA GLY D 59 27.28 31.62 -15.52
C GLY D 59 28.53 30.80 -15.32
N LEU D 60 28.66 30.14 -14.17
CA LEU D 60 29.77 29.23 -13.92
C LEU D 60 29.28 27.78 -13.96
N PRO D 61 30.19 26.82 -14.10
CA PRO D 61 29.79 25.40 -14.03
C PRO D 61 28.95 25.12 -12.78
N GLU D 62 27.96 24.22 -12.94
CA GLU D 62 27.14 23.84 -11.80
C GLU D 62 28.04 23.44 -10.63
N GLY D 63 27.68 23.90 -9.43
CA GLY D 63 28.39 23.55 -8.22
C GLY D 63 29.72 24.25 -8.01
N LEU D 64 30.16 25.10 -8.93
CA LEU D 64 31.41 25.82 -8.72
C LEU D 64 31.19 27.07 -7.87
N MET D 65 32.09 27.28 -6.91
CA MET D 65 32.00 28.44 -6.01
CA MET D 65 31.99 28.43 -6.01
C MET D 65 32.11 29.74 -6.79
N GLY D 66 31.46 30.78 -6.27
CA GLY D 66 31.55 32.10 -6.87
C GLY D 66 32.94 32.71 -6.69
N ASN D 67 33.12 33.89 -7.28
CA ASN D 67 34.38 34.61 -7.10
C ASN D 67 34.16 36.08 -7.40
N SER D 68 35.17 36.89 -7.08
CA SER D 68 35.02 38.35 -7.12
C SER D 68 34.78 38.85 -8.55
N GLU D 69 35.49 38.27 -9.52
CA GLU D 69 35.39 38.75 -10.88
C GLU D 69 34.02 38.44 -11.47
N VAL D 70 33.57 37.18 -11.33
CA VAL D 70 32.27 36.78 -11.83
C VAL D 70 31.16 37.49 -11.04
N GLY D 71 31.34 37.62 -9.73
CA GLY D 71 30.29 38.24 -8.92
C GLY D 71 30.06 39.69 -9.27
N HIS D 72 31.14 40.45 -9.47
CA HIS D 72 30.98 41.86 -9.83
C HIS D 72 30.51 42.00 -11.27
N LEU D 73 31.00 41.14 -12.17
CA LEU D 73 30.49 41.10 -13.53
C LEU D 73 28.97 40.94 -13.54
N ASN D 74 28.45 39.97 -12.77
CA ASN D 74 27.03 39.68 -12.82
C ASN D 74 26.22 40.75 -12.12
N ILE D 75 26.68 41.23 -10.96
CA ILE D 75 26.00 42.32 -10.28
C ILE D 75 25.89 43.53 -11.20
N GLY D 76 26.99 43.88 -11.88
CA GLY D 76 27.01 45.07 -12.70
C GLY D 76 26.25 44.93 -14.01
N ALA D 77 26.12 43.71 -14.53
CA ALA D 77 25.57 43.52 -15.87
C ALA D 77 24.05 43.39 -15.90
N GLY D 78 23.43 42.97 -14.80
CA GLY D 78 21.99 42.77 -14.84
C GLY D 78 21.58 41.65 -15.77
N ARG D 79 22.43 40.65 -15.93
CA ARG D 79 22.17 39.50 -16.77
C ARG D 79 23.13 38.40 -16.33
N VAL D 80 22.80 37.16 -16.65
CA VAL D 80 23.75 36.08 -16.40
C VAL D 80 24.90 36.23 -17.39
N ILE D 81 26.11 36.34 -16.88
CA ILE D 81 27.32 36.43 -17.70
C ILE D 81 27.83 35.01 -17.86
N TYR D 82 27.56 34.41 -19.02
CA TYR D 82 27.92 33.02 -19.26
C TYR D 82 29.39 32.90 -19.60
N GLN D 83 30.13 32.14 -18.81
CA GLN D 83 31.48 31.78 -19.20
C GLN D 83 31.44 30.73 -20.30
N ASP D 84 32.56 30.59 -21.01
CA ASP D 84 32.58 29.80 -22.24
C ASP D 84 32.12 28.37 -22.01
N ILE D 85 32.57 27.75 -20.91
CA ILE D 85 32.22 26.36 -20.66
C ILE D 85 30.71 26.21 -20.59
N VAL D 86 30.02 27.19 -20.00
CA VAL D 86 28.58 27.10 -19.85
C VAL D 86 27.88 27.41 -21.16
N ARG D 87 28.36 28.43 -21.88
CA ARG D 87 27.85 28.75 -23.21
C ARG D 87 27.86 27.51 -24.09
N ILE D 88 28.96 26.77 -24.07
CA ILE D 88 29.10 25.61 -24.94
C ILE D 88 28.18 24.49 -24.49
N ASN D 89 28.15 24.20 -23.19
CA ASN D 89 27.27 23.16 -22.67
C ASN D 89 25.81 23.45 -23.01
N LEU D 90 25.42 24.74 -23.01
CA LEU D 90 24.05 25.10 -23.37
C LEU D 90 23.80 24.90 -24.87
N ALA D 91 24.82 25.15 -25.71
CA ALA D 91 24.64 24.89 -27.13
C ALA D 91 24.53 23.40 -27.40
N VAL D 92 25.22 22.56 -26.62
CA VAL D 92 25.09 21.12 -26.79
C VAL D 92 23.71 20.66 -26.34
N LYS D 93 23.21 21.20 -25.22
CA LYS D 93 21.92 20.75 -24.70
C LYS D 93 20.78 21.16 -25.62
N ASN D 94 20.89 22.34 -26.23
CA ASN D 94 19.84 22.88 -27.08
C ASN D 94 20.10 22.62 -28.55
N ASN D 95 21.07 21.77 -28.89
CA ASN D 95 21.30 21.36 -30.28
C ASN D 95 21.58 22.56 -31.17
N LYS D 96 22.45 23.46 -30.72
CA LYS D 96 22.76 24.67 -31.46
C LYS D 96 24.05 24.60 -32.26
N PHE D 97 24.75 23.47 -32.24
CA PHE D 97 25.95 23.35 -33.08
C PHE D 97 25.58 23.35 -34.56
N VAL D 98 24.53 22.62 -34.94
CA VAL D 98 24.21 22.45 -36.35
C VAL D 98 23.87 23.77 -37.03
N THR D 99 23.41 24.77 -36.26
CA THR D 99 23.16 26.09 -36.82
C THR D 99 24.22 27.11 -36.43
N ASN D 100 25.28 26.68 -35.73
CA ASN D 100 26.34 27.60 -35.35
C ASN D 100 27.01 28.16 -36.60
N GLU D 101 27.17 29.49 -36.64
CA GLU D 101 27.55 30.14 -37.89
C GLU D 101 28.94 29.71 -38.34
N SER D 102 29.92 29.76 -37.44
CA SER D 102 31.27 29.38 -37.83
C SER D 102 31.37 27.90 -38.16
N LEU D 103 30.65 27.05 -37.42
CA LEU D 103 30.68 25.63 -37.73
C LEU D 103 30.07 25.34 -39.09
N VAL D 104 28.97 26.02 -39.43
CA VAL D 104 28.40 25.89 -40.75
C VAL D 104 29.36 26.41 -41.81
N ASP D 105 30.06 27.50 -41.52
CA ASP D 105 31.03 28.03 -42.46
C ASP D 105 32.11 27.00 -42.77
N ALA D 106 32.65 26.37 -41.72
CA ALA D 106 33.69 25.36 -41.93
C ALA D 106 33.15 24.18 -42.72
N CYS D 107 31.95 23.71 -42.38
CA CYS D 107 31.40 22.56 -43.08
C CYS D 107 31.11 22.88 -44.54
N ASP D 108 30.65 24.10 -44.81
CA ASP D 108 30.47 24.52 -46.20
C ASP D 108 31.79 24.53 -46.94
N ARG D 109 32.86 24.99 -46.30
CA ARG D 109 34.16 25.00 -46.96
C ARG D 109 34.59 23.58 -47.33
N ALA D 110 34.42 22.62 -46.42
CA ALA D 110 34.77 21.24 -46.74
C ALA D 110 33.88 20.71 -47.87
N LYS D 111 32.58 20.96 -47.78
CA LYS D 111 31.65 20.43 -48.78
C LYS D 111 31.89 21.05 -50.16
N ASN D 112 32.20 22.34 -50.21
CA ASN D 112 32.57 22.97 -51.48
C ASN D 112 34.02 22.73 -51.87
N GLY D 113 34.85 22.20 -50.96
CA GLY D 113 36.23 21.91 -51.28
C GLY D 113 36.51 20.42 -51.41
N ASN D 114 37.58 19.94 -50.78
CA ASN D 114 37.96 18.54 -50.90
C ASN D 114 37.19 17.62 -49.96
N GLY D 115 36.18 18.13 -49.26
CA GLY D 115 35.35 17.30 -48.41
C GLY D 115 35.99 16.79 -47.15
N ARG D 116 37.13 17.37 -46.74
CA ARG D 116 37.92 16.84 -45.65
C ARG D 116 37.97 17.84 -44.51
N LEU D 117 37.54 17.40 -43.32
CA LEU D 117 37.48 18.21 -42.12
C LEU D 117 38.16 17.45 -40.99
N HIS D 118 38.81 18.19 -40.10
CA HIS D 118 39.48 17.61 -38.95
C HIS D 118 38.98 18.26 -37.67
N LEU D 119 38.92 17.44 -36.62
CA LEU D 119 38.69 17.88 -35.25
C LEU D 119 39.92 17.54 -34.43
N ALA D 120 40.37 18.47 -33.60
CA ALA D 120 41.56 18.24 -32.80
C ALA D 120 41.39 18.86 -31.42
N GLY D 121 41.73 18.12 -30.38
CA GLY D 121 41.71 18.68 -29.05
C GLY D 121 41.88 17.63 -27.99
N LEU D 122 41.80 18.10 -26.74
CA LEU D 122 41.97 17.26 -25.57
C LEU D 122 40.72 16.41 -25.35
N VAL D 123 40.89 15.09 -25.43
CA VAL D 123 39.77 14.16 -25.31
C VAL D 123 39.78 13.57 -23.90
N SER D 124 38.97 14.16 -23.03
CA SER D 124 38.71 13.64 -21.69
C SER D 124 37.49 14.39 -21.16
N ASP D 125 37.05 14.01 -19.96
CA ASP D 125 35.99 14.74 -19.27
C ASP D 125 36.55 15.66 -18.19
N GLY D 126 37.80 16.09 -18.35
CA GLY D 126 38.39 16.98 -17.37
C GLY D 126 37.67 18.31 -17.28
N GLY D 127 37.23 18.83 -18.42
CA GLY D 127 36.38 20.00 -18.44
C GLY D 127 37.09 21.34 -18.36
N VAL D 128 38.39 21.36 -18.10
CA VAL D 128 39.11 22.61 -17.93
C VAL D 128 39.57 23.19 -19.27
N HIS D 129 40.07 22.34 -20.15
CA HIS D 129 40.50 22.76 -21.47
C HIS D 129 39.50 22.42 -22.56
N SER D 130 38.64 21.44 -22.31
CA SER D 130 37.75 20.88 -23.32
C SER D 130 36.77 19.99 -22.58
N HIS D 131 35.82 19.43 -23.33
CA HIS D 131 35.06 18.29 -22.83
C HIS D 131 34.78 17.33 -23.98
N ILE D 132 34.92 16.03 -23.68
CA ILE D 132 34.68 15.00 -24.69
C ILE D 132 33.25 15.08 -25.21
N ASP D 133 32.30 15.51 -24.37
CA ASP D 133 30.93 15.68 -24.83
C ASP D 133 30.82 16.76 -25.89
N HIS D 134 31.65 17.81 -25.83
CA HIS D 134 31.65 18.80 -26.90
C HIS D 134 32.12 18.19 -28.22
N MET D 135 33.15 17.35 -28.14
CA MET D 135 33.65 16.66 -29.33
C MET D 135 32.57 15.75 -29.91
N PHE D 136 31.87 14.99 -29.07
CA PHE D 136 30.80 14.14 -29.56
C PHE D 136 29.73 14.97 -30.27
N ALA D 137 29.35 16.12 -29.68
CA ALA D 137 28.30 16.94 -30.28
C ALA D 137 28.77 17.51 -31.61
N LEU D 138 30.06 17.85 -31.72
CA LEU D 138 30.57 18.36 -32.98
C LEU D 138 30.53 17.29 -34.06
N VAL D 139 30.89 16.05 -33.72
CA VAL D 139 30.84 14.97 -34.69
C VAL D 139 29.41 14.80 -35.21
N LYS D 140 28.45 14.74 -34.28
CA LYS D 140 27.05 14.57 -34.66
C LYS D 140 26.60 15.69 -35.59
N ALA D 141 26.95 16.94 -35.25
CA ALA D 141 26.53 18.07 -36.05
C ALA D 141 27.19 18.06 -37.42
N ILE D 142 28.46 17.69 -37.47
CA ILE D 142 29.18 17.68 -38.75
C ILE D 142 28.59 16.61 -39.67
N LYS D 143 28.24 15.45 -39.10
CA LYS D 143 27.59 14.42 -39.91
C LYS D 143 26.29 14.95 -40.50
N GLU D 144 25.42 15.51 -39.65
CA GLU D 144 24.15 16.06 -40.13
C GLU D 144 24.36 17.10 -41.21
N LEU D 145 25.44 17.87 -41.12
CA LEU D 145 25.72 18.88 -42.13
C LEU D 145 26.31 18.30 -43.40
N GLY D 146 26.52 16.98 -43.46
CA GLY D 146 26.87 16.33 -44.70
C GLY D 146 28.31 16.48 -45.15
N VAL D 147 29.25 16.60 -44.24
CA VAL D 147 30.66 16.66 -44.63
C VAL D 147 31.13 15.27 -45.02
N PRO D 148 31.78 15.11 -46.17
CA PRO D 148 32.19 13.75 -46.60
C PRO D 148 33.06 13.01 -45.61
N GLU D 149 34.15 13.62 -45.14
CA GLU D 149 35.13 12.93 -44.31
C GLU D 149 35.47 13.76 -43.08
N LEU D 150 35.60 13.09 -41.94
CA LEU D 150 35.95 13.72 -40.68
C LEU D 150 36.98 12.89 -39.95
N TYR D 151 38.10 13.51 -39.57
CA TYR D 151 39.19 12.86 -38.85
C TYR D 151 39.41 13.54 -37.51
N LEU D 152 39.59 12.73 -36.47
CA LEU D 152 39.75 13.22 -35.11
C LEU D 152 41.18 13.03 -34.65
N HIS D 153 41.76 14.11 -34.11
CA HIS D 153 43.12 14.09 -33.57
C HIS D 153 42.99 14.23 -32.06
N PHE D 154 43.30 13.14 -31.36
CA PHE D 154 43.02 12.92 -29.95
C PHE D 154 44.25 13.32 -29.16
N TYR D 155 44.14 14.36 -28.32
CA TYR D 155 45.23 14.75 -27.44
C TYR D 155 45.00 14.11 -26.07
N GLY D 156 45.95 13.29 -25.63
CA GLY D 156 45.82 12.63 -24.36
C GLY D 156 45.98 13.59 -23.20
N ASP D 157 45.23 13.35 -22.13
CA ASP D 157 45.14 14.28 -21.02
C ASP D 157 46.05 13.86 -19.86
N GLY D 158 45.53 13.13 -18.89
CA GLY D 158 46.32 12.68 -17.76
C GLY D 158 46.71 13.75 -16.77
N ARG D 159 46.29 14.99 -16.98
CA ARG D 159 46.54 16.10 -16.07
C ARG D 159 45.27 16.60 -15.40
N ASP D 160 44.20 16.74 -16.17
CA ASP D 160 42.87 17.00 -15.63
C ASP D 160 42.11 15.72 -15.33
N THR D 161 42.69 14.57 -15.67
CA THR D 161 42.12 13.27 -15.35
C THR D 161 43.26 12.34 -14.98
N SER D 162 42.91 11.11 -14.62
CA SER D 162 43.92 10.14 -14.22
C SER D 162 44.94 9.95 -15.34
N PRO D 163 46.21 9.69 -14.99
CA PRO D 163 47.20 9.40 -16.04
C PRO D 163 46.91 8.15 -16.84
N ASN D 164 46.04 7.26 -16.35
CA ASN D 164 45.71 6.04 -17.07
C ASN D 164 44.23 5.99 -17.44
N SER D 165 43.57 7.14 -17.48
CA SER D 165 42.18 7.20 -17.91
C SER D 165 42.04 7.34 -19.42
N GLY D 166 43.14 7.53 -20.14
CA GLY D 166 43.06 7.72 -21.59
C GLY D 166 42.50 6.50 -22.29
N VAL D 167 42.84 5.30 -21.81
CA VAL D 167 42.30 4.08 -22.39
C VAL D 167 40.77 4.12 -22.38
N GLY D 168 40.18 4.53 -21.25
CA GLY D 168 38.73 4.59 -21.17
C GLY D 168 38.13 5.58 -22.15
N PHE D 169 38.72 6.78 -22.22
CA PHE D 169 38.24 7.78 -23.17
C PHE D 169 38.42 7.30 -24.60
N LEU D 170 39.48 6.53 -24.85
CA LEU D 170 39.72 6.01 -26.19
C LEU D 170 38.65 4.98 -26.57
N GLU D 171 38.38 4.02 -25.68
CA GLU D 171 37.29 3.08 -25.94
C GLU D 171 35.98 3.82 -26.20
N GLN D 172 35.67 4.81 -25.36
CA GLN D 172 34.46 5.60 -25.55
C GLN D 172 34.42 6.22 -26.94
N THR D 173 35.53 6.85 -27.36
CA THR D 173 35.58 7.50 -28.65
C THR D 173 35.37 6.50 -29.79
N LEU D 174 36.11 5.39 -29.77
CA LEU D 174 36.00 4.42 -30.84
C LEU D 174 34.59 3.83 -30.94
N GLU D 175 33.95 3.56 -29.80
CA GLU D 175 32.60 3.02 -29.83
C GLU D 175 31.62 4.08 -30.33
N PHE D 176 31.78 5.32 -29.89
CA PHE D 176 30.93 6.41 -30.37
C PHE D 176 31.01 6.56 -31.88
N LEU D 177 32.23 6.51 -32.43
CA LEU D 177 32.40 6.73 -33.87
C LEU D 177 31.86 5.55 -34.68
N GLU D 178 32.00 4.33 -34.16
CA GLU D 178 31.57 3.16 -34.92
C GLU D 178 30.08 2.89 -34.73
N LYS D 179 29.60 2.91 -33.48
CA LYS D 179 28.24 2.49 -33.18
C LYS D 179 27.24 3.65 -33.15
N THR D 180 27.60 4.77 -32.51
CA THR D 180 26.64 5.86 -32.31
C THR D 180 26.46 6.69 -33.58
N THR D 181 27.55 7.23 -34.12
CA THR D 181 27.45 8.03 -35.33
C THR D 181 27.69 7.24 -36.60
N GLY D 182 28.41 6.12 -36.52
CA GLY D 182 28.84 5.45 -37.73
C GLY D 182 29.51 6.41 -38.70
N TYR D 183 30.31 7.33 -38.19
CA TYR D 183 30.84 8.41 -39.01
C TYR D 183 31.98 9.09 -38.27
N GLY D 184 33.08 9.35 -38.97
CA GLY D 184 34.25 9.94 -38.39
C GLY D 184 35.28 8.89 -38.01
N LYS D 185 36.55 9.26 -38.11
CA LYS D 185 37.64 8.31 -37.93
C LYS D 185 38.70 8.92 -37.03
N LEU D 186 39.17 8.12 -36.07
CA LEU D 186 40.31 8.51 -35.26
C LEU D 186 41.57 8.44 -36.11
N ALA D 187 42.36 9.52 -36.11
CA ALA D 187 43.52 9.64 -36.98
C ALA D 187 44.84 9.79 -36.24
N THR D 188 44.82 10.37 -35.04
CA THR D 188 46.02 10.61 -34.26
C THR D 188 45.71 10.47 -32.77
N VAL D 189 46.68 9.96 -32.02
CA VAL D 189 46.68 10.03 -30.56
C VAL D 189 48.06 10.51 -30.12
N VAL D 190 48.10 11.57 -29.32
CA VAL D 190 49.36 12.15 -28.88
C VAL D 190 49.12 12.93 -27.59
N GLY D 191 50.07 12.85 -26.66
CA GLY D 191 49.89 13.46 -25.36
C GLY D 191 49.88 14.98 -25.42
N ARG D 192 49.15 15.58 -24.47
CA ARG D 192 49.07 17.03 -24.38
C ARG D 192 50.42 17.68 -24.09
N TYR D 193 51.36 16.93 -23.53
CA TYR D 193 52.73 17.42 -23.37
C TYR D 193 53.26 17.97 -24.69
N TYR D 194 52.95 17.29 -25.80
CA TYR D 194 53.41 17.68 -27.11
C TYR D 194 52.46 18.63 -27.81
N ALA D 195 51.16 18.29 -27.83
CA ALA D 195 50.20 19.05 -28.61
C ALA D 195 49.79 20.36 -27.96
N MET D 196 49.86 20.46 -26.64
CA MET D 196 49.35 21.67 -25.97
C MET D 196 50.40 22.28 -25.06
N ASP D 197 51.63 22.41 -25.57
CA ASP D 197 52.64 23.23 -24.92
C ASP D 197 52.22 24.70 -24.94
N ARG D 198 52.56 25.43 -23.87
CA ARG D 198 52.25 26.86 -23.78
C ARG D 198 53.47 27.72 -23.46
N ASP D 199 54.68 27.16 -23.55
CA ASP D 199 55.90 27.88 -23.19
C ASP D 199 56.79 28.15 -24.40
N ASN D 200 56.21 28.15 -25.60
CA ASN D 200 56.95 28.33 -26.86
C ASN D 200 58.09 27.33 -26.99
N ARG D 201 57.89 26.11 -26.48
CA ARG D 201 58.81 25.00 -26.72
C ARG D 201 58.39 24.30 -28.01
N TRP D 202 58.79 24.89 -29.13
CA TRP D 202 58.29 24.44 -30.42
C TRP D 202 58.78 23.04 -30.79
N GLU D 203 59.82 22.52 -30.12
CA GLU D 203 60.24 21.15 -30.40
C GLU D 203 59.23 20.13 -29.90
N ARG D 204 58.40 20.50 -28.92
CA ARG D 204 57.32 19.63 -28.47
C ARG D 204 56.12 19.71 -29.41
N ILE D 205 55.71 20.94 -29.73
CA ILE D 205 54.66 21.15 -30.72
C ILE D 205 54.97 20.37 -31.99
N ASN D 206 56.23 20.38 -32.42
CA ASN D 206 56.59 19.72 -33.68
C ASN D 206 56.18 18.26 -33.68
N VAL D 207 56.28 17.59 -32.52
CA VAL D 207 55.93 16.17 -32.47
C VAL D 207 54.47 15.96 -32.81
N ALA D 208 53.58 16.81 -32.28
CA ALA D 208 52.18 16.72 -32.65
C ALA D 208 51.95 17.24 -34.07
N TYR D 209 52.65 18.31 -34.45
CA TYR D 209 52.54 18.85 -35.80
C TYR D 209 52.89 17.80 -36.84
N GLU D 210 54.02 17.10 -36.65
CA GLU D 210 54.44 16.10 -37.61
C GLU D 210 53.53 14.87 -37.57
N ALA D 211 52.90 14.61 -36.42
CA ALA D 211 51.96 13.50 -36.35
C ALA D 211 50.72 13.77 -37.18
N MET D 212 50.20 15.01 -37.16
CA MET D 212 48.98 15.23 -37.93
C MET D 212 49.23 15.58 -39.41
N ILE D 213 50.36 16.21 -39.77
CA ILE D 213 50.57 16.46 -41.20
C ILE D 213 51.35 15.33 -41.90
N GLY D 214 52.14 14.54 -41.17
CA GLY D 214 53.01 13.58 -41.81
C GLY D 214 52.94 12.15 -41.32
N GLY D 215 52.10 11.89 -40.32
CA GLY D 215 51.98 10.53 -39.82
C GLY D 215 53.24 10.03 -39.16
N VAL D 216 54.03 10.92 -38.58
CA VAL D 216 55.26 10.53 -37.88
C VAL D 216 54.84 10.00 -36.51
N GLY D 217 54.93 8.69 -36.35
CA GLY D 217 54.48 8.02 -35.14
C GLY D 217 54.28 6.54 -35.42
N GLU D 218 53.79 5.85 -34.39
CA GLU D 218 53.57 4.41 -34.48
C GLU D 218 52.23 4.10 -35.14
N THR D 219 52.29 3.26 -36.18
CA THR D 219 51.10 2.87 -36.92
C THR D 219 50.22 1.93 -36.09
N SER D 220 48.91 2.16 -36.18
CA SER D 220 47.94 1.28 -35.54
C SER D 220 46.61 1.45 -36.26
N ASP D 221 45.56 0.83 -35.70
CA ASP D 221 44.21 0.97 -36.24
C ASP D 221 43.22 0.82 -35.09
N GLU D 222 41.92 0.83 -35.43
CA GLU D 222 40.90 0.77 -34.40
C GLU D 222 41.04 -0.46 -33.52
N ALA D 223 41.33 -1.61 -34.13
CA ALA D 223 41.38 -2.85 -33.36
C ALA D 223 42.60 -2.94 -32.45
N GLY D 224 43.65 -2.15 -32.70
CA GLY D 224 44.88 -2.31 -31.97
C GLY D 224 45.28 -1.14 -31.10
N VAL D 225 44.63 0.01 -31.28
CA VAL D 225 45.14 1.23 -30.67
C VAL D 225 45.07 1.18 -29.15
N VAL D 226 44.06 0.53 -28.60
CA VAL D 226 43.97 0.44 -27.13
C VAL D 226 45.11 -0.41 -26.60
N GLU D 227 45.40 -1.53 -27.27
CA GLU D 227 46.54 -2.34 -26.87
C GLU D 227 47.84 -1.54 -26.92
N VAL D 228 48.00 -0.69 -27.94
CA VAL D 228 49.21 0.13 -28.04
C VAL D 228 49.32 1.04 -26.82
N VAL D 229 48.21 1.68 -26.44
CA VAL D 229 48.22 2.57 -25.28
C VAL D 229 48.54 1.79 -24.02
N ARG D 230 47.90 0.62 -23.85
CA ARG D 230 48.19 -0.21 -22.68
C ARG D 230 49.67 -0.59 -22.64
N LYS D 231 50.27 -0.83 -23.81
CA LYS D 231 51.70 -1.12 -23.83
C LYS D 231 52.52 0.10 -23.43
N ARG D 232 52.02 1.30 -23.75
CA ARG D 232 52.71 2.51 -23.29
C ARG D 232 52.58 2.64 -21.77
N TYR D 233 51.42 2.28 -21.23
CA TYR D 233 51.24 2.28 -19.78
C TYR D 233 52.24 1.36 -19.10
N ALA D 234 52.43 0.16 -19.66
CA ALA D 234 53.36 -0.80 -19.06
C ALA D 234 54.78 -0.26 -19.06
N ALA D 235 55.11 0.63 -19.99
CA ALA D 235 56.42 1.28 -20.05
C ALA D 235 56.44 2.60 -19.29
N ASP D 236 55.43 2.85 -18.45
CA ASP D 236 55.33 4.08 -17.67
C ASP D 236 55.23 5.32 -18.55
N GLU D 237 54.64 5.17 -19.74
CA GLU D 237 54.30 6.31 -20.59
C GLU D 237 52.78 6.50 -20.52
N THR D 238 52.35 7.60 -19.89
CA THR D 238 50.95 7.84 -19.61
C THR D 238 50.36 8.88 -20.59
N ASP D 239 49.09 9.22 -20.36
CA ASP D 239 48.32 9.98 -21.34
C ASP D 239 48.99 11.29 -21.70
N GLU D 240 49.45 12.04 -20.70
CA GLU D 240 50.07 13.33 -20.95
C GLU D 240 51.26 13.20 -21.91
N PHE D 241 51.95 12.06 -21.88
CA PHE D 241 53.23 11.91 -22.56
C PHE D 241 53.17 10.90 -23.70
N LEU D 242 51.98 10.52 -24.15
CA LEU D 242 51.87 9.54 -25.21
C LEU D 242 52.56 10.04 -26.47
N LYS D 243 53.56 9.30 -26.92
CA LYS D 243 54.15 9.58 -28.22
C LYS D 243 53.14 9.21 -29.30
N PRO D 244 53.23 9.83 -30.47
CA PRO D 244 52.10 9.77 -31.41
C PRO D 244 51.77 8.35 -31.85
N ILE D 245 50.47 8.08 -31.96
CA ILE D 245 49.93 6.89 -32.60
C ILE D 245 49.14 7.36 -33.81
N ILE D 246 49.31 6.66 -34.93
CA ILE D 246 48.82 7.11 -36.24
C ILE D 246 47.81 6.09 -36.76
N LEU D 247 46.60 6.55 -37.05
CA LEU D 247 45.58 5.73 -37.68
C LEU D 247 45.15 6.36 -39.01
N GLN D 248 44.61 5.52 -39.88
CA GLN D 248 44.11 5.86 -41.21
C GLN D 248 45.20 6.23 -42.21
N GLY D 249 46.47 6.11 -41.85
CA GLY D 249 47.52 6.42 -42.81
C GLY D 249 47.41 7.83 -43.34
N GLU D 250 47.82 8.00 -44.60
CA GLU D 250 47.84 9.32 -45.21
C GLU D 250 46.46 9.95 -45.27
N LYS D 251 45.41 9.13 -45.34
CA LYS D 251 44.05 9.68 -45.39
C LYS D 251 43.75 10.54 -44.18
N GLY D 252 44.34 10.21 -43.03
CA GLY D 252 44.07 10.90 -41.78
C GLY D 252 44.93 12.10 -41.48
N ARG D 253 45.94 12.36 -42.32
CA ARG D 253 46.80 13.51 -42.13
C ARG D 253 46.08 14.79 -42.56
N VAL D 254 46.55 15.91 -42.02
CA VAL D 254 46.13 17.23 -42.50
C VAL D 254 46.86 17.49 -43.81
N GLN D 255 46.11 17.55 -44.90
CA GLN D 255 46.63 17.71 -46.24
C GLN D 255 46.28 19.08 -46.79
N ASN D 256 46.88 19.40 -47.95
CA ASN D 256 46.55 20.61 -48.67
C ASN D 256 45.03 20.76 -48.79
N ASP D 257 44.54 21.98 -48.61
CA ASP D 257 43.14 22.38 -48.77
C ASP D 257 42.23 21.87 -47.66
N ASP D 258 42.75 21.19 -46.64
CA ASP D 258 41.92 20.67 -45.58
C ASP D 258 41.43 21.79 -44.67
N THR D 259 40.39 21.48 -43.90
CA THR D 259 39.85 22.38 -42.88
C THR D 259 39.96 21.71 -41.52
N ILE D 260 40.27 22.50 -40.49
CA ILE D 260 40.52 21.95 -39.16
C ILE D 260 39.82 22.80 -38.11
N ILE D 261 39.13 22.13 -37.18
CA ILE D 261 38.50 22.75 -36.04
C ILE D 261 39.21 22.24 -34.79
N PHE D 262 39.76 23.16 -34.00
CA PHE D 262 40.23 22.85 -32.66
C PHE D 262 39.08 23.08 -31.69
N PHE D 263 38.72 22.06 -30.92
CA PHE D 263 37.52 22.14 -30.08
C PHE D 263 37.82 22.46 -28.61
N ASP D 264 39.09 22.63 -28.24
CA ASP D 264 39.40 23.15 -26.91
C ASP D 264 38.86 24.56 -26.79
N TYR D 265 38.24 24.88 -25.66
CA TYR D 265 37.75 26.23 -25.45
C TYR D 265 38.72 27.12 -24.69
N ARG D 266 39.76 26.54 -24.09
CA ARG D 266 40.77 27.29 -23.34
C ARG D 266 41.91 27.71 -24.26
N ALA D 267 42.26 29.00 -24.23
CA ALA D 267 43.15 29.55 -25.25
C ALA D 267 44.62 29.20 -25.03
N ASP D 268 45.09 29.21 -23.78
CA ASP D 268 46.53 29.28 -23.54
C ASP D 268 47.26 28.10 -24.17
N ARG D 269 46.71 26.90 -24.06
CA ARG D 269 47.35 25.71 -24.57
C ARG D 269 46.93 25.37 -26.00
N MET D 270 46.23 26.26 -26.69
CA MET D 270 45.92 26.09 -28.09
C MET D 270 46.58 27.12 -29.01
N ARG D 271 47.22 28.16 -28.45
CA ARG D 271 47.82 29.18 -29.30
C ARG D 271 48.91 28.61 -30.20
N GLU D 272 49.70 27.66 -29.69
CA GLU D 272 50.87 27.21 -30.42
C GLU D 272 50.51 26.24 -31.54
N ILE D 273 49.78 25.17 -31.23
CA ILE D 273 49.47 24.21 -32.28
C ILE D 273 48.56 24.84 -33.33
N SER D 274 47.70 25.77 -32.93
CA SER D 274 46.79 26.41 -33.89
C SER D 274 47.52 27.43 -34.76
N ALA D 275 48.49 28.14 -34.19
CA ALA D 275 49.27 29.07 -35.01
C ALA D 275 50.25 28.32 -35.90
N ALA D 276 50.69 27.13 -35.48
CA ALA D 276 51.50 26.29 -36.35
C ALA D 276 50.71 25.86 -37.59
N MET D 277 49.41 25.58 -37.41
CA MET D 277 48.59 25.12 -38.53
C MET D 277 48.06 26.28 -39.38
N GLY D 278 47.70 27.39 -38.73
CA GLY D 278 46.95 28.44 -39.39
C GLY D 278 47.72 29.73 -39.64
N MET D 279 48.92 29.85 -39.05
CA MET D 279 49.76 31.01 -39.30
C MET D 279 51.18 30.57 -39.63
N ASP D 280 52.19 31.33 -39.19
CA ASP D 280 53.56 31.13 -39.65
C ASP D 280 54.44 30.40 -38.64
N ARG D 281 53.88 29.94 -37.52
CA ARG D 281 54.70 29.34 -36.47
C ARG D 281 55.16 27.93 -36.81
N TYR D 282 54.65 27.33 -37.89
CA TYR D 282 55.25 26.08 -38.35
C TYR D 282 56.73 26.29 -38.64
N LYS D 283 57.14 27.51 -38.99
CA LYS D 283 58.56 27.77 -39.21
C LYS D 283 59.36 27.47 -37.95
N ASP D 284 58.82 27.82 -36.78
CA ASP D 284 59.50 27.56 -35.52
C ASP D 284 59.58 26.06 -35.21
N CYS D 285 58.69 25.24 -35.76
CA CYS D 285 58.78 23.80 -35.55
C CYS D 285 59.96 23.18 -36.29
N ASN D 286 60.45 23.84 -37.34
CA ASN D 286 61.65 23.39 -38.04
C ASN D 286 61.50 21.95 -38.53
N SER D 287 60.35 21.65 -39.10
CA SER D 287 60.08 20.31 -39.60
C SER D 287 60.68 20.13 -40.99
N LYS D 288 61.11 18.90 -41.28
CA LYS D 288 61.52 18.58 -42.64
C LYS D 288 60.33 18.41 -43.56
N LEU D 289 59.11 18.37 -43.01
CA LEU D 289 57.90 18.24 -43.80
C LEU D 289 57.35 19.62 -44.15
N ALA D 290 56.86 19.76 -45.38
CA ALA D 290 56.34 21.04 -45.83
C ALA D 290 55.00 21.34 -45.18
N HIS D 291 54.77 22.61 -44.89
CA HIS D 291 53.50 23.04 -44.33
C HIS D 291 52.42 22.93 -45.40
N PRO D 292 51.32 22.22 -45.13
CA PRO D 292 50.27 22.10 -46.16
C PRO D 292 49.73 23.47 -46.55
N SER D 293 49.35 23.59 -47.81
CA SER D 293 48.86 24.85 -48.34
C SER D 293 47.33 24.90 -48.26
N ASN D 294 46.82 26.13 -48.23
CA ASN D 294 45.39 26.38 -48.32
C ASN D 294 44.62 25.72 -47.18
N LEU D 295 45.17 25.77 -45.98
CA LEU D 295 44.45 25.36 -44.79
C LEU D 295 43.64 26.54 -44.26
N GLN D 296 42.49 26.23 -43.67
CA GLN D 296 41.74 27.19 -42.87
C GLN D 296 41.51 26.59 -41.49
N VAL D 297 41.79 27.38 -40.45
CA VAL D 297 41.74 26.92 -39.06
C VAL D 297 40.57 27.62 -38.37
N TYR D 298 39.78 26.83 -37.63
CA TYR D 298 38.72 27.32 -36.76
C TYR D 298 38.98 26.88 -35.33
N GLY D 299 38.57 27.72 -34.38
CA GLY D 299 38.70 27.42 -32.97
C GLY D 299 37.35 27.44 -32.28
N MET D 300 37.24 26.69 -31.19
CA MET D 300 35.99 26.69 -30.43
C MET D 300 35.74 28.06 -29.83
N THR D 301 36.80 28.71 -29.34
CA THR D 301 36.76 30.09 -28.90
C THR D 301 37.93 30.83 -29.56
N GLN D 302 37.97 32.15 -29.35
CA GLN D 302 39.05 32.95 -29.89
C GLN D 302 40.30 32.76 -29.02
N TYR D 303 41.38 32.28 -29.64
CA TYR D 303 42.59 31.96 -28.89
C TYR D 303 43.53 33.15 -28.74
N LYS D 304 43.50 34.10 -29.67
CA LYS D 304 44.33 35.29 -29.58
C LYS D 304 43.75 36.34 -30.53
N ALA D 305 43.74 37.59 -30.06
CA ALA D 305 43.07 38.66 -30.83
C ALA D 305 43.65 38.78 -32.23
N GLU D 306 44.96 38.56 -32.37
CA GLU D 306 45.62 38.74 -33.66
C GLU D 306 45.33 37.60 -34.64
N PHE D 307 44.81 36.47 -34.17
CA PHE D 307 44.59 35.32 -35.04
C PHE D 307 43.41 35.58 -35.97
N PRO D 308 43.52 35.23 -37.25
CA PRO D 308 42.39 35.40 -38.17
C PRO D 308 41.30 34.35 -38.03
N PHE D 309 41.45 33.38 -37.14
CA PHE D 309 40.57 32.22 -37.13
C PHE D 309 39.16 32.61 -36.70
N LYS D 310 38.16 32.17 -37.47
CA LYS D 310 36.80 32.27 -36.99
C LYS D 310 36.61 31.36 -35.78
N SER D 311 35.71 31.77 -34.88
CA SER D 311 35.46 31.07 -33.64
C SER D 311 34.01 30.58 -33.61
N LEU D 312 33.81 29.39 -33.05
CA LEU D 312 32.45 28.91 -32.83
C LEU D 312 31.73 29.77 -31.80
N PHE D 313 32.44 30.19 -30.75
CA PHE D 313 31.89 31.07 -29.71
C PHE D 313 32.81 32.26 -29.56
N PRO D 314 32.61 33.30 -30.36
CA PRO D 314 33.45 34.51 -30.29
C PRO D 314 33.26 35.20 -28.94
N PRO D 315 34.15 36.15 -28.60
CA PRO D 315 33.95 36.91 -27.36
C PRO D 315 32.62 37.66 -27.38
N ALA D 316 31.95 37.66 -26.23
CA ALA D 316 30.63 38.24 -26.10
C ALA D 316 30.72 39.65 -25.56
N SER D 317 29.94 40.56 -26.15
CA SER D 317 29.86 41.93 -25.69
C SER D 317 28.78 42.06 -24.62
N ASN D 318 29.00 42.97 -23.69
CA ASN D 318 28.05 43.27 -22.61
C ASN D 318 27.57 44.71 -22.77
N LYS D 319 26.60 44.91 -23.64
CA LYS D 319 26.05 46.25 -23.88
C LYS D 319 25.11 46.64 -22.76
N ASN D 320 25.21 47.90 -22.32
CA ASN D 320 24.28 48.50 -21.36
C ASN D 320 24.30 47.81 -20.00
N VAL D 321 25.51 47.55 -19.48
CA VAL D 321 25.65 47.20 -18.07
C VAL D 321 25.20 48.41 -17.26
N LEU D 322 25.04 48.22 -15.94
CA LEU D 322 24.46 49.29 -15.12
C LEU D 322 25.22 50.61 -15.30
N ALA D 323 26.54 50.55 -15.31
CA ALA D 323 27.32 51.80 -15.36
C ALA D 323 27.10 52.51 -16.69
N GLU D 324 27.06 51.77 -17.80
CA GLU D 324 26.82 52.40 -19.09
C GLU D 324 25.39 52.93 -19.19
N TRP D 325 24.44 52.17 -18.65
CA TRP D 325 23.04 52.57 -18.77
C TRP D 325 22.76 53.82 -17.95
N LEU D 326 23.34 53.93 -16.75
CA LEU D 326 23.10 55.13 -15.95
C LEU D 326 23.58 56.37 -16.69
N ALA D 327 24.78 56.29 -17.29
CA ALA D 327 25.27 57.38 -18.10
C ALA D 327 24.33 57.66 -19.28
N GLU D 328 23.86 56.60 -19.95
CA GLU D 328 22.92 56.79 -21.03
C GLU D 328 21.64 57.47 -20.54
N GLN D 329 21.27 57.28 -19.28
CA GLN D 329 20.12 57.96 -18.72
C GLN D 329 20.48 59.32 -18.11
N LYS D 330 21.73 59.75 -18.24
CA LYS D 330 22.16 61.04 -17.69
C LYS D 330 21.97 61.08 -16.18
N VAL D 331 22.44 60.02 -15.52
CA VAL D 331 22.45 59.91 -14.06
C VAL D 331 23.89 59.63 -13.64
N SER D 332 24.41 60.43 -12.71
CA SER D 332 25.78 60.25 -12.27
C SER D 332 25.87 59.14 -11.23
N GLN D 333 27.09 58.68 -10.99
CA GLN D 333 27.32 57.51 -10.17
C GLN D 333 28.69 57.59 -9.53
N PHE D 334 28.84 56.88 -8.41
CA PHE D 334 30.08 56.83 -7.64
C PHE D 334 30.43 55.37 -7.37
N HIS D 335 31.68 55.00 -7.67
CA HIS D 335 32.21 53.67 -7.36
C HIS D 335 33.42 53.83 -6.46
N CYS D 336 33.46 53.08 -5.36
CA CYS D 336 34.55 53.17 -4.40
C CYS D 336 35.00 51.80 -3.94
N ALA D 337 36.30 51.62 -3.80
CA ALA D 337 36.84 50.42 -3.18
C ALA D 337 38.27 50.69 -2.77
N GLU D 338 38.81 49.79 -1.96
CA GLU D 338 40.24 49.87 -1.68
C GLU D 338 41.02 49.06 -2.71
N THR D 339 42.34 49.17 -2.64
CA THR D 339 43.20 48.71 -3.73
C THR D 339 42.89 47.27 -4.12
N GLU D 340 42.72 46.38 -3.15
CA GLU D 340 42.61 44.96 -3.44
C GLU D 340 41.37 44.61 -4.25
N LYS D 341 40.35 45.47 -4.27
CA LYS D 341 39.13 45.19 -5.02
C LYS D 341 38.77 46.34 -5.95
N TYR D 342 39.72 47.19 -6.30
CA TYR D 342 39.40 48.36 -7.12
C TYR D 342 39.04 47.94 -8.54
N ALA D 343 39.80 47.00 -9.11
CA ALA D 343 39.45 46.51 -10.45
C ALA D 343 38.04 45.96 -10.50
N HIS D 344 37.56 45.41 -9.39
CA HIS D 344 36.27 44.74 -9.40
C HIS D 344 35.11 45.73 -9.46
N VAL D 345 35.24 46.87 -8.76
CA VAL D 345 34.22 47.91 -8.82
C VAL D 345 34.37 48.81 -10.04
N THR D 346 35.43 48.62 -10.82
CA THR D 346 35.59 49.33 -12.09
C THR D 346 35.51 48.36 -13.26
N PHE D 347 36.62 47.69 -13.55
CA PHE D 347 36.74 46.85 -14.73
C PHE D 347 35.67 45.76 -14.77
N PHE D 348 35.52 45.02 -13.68
CA PHE D 348 34.57 43.91 -13.73
C PHE D 348 33.14 44.38 -13.56
N PHE D 349 32.89 45.30 -12.63
CA PHE D 349 31.54 45.82 -12.45
C PHE D 349 31.01 46.45 -13.74
N ASN D 350 31.89 47.10 -14.52
CA ASN D 350 31.49 47.75 -15.76
C ASN D 350 31.52 46.80 -16.96
N GLY D 351 31.45 45.49 -16.72
CA GLY D 351 31.30 44.55 -17.82
C GLY D 351 32.59 44.02 -18.39
N GLY D 352 33.69 44.14 -17.68
CA GLY D 352 34.94 43.55 -18.14
C GLY D 352 35.68 44.36 -19.17
N LEU D 353 35.76 45.67 -18.98
CA LEU D 353 36.54 46.53 -19.86
C LEU D 353 36.99 47.74 -19.07
N GLU D 354 38.11 48.31 -19.50
CA GLU D 354 38.65 49.54 -18.91
C GLU D 354 37.95 50.71 -19.59
N LYS D 355 36.91 51.22 -18.93
CA LYS D 355 36.12 52.32 -19.47
C LYS D 355 35.39 52.98 -18.32
N GLN D 356 35.64 54.27 -18.12
CA GLN D 356 34.88 55.09 -17.17
C GLN D 356 33.87 55.90 -17.96
N PHE D 357 32.59 55.68 -17.69
CA PHE D 357 31.54 56.31 -18.46
C PHE D 357 31.30 57.74 -17.99
N GLU D 358 30.52 58.48 -18.77
CA GLU D 358 30.21 59.86 -18.43
C GLU D 358 29.41 59.91 -17.14
N GLY D 359 29.79 60.82 -16.25
CA GLY D 359 29.15 60.97 -14.97
C GLY D 359 29.62 60.00 -13.91
N GLU D 360 30.49 59.06 -14.25
CA GLU D 360 30.98 58.06 -13.32
C GLU D 360 32.20 58.61 -12.59
N GLU D 361 32.09 58.73 -11.26
CA GLU D 361 33.19 59.12 -10.40
C GLU D 361 33.71 57.89 -9.65
N ARG D 362 35.03 57.80 -9.53
CA ARG D 362 35.67 56.67 -8.88
C ARG D 362 36.56 57.15 -7.74
N CYS D 363 36.77 56.26 -6.76
CA CYS D 363 37.59 56.56 -5.59
C CYS D 363 38.29 55.30 -5.12
N LEU D 364 39.62 55.31 -5.17
CA LEU D 364 40.44 54.19 -4.70
C LEU D 364 41.00 54.56 -3.33
N VAL D 365 40.74 53.73 -2.33
CA VAL D 365 41.28 53.90 -0.99
C VAL D 365 42.48 52.97 -0.85
N PRO D 366 43.67 53.47 -0.54
CA PRO D 366 44.84 52.58 -0.48
C PRO D 366 44.63 51.47 0.54
N SER D 367 44.85 50.22 0.10
CA SER D 367 44.88 49.11 1.03
C SER D 367 46.08 49.25 1.97
N PRO D 368 46.04 48.59 3.13
CA PRO D 368 47.20 48.63 4.03
C PRO D 368 48.43 48.04 3.36
N LYS D 369 49.58 48.62 3.67
CA LYS D 369 50.86 48.10 3.21
C LYS D 369 51.48 47.17 4.25
N VAL D 370 50.67 46.25 4.77
CA VAL D 370 51.11 45.33 5.80
C VAL D 370 51.55 44.02 5.16
N ALA D 371 52.20 43.18 5.95
CA ALA D 371 52.66 41.87 5.50
C ALA D 371 51.55 41.06 4.85
N THR D 372 50.71 40.45 5.68
CA THR D 372 49.53 39.72 5.23
C THR D 372 48.32 40.28 5.96
N TYR D 373 47.16 40.20 5.32
CA TYR D 373 45.99 40.91 5.81
C TYR D 373 45.39 40.29 7.07
N ASP D 374 45.91 39.16 7.57
CA ASP D 374 45.48 38.72 8.90
C ASP D 374 46.10 39.58 9.99
N LEU D 375 47.14 40.35 9.66
CA LEU D 375 47.74 41.26 10.64
C LEU D 375 46.89 42.51 10.84
N GLN D 376 46.25 43.01 9.78
CA GLN D 376 45.34 44.16 9.83
C GLN D 376 43.99 43.72 9.27
N PRO D 377 43.17 43.04 10.08
CA PRO D 377 41.92 42.47 9.54
C PRO D 377 40.90 43.49 9.09
N GLU D 378 40.92 44.72 9.63
CA GLU D 378 39.98 45.74 9.20
C GLU D 378 40.37 46.37 7.86
N MET D 379 41.58 46.09 7.37
CA MET D 379 42.05 46.56 6.07
C MET D 379 41.80 48.06 6.01
N SER D 380 41.27 48.59 4.90
CA SER D 380 40.92 50.00 4.80
C SER D 380 39.41 50.21 4.70
N ALA D 381 38.63 49.35 5.37
CA ALA D 381 37.17 49.46 5.28
C ALA D 381 36.69 50.80 5.82
N ALA D 382 37.29 51.28 6.92
CA ALA D 382 36.89 52.56 7.47
C ALA D 382 37.09 53.68 6.47
N GLY D 383 38.20 53.63 5.73
CA GLY D 383 38.43 54.64 4.71
C GLY D 383 37.42 54.58 3.59
N VAL D 384 36.94 53.38 3.26
CA VAL D 384 35.88 53.26 2.26
C VAL D 384 34.60 53.87 2.77
N ALA D 385 34.19 53.51 4.00
CA ALA D 385 33.00 54.11 4.58
C ALA D 385 33.12 55.62 4.62
N ASP D 386 34.30 56.15 4.95
CA ASP D 386 34.47 57.59 5.03
C ASP D 386 34.10 58.25 3.70
N LYS D 387 34.68 57.75 2.60
CA LYS D 387 34.43 58.35 1.30
C LYS D 387 32.98 58.19 0.87
N MET D 388 32.34 57.08 1.25
CA MET D 388 30.95 56.86 0.88
C MET D 388 30.06 57.84 1.64
N ILE D 389 30.28 57.97 2.95
CA ILE D 389 29.54 58.92 3.76
C ILE D 389 29.72 60.34 3.24
N GLU D 390 30.91 60.66 2.74
CA GLU D 390 31.14 61.98 2.15
C GLU D 390 30.22 62.19 0.96
N GLN D 391 30.04 61.17 0.13
CA GLN D 391 29.16 61.28 -1.03
C GLN D 391 27.69 61.36 -0.63
N LEU D 392 27.31 60.66 0.44
CA LEU D 392 25.93 60.75 0.91
C LEU D 392 25.63 62.17 1.42
N GLU D 393 26.56 62.77 2.17
CA GLU D 393 26.33 64.14 2.63
C GLU D 393 26.29 65.11 1.47
N ALA D 394 27.09 64.86 0.43
CA ALA D 394 27.08 65.73 -0.74
C ALA D 394 25.81 65.57 -1.55
N GLY D 395 25.27 64.36 -1.63
CA GLY D 395 24.05 64.09 -2.37
C GLY D 395 24.16 64.24 -3.86
N THR D 396 25.37 64.35 -4.40
CA THR D 396 25.54 64.63 -5.83
C THR D 396 25.06 63.46 -6.69
N HIS D 397 25.39 62.23 -6.32
CA HIS D 397 25.21 61.09 -7.20
C HIS D 397 24.01 60.27 -6.78
N PRO D 398 23.02 60.06 -7.66
CA PRO D 398 21.85 59.25 -7.28
C PRO D 398 22.17 57.78 -7.05
N PHE D 399 23.25 57.26 -7.63
CA PHE D 399 23.67 55.89 -7.40
C PHE D 399 25.12 55.88 -6.94
N ILE D 400 25.37 55.35 -5.76
CA ILE D 400 26.73 55.20 -5.26
C ILE D 400 26.88 53.75 -4.83
N MET D 401 28.09 53.23 -5.00
CA MET D 401 28.36 51.82 -4.67
C MET D 401 29.79 51.71 -4.19
N CYS D 402 30.01 50.74 -3.31
CA CYS D 402 31.33 50.43 -2.84
C CYS D 402 31.44 48.92 -2.61
N ASN D 403 32.68 48.49 -2.39
CA ASN D 403 33.03 47.13 -2.04
C ASN D 403 33.73 47.16 -0.68
N PHE D 404 33.48 46.12 0.13
CA PHE D 404 34.18 45.94 1.40
C PHE D 404 34.98 44.65 1.32
N ALA D 405 36.29 44.77 1.31
CA ALA D 405 37.20 43.67 1.01
C ALA D 405 37.55 42.73 2.16
N PRO D 406 37.48 43.14 3.43
CA PRO D 406 38.08 42.34 4.51
C PRO D 406 37.60 40.90 4.52
N PRO D 407 36.30 40.63 4.57
CA PRO D 407 35.87 39.23 4.78
C PRO D 407 36.49 38.26 3.78
N ASP D 408 36.56 38.65 2.50
CA ASP D 408 37.19 37.79 1.51
C ASP D 408 38.70 37.76 1.70
N MET D 409 39.35 38.94 1.68
CA MET D 409 40.81 38.94 1.69
C MET D 409 41.36 38.35 3.00
N VAL D 410 40.66 38.54 4.10
CA VAL D 410 41.11 37.93 5.36
C VAL D 410 40.66 36.49 5.44
N GLY D 411 39.51 36.15 4.85
CA GLY D 411 39.09 34.77 4.82
C GLY D 411 40.10 33.87 4.13
N HIS D 412 40.78 34.40 3.13
CA HIS D 412 41.75 33.60 2.38
C HIS D 412 42.99 33.26 3.19
N THR D 413 43.26 34.00 4.27
CA THR D 413 44.40 33.66 5.11
C THR D 413 44.15 32.40 5.93
N GLY D 414 42.90 31.99 6.09
CA GLY D 414 42.55 30.86 6.92
C GLY D 414 42.54 31.12 8.41
N VAL D 415 43.07 32.27 8.85
CA VAL D 415 43.10 32.61 10.26
C VAL D 415 41.70 32.99 10.71
N TYR D 416 41.07 32.11 11.49
CA TYR D 416 39.66 32.28 11.85
C TYR D 416 39.45 33.57 12.64
N GLU D 417 40.25 33.79 13.69
CA GLU D 417 40.01 34.95 14.54
C GLU D 417 40.26 36.25 13.80
N ALA D 418 41.20 36.27 12.85
CA ALA D 418 41.40 37.48 12.04
C ALA D 418 40.19 37.71 11.13
N ALA D 419 39.63 36.63 10.57
CA ALA D 419 38.43 36.78 9.73
C ALA D 419 37.26 37.29 10.55
N VAL D 420 37.10 36.79 11.78
CA VAL D 420 36.06 37.32 12.66
C VAL D 420 36.21 38.82 12.79
N LYS D 421 37.45 39.30 13.01
CA LYS D 421 37.67 40.73 13.15
C LYS D 421 37.43 41.47 11.84
N ALA D 422 37.70 40.83 10.70
CA ALA D 422 37.38 41.44 9.42
C ALA D 422 35.88 41.67 9.29
N CYS D 423 35.07 40.71 9.73
CA CYS D 423 33.63 40.85 9.61
C CYS D 423 33.09 41.91 10.56
N GLU D 424 33.66 42.01 11.76
CA GLU D 424 33.27 43.06 12.69
C GLU D 424 33.59 44.45 12.12
N ALA D 425 34.80 44.61 11.57
CA ALA D 425 35.14 45.88 10.95
C ALA D 425 34.17 46.23 9.83
N THR D 426 33.77 45.24 9.03
CA THR D 426 32.84 45.49 7.93
C THR D 426 31.46 45.89 8.44
N ASP D 427 30.97 45.20 9.48
CA ASP D 427 29.65 45.53 10.00
C ASP D 427 29.62 46.95 10.55
N ILE D 428 30.71 47.37 11.20
CA ILE D 428 30.79 48.74 11.71
C ILE D 428 30.71 49.73 10.56
N ALA D 429 31.50 49.50 9.52
CA ALA D 429 31.50 50.41 8.37
C ALA D 429 30.12 50.46 7.71
N ILE D 430 29.44 49.32 7.65
CA ILE D 430 28.11 49.30 7.05
C ILE D 430 27.13 50.09 7.88
N GLY D 431 27.24 50.01 9.21
CA GLY D 431 26.36 50.79 10.07
C GLY D 431 26.57 52.28 9.91
N ARG D 432 27.83 52.71 9.80
CA ARG D 432 28.09 54.13 9.62
C ARG D 432 27.50 54.62 8.30
N ILE D 433 27.63 53.82 7.24
CA ILE D 433 27.01 54.16 5.98
C ILE D 433 25.50 54.18 6.12
N TYR D 434 24.94 53.17 6.79
CA TYR D 434 23.48 53.10 6.91
C TYR D 434 22.93 54.32 7.62
N GLU D 435 23.54 54.72 8.75
CA GLU D 435 23.09 55.92 9.44
C GLU D 435 23.13 57.13 8.50
N ALA D 436 24.19 57.24 7.68
CA ALA D 436 24.28 58.35 6.74
C ALA D 436 23.16 58.29 5.70
N THR D 437 22.83 57.10 5.22
CA THR D 437 21.77 57.00 4.22
C THR D 437 20.44 57.50 4.81
N GLN D 438 20.18 57.19 6.08
CA GLN D 438 18.92 57.59 6.70
C GLN D 438 18.91 59.09 6.99
N LYS D 439 20.08 59.70 7.18
CA LYS D 439 20.16 61.13 7.39
C LYS D 439 20.00 61.92 6.10
N HIS D 440 20.38 61.35 4.95
CA HIS D 440 20.56 62.12 3.73
C HIS D 440 19.75 61.60 2.55
N GLY D 441 18.70 60.83 2.80
CA GLY D 441 17.74 60.52 1.76
C GLY D 441 18.15 59.49 0.74
N TYR D 442 18.92 58.48 1.14
CA TYR D 442 19.29 57.37 0.28
C TYR D 442 18.67 56.08 0.81
N SER D 443 18.26 55.20 -0.09
CA SER D 443 17.90 53.84 0.26
C SER D 443 19.15 52.97 0.20
N LEU D 444 19.32 52.12 1.21
CA LEU D 444 20.51 51.28 1.28
C LEU D 444 20.17 49.85 0.86
N MET D 445 20.99 49.29 -0.01
CA MET D 445 20.91 47.88 -0.38
C MET D 445 22.28 47.26 -0.14
N VAL D 446 22.32 46.17 0.61
CA VAL D 446 23.57 45.47 0.90
C VAL D 446 23.49 44.08 0.29
N THR D 447 24.54 43.70 -0.44
CA THR D 447 24.65 42.36 -1.04
C THR D 447 26.10 41.89 -0.90
N ALA D 448 26.40 40.74 -1.50
CA ALA D 448 27.77 40.26 -1.58
C ALA D 448 27.98 39.64 -2.96
N ASP D 449 29.25 39.50 -3.33
CA ASP D 449 29.60 38.96 -4.64
C ASP D 449 29.78 37.45 -4.62
N HIS D 450 29.90 36.85 -3.44
CA HIS D 450 30.01 35.41 -3.23
C HIS D 450 30.29 35.21 -1.74
N GLY D 451 30.23 33.96 -1.25
CA GLY D 451 30.60 33.68 0.12
C GLY D 451 32.08 33.33 0.29
N ASN D 452 32.52 33.33 1.54
CA ASN D 452 33.90 32.97 1.89
C ASN D 452 34.04 32.82 3.41
N ALA D 453 33.90 33.93 4.14
CA ALA D 453 34.21 33.96 5.56
C ALA D 453 33.19 33.22 6.43
N GLU D 454 32.04 32.84 5.88
CA GLU D 454 31.08 32.05 6.65
C GLU D 454 31.50 30.59 6.76
N LYS D 455 32.59 30.19 6.11
CA LYS D 455 33.11 28.82 6.17
C LYS D 455 34.62 28.96 6.27
N MET D 456 35.14 29.00 7.50
CA MET D 456 36.55 29.15 7.76
C MET D 456 37.22 27.86 8.20
N LYS D 457 36.46 26.86 8.64
CA LYS D 457 37.00 25.59 9.10
C LYS D 457 36.49 24.46 8.22
N ALA D 458 37.39 23.58 7.82
CA ALA D 458 37.04 22.38 7.07
C ALA D 458 36.40 21.37 8.00
N PRO D 459 35.77 20.33 7.44
CA PRO D 459 35.16 19.30 8.30
C PRO D 459 36.09 18.74 9.36
N ASP D 460 37.30 18.34 8.99
CA ASP D 460 38.26 17.78 9.94
C ASP D 460 38.83 18.83 10.89
N GLY D 461 38.43 20.09 10.75
CA GLY D 461 38.89 21.16 11.62
C GLY D 461 39.98 22.03 11.03
N GLY D 462 40.50 21.68 9.86
CA GLY D 462 41.56 22.44 9.23
C GLY D 462 41.06 23.79 8.73
N LYS D 463 41.99 24.52 8.12
CA LYS D 463 41.68 25.85 7.60
C LYS D 463 40.98 25.73 6.25
N HIS D 464 39.97 26.58 6.06
CA HIS D 464 39.24 26.70 4.80
C HIS D 464 39.48 28.10 4.25
N THR D 465 40.12 28.18 3.09
CA THR D 465 40.58 29.46 2.56
C THR D 465 39.92 29.82 1.23
N ALA D 466 38.83 29.16 0.87
CA ALA D 466 38.24 29.29 -0.46
C ALA D 466 36.90 30.02 -0.38
N HIS D 467 36.45 30.47 -1.56
CA HIS D 467 35.09 30.93 -1.72
C HIS D 467 34.13 29.76 -1.56
N THR D 468 32.84 30.06 -1.53
CA THR D 468 31.82 29.07 -1.22
C THR D 468 30.68 29.12 -2.23
N CYS D 469 29.73 28.19 -2.07
CA CYS D 469 28.52 28.14 -2.87
C CYS D 469 27.29 28.62 -2.12
N TYR D 470 27.46 29.23 -0.95
CA TYR D 470 26.29 29.71 -0.22
C TYR D 470 25.68 30.92 -0.92
N ARG D 471 24.41 31.17 -0.63
CA ARG D 471 23.74 32.36 -1.11
C ARG D 471 24.33 33.61 -0.45
N VAL D 472 23.98 34.78 -0.97
CA VAL D 472 24.42 36.04 -0.39
C VAL D 472 23.19 36.87 -0.06
N PRO D 473 23.31 37.80 0.88
CA PRO D 473 22.17 38.66 1.21
C PRO D 473 21.84 39.62 0.07
N LEU D 474 20.59 40.10 0.09
CA LEU D 474 20.20 41.31 -0.61
C LEU D 474 19.18 42.02 0.27
N THR D 475 19.57 43.14 0.86
CA THR D 475 18.74 43.90 1.78
C THR D 475 18.24 45.18 1.11
N LEU D 476 17.25 45.81 1.75
CA LEU D 476 16.67 47.04 1.24
C LEU D 476 16.00 47.77 2.40
N SER D 477 16.42 49.00 2.64
CA SER D 477 15.86 49.80 3.73
C SER D 477 14.58 50.51 3.34
N HIS D 478 14.25 50.55 2.06
CA HIS D 478 13.04 51.25 1.60
C HIS D 478 11.80 50.45 1.96
N PRO D 479 10.90 50.96 2.80
CA PRO D 479 9.73 50.17 3.20
C PRO D 479 8.65 50.07 2.15
N GLY D 480 8.74 50.85 1.07
CA GLY D 480 7.75 50.85 0.01
C GLY D 480 7.86 49.71 -0.97
N PHE D 481 8.81 48.79 -0.79
CA PHE D 481 9.01 47.70 -1.72
C PHE D 481 9.06 46.37 -0.98
N LYS D 482 8.63 45.31 -1.66
CA LYS D 482 8.63 43.97 -1.10
C LYS D 482 9.35 43.04 -2.07
N PHE D 483 10.27 42.24 -1.55
CA PHE D 483 11.01 41.31 -2.39
C PHE D 483 10.10 40.19 -2.87
N VAL D 484 10.25 39.83 -4.15
CA VAL D 484 9.49 38.75 -4.78
C VAL D 484 10.40 38.02 -5.75
N ASP D 485 10.50 36.70 -5.60
CA ASP D 485 11.43 35.92 -6.40
C ASP D 485 10.98 35.83 -7.85
N PRO D 486 11.91 35.56 -8.78
CA PRO D 486 11.51 35.30 -10.16
C PRO D 486 10.56 34.11 -10.22
N ALA D 487 9.79 34.07 -11.30
CA ALA D 487 8.77 33.03 -11.42
C ALA D 487 9.37 31.66 -11.62
N ASP D 488 10.52 31.56 -12.30
CA ASP D 488 11.01 30.28 -12.80
C ASP D 488 12.36 29.85 -12.23
N ARG D 489 12.94 30.60 -11.29
CA ARG D 489 14.28 30.29 -10.83
C ARG D 489 14.54 31.02 -9.53
N HIS D 490 15.63 30.63 -8.86
CA HIS D 490 16.09 31.38 -7.70
C HIS D 490 16.57 32.77 -8.12
N PRO D 491 16.40 33.78 -7.27
CA PRO D 491 17.04 35.07 -7.55
C PRO D 491 18.56 34.92 -7.50
N ALA D 492 19.25 35.81 -8.23
CA ALA D 492 20.69 35.69 -8.39
C ALA D 492 21.29 37.08 -8.58
N LEU D 493 22.62 37.13 -8.72
CA LEU D 493 23.30 38.42 -8.85
C LEU D 493 22.81 39.20 -10.06
N CYS D 494 22.38 38.51 -11.12
CA CYS D 494 21.88 39.18 -12.32
C CYS D 494 20.62 40.00 -12.08
N ASP D 495 19.96 39.84 -10.93
CA ASP D 495 18.74 40.58 -10.63
C ASP D 495 19.00 41.86 -9.84
N VAL D 496 20.22 42.09 -9.36
CA VAL D 496 20.48 43.25 -8.52
C VAL D 496 20.31 44.54 -9.30
N ALA D 497 20.89 44.62 -10.50
CA ALA D 497 20.84 45.86 -11.27
C ALA D 497 19.43 46.18 -11.75
N PRO D 498 18.69 45.21 -12.28
CA PRO D 498 17.28 45.50 -12.63
C PRO D 498 16.47 45.96 -11.43
N THR D 499 16.74 45.41 -10.25
CA THR D 499 16.05 45.83 -9.03
C THR D 499 16.44 47.26 -8.67
N VAL D 500 17.73 47.59 -8.74
CA VAL D 500 18.17 48.96 -8.49
C VAL D 500 17.45 49.92 -9.43
N LEU D 501 17.39 49.57 -10.72
CA LEU D 501 16.75 50.48 -11.68
C LEU D 501 15.27 50.66 -11.36
N ALA D 502 14.59 49.58 -10.99
CA ALA D 502 13.18 49.69 -10.64
C ALA D 502 12.97 50.61 -9.44
N ILE D 503 13.83 50.48 -8.43
CA ILE D 503 13.72 51.32 -7.25
C ILE D 503 14.04 52.78 -7.60
N MET D 504 15.06 53.02 -8.43
CA MET D 504 15.34 54.40 -8.79
C MET D 504 14.34 54.98 -9.81
N GLY D 505 13.42 54.16 -10.32
CA GLY D 505 12.44 54.66 -11.26
C GLY D 505 12.98 54.85 -12.65
N LEU D 506 13.97 54.05 -13.05
CA LEU D 506 14.63 54.16 -14.34
C LEU D 506 14.23 52.99 -15.23
N PRO D 507 14.22 53.18 -16.55
CA PRO D 507 13.94 52.05 -17.45
C PRO D 507 15.01 50.99 -17.33
N GLN D 508 14.68 49.80 -17.83
CA GLN D 508 15.59 48.66 -17.86
C GLN D 508 15.96 48.35 -19.30
N PRO D 509 17.23 48.34 -19.68
CA PRO D 509 17.56 48.05 -21.08
C PRO D 509 17.24 46.61 -21.43
N ALA D 510 16.91 46.40 -22.71
CA ALA D 510 16.60 45.07 -23.18
C ALA D 510 17.73 44.09 -22.91
N GLU D 511 18.98 44.58 -22.87
CA GLU D 511 20.13 43.69 -22.71
C GLU D 511 20.24 43.13 -21.30
N MET D 512 19.64 43.79 -20.31
CA MET D 512 19.57 43.27 -18.95
C MET D 512 18.44 42.25 -18.89
N THR D 513 18.80 40.96 -19.02
CA THR D 513 17.81 39.91 -19.05
C THR D 513 17.50 39.36 -17.66
N GLY D 514 18.24 39.78 -16.64
CA GLY D 514 17.78 39.60 -15.27
C GLY D 514 16.46 40.31 -15.06
N VAL D 515 15.88 40.07 -13.88
CA VAL D 515 14.55 40.62 -13.58
C VAL D 515 14.62 41.37 -12.26
N SER D 516 13.74 42.37 -12.13
CA SER D 516 13.56 43.03 -10.85
C SER D 516 12.90 42.07 -9.87
N ILE D 517 13.42 42.01 -8.65
CA ILE D 517 12.86 41.10 -7.65
C ILE D 517 12.28 41.90 -6.49
N VAL D 518 11.76 43.09 -6.78
CA VAL D 518 10.94 43.83 -5.84
C VAL D 518 9.63 44.20 -6.51
N GLN D 519 8.64 44.49 -5.68
CA GLN D 519 7.35 45.01 -6.14
C GLN D 519 6.92 46.10 -5.16
N LYS D 520 6.21 47.09 -5.69
CA LYS D 520 5.65 48.13 -4.84
C LYS D 520 4.61 47.53 -3.91
N ILE D 521 4.63 47.96 -2.64
CA ILE D 521 3.69 47.40 -1.67
C ILE D 521 2.27 47.85 -1.99
N LYS D 522 1.33 46.93 -1.88
CA LYS D 522 -0.07 47.21 -2.16
C LYS D 522 -0.84 47.28 -0.85
N ARG E 3 -37.43 -41.77 11.28
CA ARG E 3 -38.14 -42.17 12.49
C ARG E 3 -38.79 -40.99 13.20
N TYR E 4 -38.39 -39.78 12.83
CA TYR E 4 -38.90 -38.55 13.45
C TYR E 4 -40.08 -37.95 12.69
N GLU E 5 -40.55 -38.58 11.63
CA GLU E 5 -41.73 -38.09 10.88
C GLU E 5 -42.91 -37.87 11.82
N TYR E 7 -42.12 -34.53 13.04
CA TYR E 7 -41.98 -33.55 14.11
C TYR E 7 -41.27 -32.28 13.66
N LYS E 8 -41.70 -31.16 14.23
CA LYS E 8 -41.06 -29.87 13.99
C LYS E 8 -39.94 -29.67 14.99
N GLU E 10 -37.29 -31.83 13.49
CA GLU E 10 -36.42 -32.94 13.13
C GLU E 10 -36.79 -33.48 11.76
N CYS E 11 -38.08 -33.45 11.43
CA CYS E 11 -38.55 -34.03 10.17
C CYS E 11 -39.90 -33.50 9.75
N PRO E 12 -40.01 -32.21 9.44
CA PRO E 12 -41.31 -31.64 9.08
C PRO E 12 -41.83 -32.16 7.75
N LYS E 13 -43.16 -32.05 7.59
CA LYS E 13 -43.74 -32.29 6.28
C LYS E 13 -43.09 -31.35 5.27
N CYS E 14 -42.83 -31.87 4.07
CA CYS E 14 -42.14 -31.08 3.07
C CYS E 14 -42.44 -31.57 1.67
N ARG F 3 -5.06 15.40 -23.17
CA ARG F 3 -5.65 15.00 -21.90
C ARG F 3 -6.33 16.17 -21.18
N TYR F 4 -6.05 17.39 -21.63
CA TYR F 4 -6.62 18.59 -21.03
C TYR F 4 -7.88 19.09 -21.74
N GLU F 5 -8.42 18.34 -22.70
CA GLU F 5 -9.67 18.72 -23.36
C GLU F 5 -10.79 18.86 -22.33
N TYR F 7 -10.32 22.25 -21.29
CA TYR F 7 -10.20 23.29 -20.29
C TYR F 7 -9.61 24.59 -20.82
N LYS F 8 -10.10 25.68 -20.25
CA LYS F 8 -9.57 27.01 -20.53
C LYS F 8 -8.42 27.30 -19.59
N GLU F 10 -5.67 25.39 -21.23
CA GLU F 10 -4.69 24.38 -21.61
C GLU F 10 -5.07 23.72 -22.93
N CYS F 11 -6.37 23.64 -23.20
CA CYS F 11 -6.86 22.97 -24.39
C CYS F 11 -8.29 23.35 -24.72
N PRO F 12 -8.55 24.60 -25.10
CA PRO F 12 -9.92 25.04 -25.34
C PRO F 12 -10.53 24.41 -26.58
N LYS F 13 -11.85 24.38 -26.60
CA LYS F 13 -12.56 24.06 -27.84
C LYS F 13 -12.13 25.05 -28.92
N CYS F 14 -11.80 24.52 -30.09
CA CYS F 14 -11.28 25.34 -31.18
C CYS F 14 -11.73 24.80 -32.54
N ARG G 3 5.62 -38.85 27.73
CA ARG G 3 6.49 -39.37 26.69
C ARG G 3 6.98 -38.30 25.72
N TYR G 4 6.44 -37.09 25.83
CA TYR G 4 6.87 -35.99 24.99
C TYR G 4 7.95 -35.14 25.63
N GLU G 5 8.40 -35.48 26.84
CA GLU G 5 9.53 -34.79 27.47
C GLU G 5 10.70 -34.73 26.49
N TYR G 7 9.70 -31.76 24.84
CA TYR G 7 9.47 -31.04 23.59
C TYR G 7 8.52 -29.84 23.65
N LYS G 8 8.81 -28.87 22.79
CA LYS G 8 7.96 -27.69 22.62
C LYS G 8 6.80 -28.00 21.68
N GLU G 10 4.48 -29.85 23.76
CA GLU G 10 3.72 -30.94 24.36
C GLU G 10 4.13 -31.15 25.81
N CYS G 11 5.42 -30.94 26.09
CA CYS G 11 5.95 -31.21 27.42
C CYS G 11 7.23 -30.43 27.68
N PRO G 12 7.20 -29.11 27.63
CA PRO G 12 8.42 -28.34 27.87
C PRO G 12 8.95 -28.55 29.28
N LYS G 13 10.24 -28.27 29.43
CA LYS G 13 10.85 -28.25 30.76
C LYS G 13 10.20 -27.16 31.58
N CYS G 14 9.82 -27.49 32.82
CA CYS G 14 9.17 -26.52 33.70
C CYS G 14 9.75 -26.51 35.11
N ARG H 3 38.88 22.81 -9.55
CA ARG H 3 39.65 22.18 -10.60
C ARG H 3 40.08 23.17 -11.70
N TYR H 4 39.62 24.42 -11.61
CA TYR H 4 39.91 25.41 -12.63
C TYR H 4 41.03 26.38 -12.24
N GLU H 5 41.74 26.12 -11.14
CA GLU H 5 42.84 27.00 -10.73
C GLU H 5 43.88 27.17 -11.83
N TYR H 7 42.28 29.96 -13.67
CA TYR H 7 41.93 30.53 -14.96
C TYR H 7 40.88 31.63 -14.88
N LYS H 8 40.99 32.62 -15.76
CA LYS H 8 39.99 33.68 -15.87
C LYS H 8 38.77 33.17 -16.66
N GLU H 10 36.82 31.24 -14.16
CA GLU H 10 36.22 30.19 -13.34
C GLU H 10 36.87 30.15 -11.96
N CYS H 11 38.14 30.58 -11.87
CA CYS H 11 38.88 30.48 -10.63
C CYS H 11 40.11 31.36 -10.58
N PRO H 12 39.97 32.68 -10.64
CA PRO H 12 41.17 33.53 -10.66
C PRO H 12 41.88 33.50 -9.32
N LYS H 13 43.17 33.86 -9.36
CA LYS H 13 43.90 34.05 -8.12
C LYS H 13 43.21 35.12 -7.29
N CYS H 14 43.03 34.85 -6.00
CA CYS H 14 42.28 35.76 -5.12
C CYS H 14 42.81 35.69 -3.69
#